data_1N6Q
#
_entry.id   1N6Q
#
_cell.length_a   166.350
_cell.length_b   166.350
_cell.length_c   220.960
_cell.angle_alpha   90.00
_cell.angle_beta   90.00
_cell.angle_gamma   120.00
#
_symmetry.space_group_name_H-M   'P 32 1 2'
#
loop_
_entity.id
_entity.type
_entity.pdbx_description
1 polymer "5'-D(*AP*T*GP*CP*AP*TP*GP*GP*CP*GP*CP*CP*CP*GP*AP*AP*CP*AP*GP*GP*GP*AP*CP*TP*GP*TP*G)-3'"
2 polymer "5'-D(*A*CP*AP*GP*TP*CP*CP*CP*TP*GP*TP*TP*CP*GP*GP*(MRG)P*CP*GP*CP*CP*AP*(ATM))-3'"
3 polymer 'Reverse Transcriptase'
4 polymer 'Reverse Transcriptase'
5 polymer 'Monoclonal Antibody (Light Chain)'
6 polymer 'Monoclonal Antibody (Heavy Chain)'
7 non-polymer 'MAGNESIUM ION'
8 water water
#
loop_
_entity_poly.entity_id
_entity_poly.type
_entity_poly.pdbx_seq_one_letter_code
_entity_poly.pdbx_strand_id
1 'polydeoxyribonucleotide'
;(DA)(DT)(DG)(DC)(DA)(DT)(DG)(DG)(DC)(DG)(DC)(DC)(DC)(DG)(DA)(DA)(DC)(DA)(DG)(DG)
(DG)(DA)(DC)(DT)(DG)(DT)(DG)
;
T
2 'polydeoxyribonucleotide'
;(DA)(DC)(DA)(DG)(DT)(DC)(DC)(DC)(DT)(DG)(DT)(DT)(DC)(DG)(DG)(MRG)(DC)(DG)(DC)
(DC)(DA)(ATM)
;
P
3 'polypeptide(L)'
;PISPIETVPVKLKPGMDGPKVKQWPLTEEKIKALVEICTEMEKEGKISKIGPENPYNTPVFAIKKKDSTKWRKLVDFREL
NKRTQDFWEVQLGIPHPAGLKKKKSVTVLDVGDAYFSVPLDEDFRKYTAFTIPSINNETPGIRYQYNVLPQGWKGSPAIF
QSSMTKILEPFKKQNPDIVIYQYMDDLYVGSDLEIGQHRTKIEELRQHLLRWGLTTPDKKHQKEPPFLWMGYELHPDKWT
VQPIVLPEKDSWTVNDICKLVGKLNWASQIYPGIKVRQLSKLLRGTKALTEVIPLTEEAELELAENREILKEPVHGVYYD
PSKDLIAEIQKQGQGQWTYQIYQEPFKNLKTGKYARMRGAHTNDVKQLTEAVQKITTESIVIWGKTPKFKLPIQKETWET
WWTEYWQATWIPEWEFVNTPPLVKLWYQLEKEPIVGAETFYVDGAANRETKLGKAGYVTNKGRQKVVPLTNTTNQKTELQ
AIYLALQDSGLEVNIVTDSQYALGIIQAQPDKSESELVNQIIEQLIKKEKVYLAWVPAHKGIGGNEQVDKLVSAGIRK
;
A
4 'polypeptide(L)'
;PISPIETVPVKLKPGMDGPKVKQWPLTEEKIKALVEICTEMEKEGKISKIGPENPYNTPVFAIKKKDSTKWRKLVDFREL
NKRTQDFWEVQLGIPHPAGLKKKKSVTVLDVGDAYFSVPLDEDFRKYTAFTIPSINNETPGIRYQYNVLPQGWKGSPAIF
QSSMTKILEPFKKQNPDIVIYQYMDDLYVGSDLEIGQHRTKIEELRQHLLRWGLTTPDKKHQKEPPFLWMGYELHPDKWT
VQPIVLPEKDSWTVNDIQKLVGKLNWASQIYPGIKVRQLSKLLRGTKALTEVIPLTEEAELELAENREILKEPVHGVYYD
PSKDLIAEIQKQGQGQWTYQIYQEPFKNLKTGKYARMRGAHTNDVKQLTEAVQKITTESIVIWGKTPKFKLPIQKETWET
WWTEYWQATWIPEWEFVNTPPLVKLWYQLE
;
B
5 'polypeptide(L)'
;DIQMTQTTSSLSASLGDRVTISCSASQDISSYLNWYQQKPEGTVKLLIYYTSSLHSGVPSRFSGSGSGTDYSLTISNLEP
EDIATYYCQQYSKFPWTFGGGTKLEIKRADAAPTVSIFPPSSEQLTSGGASVVCFLNNFYPKDINVKWKIDGSERQNGVL
NSWTDQDSKDSTYSMSSTLTLTKDEYERHNSYTCEATHKTSTSPIVKSFNR
;
L
6 'polypeptide(L)'
;QITLKESGPGIVQPSQPFRLTCTFSGFSLSTSGIGVTWIRQPSGKGLEWLATIWWDDDNRYNPSLKSRLTVSKDTSNNQA
FLNMMTVETADTAIYYCAQSAITSVTDSAMDHWGQGTSVTVSSAKTTPPSVYPLAPGSAAQTNSMVTLGCLVKGYFPEPV
TVTWNSGSLSSGVHTFPAVLQSDLYTLSSSVTVPSSTWPSETVTCNVAHPASSTKVDKKIVPADC
;
H
#
loop_
_chem_comp.id
_chem_comp.type
_chem_comp.name
_chem_comp.formula
ATM DNA linking 3'-AZIDO-3'-DEOXYTHYMIDINE-5'-MONOPHOSPHATE 'C10 H14 N5 O7 P'
DA DNA linking 2'-DEOXYADENOSINE-5'-MONOPHOSPHATE 'C10 H14 N5 O6 P'
DC DNA linking 2'-DEOXYCYTIDINE-5'-MONOPHOSPHATE 'C9 H14 N3 O7 P'
DG DNA linking 2'-DEOXYGUANOSINE-5'-MONOPHOSPHATE 'C10 H14 N5 O7 P'
DT DNA linking THYMIDINE-5'-MONOPHOSPHATE 'C10 H15 N2 O8 P'
MG non-polymer 'MAGNESIUM ION' 'Mg 2'
MRG DNA linking N2-(3-MERCAPTOPROPYL)-2'-DEOXYGUANOSINE-5'-MONOPHOSPHATE 'C13 H20 N5 O7 P S'
#
# COMPACT_ATOMS: atom_id res chain seq x y z
P MRG B 16 -31.86 8.73 34.37
OP1 MRG B 16 -32.70 9.01 35.56
OP2 MRG B 16 -32.46 8.56 33.01
O5' MRG B 16 -30.66 9.80 34.39
N9 MRG B 16 -27.59 11.18 32.51
C4 MRG B 16 -26.39 11.19 31.84
N3 MRG B 16 -25.30 11.95 32.10
C2 MRG B 16 -24.32 11.71 31.17
N1 MRG B 16 -24.42 10.89 30.17
C6 MRG B 16 -25.49 10.10 29.90
O6 MRG B 16 -25.43 9.39 28.94
C5 MRG B 16 -26.54 10.28 30.82
N7 MRG B 16 -27.77 9.67 30.86
C8 MRG B 16 -28.36 10.22 31.90
N2 MRG B 16 -23.02 12.38 31.22
C21 MRG B 16 -23.33 13.38 32.06
C22 MRG B 16 -22.17 13.98 32.89
C23 MRG B 16 -22.47 13.36 34.24
S24 MRG B 16 -23.86 14.04 35.29
C2' MRG B 16 -29.25 12.81 33.06
C5' MRG B 16 -30.36 10.52 35.56
C4' MRG B 16 -29.64 11.77 35.18
O4' MRG B 16 -28.42 11.29 34.62
C1' MRG B 16 -28.02 12.09 33.53
C3' MRG B 16 -30.35 12.49 34.05
O3' MRG B 16 -30.78 13.74 34.50
P ATM B 22 -37.94 21.27 13.75
OP1 ATM B 22 -38.63 21.77 12.47
OP2 ATM B 22 -38.08 22.29 14.88
O5' ATM B 22 -38.65 20.13 14.24
C5' ATM B 22 -38.91 18.97 13.42
C4' ATM B 22 -39.96 18.04 13.99
O4' ATM B 22 -39.40 17.31 15.10
C3' ATM B 22 -41.22 18.72 14.52
N3' ATM B 22 -42.33 18.64 13.66
N4' ATM B 22 -42.50 19.49 12.66
N5' ATM B 22 -42.61 20.39 11.91
C2' ATM B 22 -41.58 17.94 15.78
C1' ATM B 22 -40.28 17.26 16.22
N1 ATM B 22 -39.67 17.68 17.46
C2 ATM B 22 -39.63 16.82 18.55
O2 ATM B 22 -40.15 15.66 18.44
N3 ATM B 22 -39.04 17.28 19.69
C4 ATM B 22 -38.48 18.52 19.84
O4 ATM B 22 -37.95 18.82 20.97
C5 ATM B 22 -38.47 19.42 18.79
C5A ATM B 22 -37.90 20.84 18.76
C6 ATM B 22 -39.10 18.98 17.55
N PRO C 1 -50.78 20.91 3.13
CA PRO C 1 -51.70 19.76 3.33
C PRO C 1 -50.91 18.55 3.84
N ILE C 2 -51.39 17.35 3.49
CA ILE C 2 -50.74 16.08 3.84
C ILE C 2 -50.07 15.56 2.56
N SER C 3 -49.08 14.69 2.72
CA SER C 3 -48.33 14.20 1.57
C SER C 3 -48.80 12.99 0.79
N PRO C 4 -48.49 12.98 -0.52
CA PRO C 4 -48.83 11.92 -1.46
C PRO C 4 -47.77 10.83 -1.33
N ILE C 5 -46.81 11.05 -0.42
CA ILE C 5 -45.71 10.09 -0.20
C ILE C 5 -46.22 8.77 0.31
N GLU C 6 -45.67 7.69 -0.22
CA GLU C 6 -46.09 6.36 0.19
C GLU C 6 -45.76 6.18 1.66
N THR C 7 -46.63 5.48 2.36
CA THR C 7 -46.46 5.25 3.78
C THR C 7 -45.53 4.11 4.12
N VAL C 8 -44.71 4.31 5.14
CA VAL C 8 -43.78 3.27 5.60
C VAL C 8 -44.48 2.26 6.50
N PRO C 9 -44.36 0.97 6.20
CA PRO C 9 -45.03 -0.06 7.01
C PRO C 9 -44.41 -0.39 8.36
N VAL C 10 -45.11 -0.05 9.44
CA VAL C 10 -44.60 -0.36 10.77
C VAL C 10 -45.46 -1.42 11.45
N LYS C 11 -44.81 -2.44 12.01
CA LYS C 11 -45.49 -3.53 12.69
C LYS C 11 -45.33 -3.34 14.20
N LEU C 12 -45.84 -4.28 14.98
CA LEU C 12 -45.69 -4.21 16.43
C LEU C 12 -44.61 -5.20 16.82
N LYS C 13 -43.93 -4.96 17.94
CA LYS C 13 -42.90 -5.89 18.36
C LYS C 13 -43.57 -7.27 18.30
N PRO C 14 -42.95 -8.23 17.59
CA PRO C 14 -43.42 -9.60 17.40
C PRO C 14 -44.15 -10.27 18.56
N GLY C 15 -45.37 -10.71 18.30
CA GLY C 15 -46.14 -11.37 19.33
C GLY C 15 -46.89 -10.52 20.33
N MET C 16 -46.79 -9.21 20.27
CA MET C 16 -47.51 -8.37 21.20
C MET C 16 -48.78 -7.83 20.56
N ASP C 17 -49.44 -6.88 21.23
CA ASP C 17 -50.65 -6.28 20.70
C ASP C 17 -50.69 -4.81 21.09
N GLY C 18 -51.63 -4.08 20.51
CA GLY C 18 -51.72 -2.66 20.78
C GLY C 18 -51.85 -2.26 22.23
N PRO C 19 -51.75 -0.97 22.52
CA PRO C 19 -51.87 -0.46 23.88
C PRO C 19 -53.32 -0.23 24.29
N LYS C 20 -53.72 -0.87 25.38
CA LYS C 20 -55.07 -0.72 25.92
C LYS C 20 -54.91 -0.14 27.31
N VAL C 21 -54.48 1.13 27.35
CA VAL C 21 -54.24 1.84 28.60
C VAL C 21 -55.33 2.86 28.91
N LYS C 22 -55.87 2.74 30.11
CA LYS C 22 -56.95 3.60 30.61
C LYS C 22 -56.62 5.09 30.63
N GLN C 23 -57.63 5.89 30.29
CA GLN C 23 -57.49 7.33 30.30
C GLN C 23 -57.97 7.76 31.64
N TRP C 24 -57.23 8.64 32.28
CA TRP C 24 -57.63 9.10 33.58
C TRP C 24 -58.57 10.25 33.39
N PRO C 25 -59.43 10.50 34.39
CA PRO C 25 -60.38 11.61 34.28
C PRO C 25 -59.71 12.96 34.35
N LEU C 26 -60.30 13.90 33.62
CA LEU C 26 -59.80 15.26 33.56
C LEU C 26 -60.87 16.28 33.88
N THR C 27 -60.44 17.52 34.02
CA THR C 27 -61.33 18.62 34.35
C THR C 27 -62.04 19.11 33.09
N GLU C 28 -63.26 19.61 33.26
CA GLU C 28 -64.06 20.13 32.15
C GLU C 28 -63.24 21.25 31.54
N GLU C 29 -62.41 21.79 32.42
CA GLU C 29 -61.50 22.86 32.10
C GLU C 29 -60.61 22.33 30.97
N LYS C 30 -60.02 21.16 31.24
CA LYS C 30 -59.10 20.49 30.33
C LYS C 30 -59.79 19.73 29.21
N ILE C 31 -60.89 19.07 29.51
CA ILE C 31 -61.63 18.31 28.50
C ILE C 31 -62.06 19.19 27.35
N LYS C 32 -62.95 20.15 27.62
CA LYS C 32 -63.41 21.02 26.55
C LYS C 32 -62.21 21.73 25.92
N ALA C 33 -61.14 21.80 26.69
CA ALA C 33 -59.91 22.42 26.21
C ALA C 33 -59.46 21.55 25.04
N LEU C 34 -59.17 20.29 25.37
CA LEU C 34 -58.73 19.30 24.40
C LEU C 34 -59.66 19.23 23.21
N VAL C 35 -60.96 19.15 23.50
CA VAL C 35 -61.98 19.05 22.45
C VAL C 35 -61.78 20.11 21.37
N GLU C 36 -61.22 21.25 21.78
CA GLU C 36 -60.96 22.36 20.86
C GLU C 36 -59.90 21.92 19.87
N ILE C 37 -58.73 21.63 20.42
CA ILE C 37 -57.56 21.21 19.67
C ILE C 37 -57.82 20.03 18.76
N CYS C 38 -58.45 18.97 19.28
CA CYS C 38 -58.74 17.78 18.49
C CYS C 38 -59.68 18.08 17.33
N THR C 39 -60.74 18.86 17.61
CA THR C 39 -61.69 19.22 16.56
C THR C 39 -60.92 19.89 15.47
N GLU C 40 -60.00 20.73 15.90
CA GLU C 40 -59.15 21.48 14.99
C GLU C 40 -58.32 20.50 14.18
N MET C 41 -57.70 19.57 14.88
CA MET C 41 -56.86 18.57 14.24
C MET C 41 -57.64 17.71 13.29
N GLU C 42 -58.75 17.17 13.76
CA GLU C 42 -59.59 16.31 12.96
C GLU C 42 -59.97 16.97 11.64
N LYS C 43 -60.25 18.27 11.71
CA LYS C 43 -60.62 19.00 10.51
C LYS C 43 -59.40 19.11 9.62
N GLU C 44 -58.22 19.25 10.23
CA GLU C 44 -56.97 19.36 9.49
C GLU C 44 -56.45 18.02 8.94
N GLY C 45 -57.20 16.95 9.15
CA GLY C 45 -56.79 15.65 8.66
C GLY C 45 -55.78 14.92 9.52
N LYS C 46 -55.07 15.64 10.38
CA LYS C 46 -54.07 15.02 11.24
C LYS C 46 -54.64 13.77 11.92
N ILE C 47 -55.92 13.79 12.28
CA ILE C 47 -56.54 12.62 12.93
C ILE C 47 -57.93 12.33 12.39
N SER C 48 -58.54 11.27 12.91
CA SER C 48 -59.90 10.88 12.50
C SER C 48 -60.62 10.18 13.63
N LYS C 49 -61.95 10.29 13.66
CA LYS C 49 -62.73 9.66 14.72
C LYS C 49 -62.85 8.16 14.42
N ILE C 50 -62.52 7.30 15.39
CA ILE C 50 -62.60 5.86 15.18
C ILE C 50 -63.90 5.19 15.61
N GLY C 51 -64.07 3.97 15.10
CA GLY C 51 -65.24 3.17 15.41
C GLY C 51 -65.20 2.54 16.80
N PRO C 52 -66.27 1.87 17.20
CA PRO C 52 -66.29 1.26 18.53
C PRO C 52 -65.53 -0.04 18.66
N GLU C 53 -65.29 -0.73 17.57
CA GLU C 53 -64.59 -2.01 17.67
C GLU C 53 -63.08 -1.86 17.96
N ASN C 54 -62.58 -0.63 18.09
CA ASN C 54 -61.16 -0.41 18.35
C ASN C 54 -61.00 -0.52 19.83
N PRO C 55 -60.17 -1.47 20.29
CA PRO C 55 -59.95 -1.69 21.71
C PRO C 55 -58.79 -0.93 22.27
N TYR C 56 -58.03 -0.29 21.42
CA TYR C 56 -56.85 0.40 21.89
C TYR C 56 -57.08 1.80 22.41
N ASN C 57 -56.13 2.23 23.24
CA ASN C 57 -56.14 3.56 23.78
C ASN C 57 -54.84 3.79 24.51
N THR C 58 -54.35 5.02 24.40
CA THR C 58 -53.15 5.44 25.07
C THR C 58 -53.58 6.77 25.69
N PRO C 59 -53.22 7.00 26.97
CA PRO C 59 -53.58 8.23 27.68
C PRO C 59 -53.27 9.52 26.92
N VAL C 60 -53.90 10.58 27.36
CA VAL C 60 -53.73 11.87 26.73
C VAL C 60 -54.33 12.96 27.60
N PHE C 61 -53.47 13.75 28.22
CA PHE C 61 -53.91 14.86 29.04
C PHE C 61 -53.56 16.14 28.32
N ALA C 62 -53.71 17.25 29.01
CA ALA C 62 -53.40 18.54 28.43
C ALA C 62 -52.77 19.47 29.45
N ILE C 63 -52.08 20.48 28.95
CA ILE C 63 -51.41 21.45 29.80
C ILE C 63 -51.50 22.88 29.25
N LYS C 64 -51.24 23.83 30.13
CA LYS C 64 -51.28 25.26 29.82
C LYS C 64 -49.89 25.92 29.75
N LYS C 65 -49.64 26.61 28.65
CA LYS C 65 -48.37 27.30 28.44
C LYS C 65 -48.46 28.69 29.09
N LYS C 66 -48.44 28.70 30.43
CA LYS C 66 -48.51 29.92 31.25
C LYS C 66 -48.42 31.26 30.50
N ASP C 67 -47.39 31.41 29.66
CA ASP C 67 -47.22 32.65 28.88
C ASP C 67 -48.48 33.00 28.10
N SER C 68 -48.85 32.11 27.17
CA SER C 68 -50.03 32.29 26.34
C SER C 68 -51.28 31.96 27.13
N THR C 69 -51.19 30.90 27.94
CA THR C 69 -52.28 30.39 28.75
C THR C 69 -53.07 29.45 27.84
N LYS C 70 -52.69 29.43 26.56
CA LYS C 70 -53.33 28.57 25.57
C LYS C 70 -53.02 27.14 26.00
N TRP C 71 -53.61 26.18 25.29
CA TRP C 71 -53.40 24.79 25.66
C TRP C 71 -52.82 23.92 24.55
N ARG C 72 -52.21 22.81 24.95
CA ARG C 72 -51.66 21.88 23.99
C ARG C 72 -51.79 20.42 24.41
N LYS C 73 -52.24 19.62 23.46
CA LYS C 73 -52.46 18.20 23.64
C LYS C 73 -51.21 17.41 23.94
N LEU C 74 -51.26 16.63 25.01
CA LEU C 74 -50.12 15.82 25.35
C LEU C 74 -50.55 14.37 25.47
N VAL C 75 -50.19 13.59 24.45
CA VAL C 75 -50.54 12.18 24.44
C VAL C 75 -49.36 11.42 25.03
N ASP C 76 -49.62 10.43 25.87
CA ASP C 76 -48.55 9.64 26.47
C ASP C 76 -48.32 8.35 25.71
N PHE C 77 -47.49 8.39 24.67
CA PHE C 77 -47.22 7.20 23.85
C PHE C 77 -46.27 6.18 24.44
N ARG C 78 -46.11 6.22 25.75
CA ARG C 78 -45.22 5.33 26.47
C ARG C 78 -45.40 3.85 26.17
N GLU C 79 -46.66 3.39 26.22
CA GLU C 79 -46.94 2.00 25.98
C GLU C 79 -46.76 1.56 24.54
N LEU C 80 -47.21 2.37 23.60
CA LEU C 80 -47.04 2.00 22.20
C LEU C 80 -45.58 1.72 22.01
N ASN C 81 -44.75 2.74 22.28
CA ASN C 81 -43.33 2.65 22.13
C ASN C 81 -42.77 1.35 22.70
N LYS C 82 -43.41 0.83 23.72
CA LYS C 82 -42.94 -0.41 24.31
C LYS C 82 -43.33 -1.58 23.41
N ARG C 83 -44.37 -1.39 22.62
CA ARG C 83 -44.86 -2.47 21.77
C ARG C 83 -44.63 -2.26 20.28
N THR C 84 -44.15 -1.09 19.91
CA THR C 84 -43.90 -0.79 18.51
C THR C 84 -42.58 -1.40 18.08
N GLN C 85 -42.58 -2.09 16.95
CA GLN C 85 -41.36 -2.70 16.41
C GLN C 85 -40.23 -1.69 16.51
N ASP C 86 -38.99 -2.15 16.45
CA ASP C 86 -37.87 -1.22 16.51
C ASP C 86 -37.32 -1.03 15.11
N PHE C 87 -36.97 0.21 14.79
CA PHE C 87 -36.47 0.53 13.47
C PHE C 87 -34.98 0.62 13.55
N TRP C 88 -34.33 0.56 12.38
CA TRP C 88 -32.90 0.75 12.34
C TRP C 88 -32.79 2.25 12.09
N GLU C 89 -32.48 2.99 13.16
CA GLU C 89 -32.38 4.45 13.06
C GLU C 89 -31.40 4.92 12.00
N VAL C 90 -31.83 5.91 11.23
CA VAL C 90 -31.02 6.45 10.14
C VAL C 90 -30.15 7.66 10.49
N GLN C 91 -30.61 8.60 11.30
CA GLN C 91 -29.75 9.74 11.62
C GLN C 91 -28.48 9.11 12.18
N LEU C 92 -27.38 9.18 11.43
CA LEU C 92 -26.14 8.54 11.86
C LEU C 92 -25.21 9.34 12.74
N GLY C 93 -25.30 10.66 12.66
CA GLY C 93 -24.45 11.54 13.47
C GLY C 93 -24.83 12.95 13.11
N ILE C 94 -24.65 13.92 14.02
CA ILE C 94 -25.06 15.29 13.70
C ILE C 94 -24.01 16.05 12.88
N PRO C 95 -24.45 16.87 11.91
CA PRO C 95 -23.46 17.60 11.11
C PRO C 95 -22.66 18.60 11.95
N HIS C 96 -21.71 19.27 11.29
CA HIS C 96 -20.83 20.22 11.94
C HIS C 96 -20.38 21.26 10.93
N PRO C 97 -20.37 22.54 11.32
CA PRO C 97 -19.96 23.69 10.49
C PRO C 97 -18.53 23.61 9.98
N ALA C 98 -17.67 22.96 10.75
CA ALA C 98 -16.29 22.81 10.35
C ALA C 98 -16.22 21.99 9.06
N GLY C 99 -17.33 21.39 8.67
CA GLY C 99 -17.32 20.58 7.48
C GLY C 99 -18.03 21.20 6.29
N LEU C 100 -18.19 22.51 6.33
CA LEU C 100 -18.86 23.20 5.25
C LEU C 100 -17.87 24.02 4.42
N LYS C 101 -18.18 24.23 3.15
CA LYS C 101 -17.31 25.01 2.29
C LYS C 101 -17.99 26.33 1.96
N LYS C 102 -17.22 27.41 1.92
CA LYS C 102 -17.77 28.73 1.63
C LYS C 102 -18.49 28.73 0.30
N LYS C 103 -19.80 28.94 0.34
CA LYS C 103 -20.59 28.97 -0.89
C LYS C 103 -21.07 30.38 -1.21
N LYS C 104 -20.91 30.79 -2.47
CA LYS C 104 -21.35 32.11 -2.88
C LYS C 104 -22.63 32.49 -2.16
N SER C 105 -23.74 31.97 -2.65
CA SER C 105 -25.05 32.26 -2.07
C SER C 105 -25.55 31.12 -1.17
N VAL C 106 -26.22 31.50 -0.08
CA VAL C 106 -26.73 30.53 0.87
C VAL C 106 -28.09 30.84 1.45
N THR C 107 -28.86 29.79 1.70
CA THR C 107 -30.21 29.92 2.27
C THR C 107 -30.41 28.81 3.26
N VAL C 108 -31.33 29.05 4.20
CA VAL C 108 -31.68 28.09 5.23
C VAL C 108 -33.22 28.06 5.30
N LEU C 109 -33.79 26.86 5.38
CA LEU C 109 -35.24 26.64 5.41
C LEU C 109 -35.68 25.81 6.56
N ASP C 110 -37.01 25.67 6.67
CA ASP C 110 -37.61 24.84 7.68
C ASP C 110 -39.02 24.53 7.24
N VAL C 111 -39.44 23.28 7.51
CA VAL C 111 -40.75 22.86 7.13
C VAL C 111 -41.72 23.06 8.29
N GLY C 112 -42.98 23.32 7.96
CA GLY C 112 -43.98 23.47 8.98
C GLY C 112 -44.80 22.19 9.08
N ASP C 113 -45.09 21.76 10.30
CA ASP C 113 -45.88 20.55 10.51
C ASP C 113 -45.16 19.32 10.07
N ALA C 114 -43.86 19.41 9.85
CA ALA C 114 -43.09 18.26 9.40
C ALA C 114 -43.71 16.90 9.76
N TYR C 115 -43.79 16.58 11.06
CA TYR C 115 -44.37 15.29 11.47
C TYR C 115 -45.83 15.17 11.05
N PHE C 116 -46.60 16.22 11.33
CA PHE C 116 -48.02 16.26 11.00
C PHE C 116 -48.26 16.27 9.49
N SER C 117 -47.20 16.18 8.71
CA SER C 117 -47.33 16.21 7.26
C SER C 117 -47.03 14.89 6.59
N VAL C 118 -46.52 13.93 7.34
CA VAL C 118 -46.22 12.64 6.74
C VAL C 118 -47.24 11.61 7.20
N PRO C 119 -47.90 10.94 6.25
CA PRO C 119 -48.91 9.93 6.47
C PRO C 119 -48.39 8.83 7.35
N LEU C 120 -49.22 8.37 8.30
CA LEU C 120 -48.81 7.27 9.18
C LEU C 120 -49.40 6.04 8.55
N ASP C 121 -48.60 4.99 8.43
CA ASP C 121 -49.06 3.75 7.82
C ASP C 121 -50.55 3.53 8.09
N GLU C 122 -51.32 3.29 7.04
CA GLU C 122 -52.75 3.04 7.20
C GLU C 122 -52.99 2.03 8.31
N ASP C 123 -52.48 0.81 8.14
CA ASP C 123 -52.63 -0.29 9.08
C ASP C 123 -52.04 -0.21 10.48
N PHE C 124 -51.60 0.96 10.92
CA PHE C 124 -51.02 1.02 12.26
C PHE C 124 -51.81 2.00 13.10
N ARG C 125 -52.52 2.89 12.43
CA ARG C 125 -53.29 3.93 13.10
C ARG C 125 -54.13 3.44 14.24
N LYS C 126 -54.88 2.38 14.00
CA LYS C 126 -55.73 1.84 15.05
C LYS C 126 -55.04 1.79 16.40
N TYR C 127 -53.72 1.68 16.40
CA TYR C 127 -53.00 1.61 17.66
C TYR C 127 -52.77 2.96 18.31
N THR C 128 -52.74 4.01 17.50
CA THR C 128 -52.53 5.36 18.02
C THR C 128 -53.84 5.92 18.58
N ALA C 129 -54.77 5.01 18.88
CA ALA C 129 -56.08 5.38 19.40
C ALA C 129 -55.99 5.99 20.77
N PHE C 130 -56.82 6.99 21.01
CA PHE C 130 -56.85 7.64 22.30
C PHE C 130 -58.23 8.24 22.47
N THR C 131 -58.61 8.46 23.72
CA THR C 131 -59.92 9.02 24.05
C THR C 131 -59.77 10.36 24.74
N ILE C 132 -60.76 11.22 24.53
CA ILE C 132 -60.78 12.52 25.17
C ILE C 132 -62.13 12.46 25.93
N PRO C 133 -62.08 12.02 27.21
CA PRO C 133 -63.26 11.88 28.09
C PRO C 133 -64.35 12.94 28.10
N SER C 134 -65.53 12.48 28.46
CA SER C 134 -66.69 13.34 28.57
C SER C 134 -66.67 13.90 29.97
N ILE C 135 -67.06 15.17 30.09
CA ILE C 135 -67.11 15.86 31.37
C ILE C 135 -67.50 14.91 32.51
N ASN C 136 -68.72 14.36 32.42
CA ASN C 136 -69.25 13.46 33.43
C ASN C 136 -69.24 11.97 33.06
N ASN C 137 -69.90 11.16 33.89
CA ASN C 137 -70.00 9.72 33.68
C ASN C 137 -70.93 9.41 32.52
N GLU C 138 -71.09 10.39 31.62
CA GLU C 138 -71.99 10.20 30.48
C GLU C 138 -71.41 9.30 29.38
N THR C 139 -72.16 9.23 28.28
CA THR C 139 -71.78 8.46 27.10
C THR C 139 -70.27 8.49 26.91
N PRO C 140 -69.69 7.43 26.34
CA PRO C 140 -68.24 7.39 26.12
C PRO C 140 -67.66 8.72 25.62
N GLY C 141 -66.37 8.92 25.83
CA GLY C 141 -65.75 10.14 25.38
C GLY C 141 -65.74 10.11 23.86
N ILE C 142 -64.93 10.97 23.27
CA ILE C 142 -64.82 11.02 21.82
C ILE C 142 -63.55 10.26 21.44
N ARG C 143 -63.69 9.22 20.61
CA ARG C 143 -62.54 8.44 20.20
C ARG C 143 -61.83 9.00 18.97
N TYR C 144 -60.51 8.85 18.94
CA TYR C 144 -59.70 9.33 17.85
C TYR C 144 -58.50 8.44 17.57
N GLN C 145 -58.04 8.49 16.33
CA GLN C 145 -56.91 7.73 15.87
C GLN C 145 -56.00 8.67 15.10
N TYR C 146 -54.71 8.35 15.08
CA TYR C 146 -53.73 9.20 14.40
C TYR C 146 -53.58 8.87 12.93
N ASN C 147 -53.44 9.91 12.10
CA ASN C 147 -53.28 9.72 10.66
C ASN C 147 -51.92 10.14 10.13
N VAL C 148 -51.29 11.07 10.84
CA VAL C 148 -49.99 11.56 10.46
C VAL C 148 -48.98 10.98 11.44
N LEU C 149 -47.77 11.52 11.46
CA LEU C 149 -46.76 11.01 12.37
C LEU C 149 -46.96 11.57 13.77
N PRO C 150 -47.42 10.73 14.70
CA PRO C 150 -47.67 11.10 16.10
C PRO C 150 -46.39 11.49 16.79
N GLN C 151 -46.28 12.74 17.25
CA GLN C 151 -45.07 13.17 17.95
C GLN C 151 -44.99 12.53 19.33
N GLY C 152 -43.81 12.00 19.67
CA GLY C 152 -43.62 11.34 20.95
C GLY C 152 -43.69 9.84 20.74
N TRP C 153 -43.71 9.43 19.47
CA TRP C 153 -43.78 8.04 19.10
C TRP C 153 -42.44 7.59 18.56
N LYS C 154 -42.07 6.36 18.90
CA LYS C 154 -40.81 5.78 18.49
C LYS C 154 -40.46 5.93 17.01
N GLY C 155 -41.40 5.59 16.14
CA GLY C 155 -41.13 5.68 14.72
C GLY C 155 -40.96 7.08 14.23
N SER C 156 -41.98 7.89 14.49
CA SER C 156 -41.99 9.28 14.07
C SER C 156 -40.67 9.92 13.58
N PRO C 157 -39.61 9.95 14.40
CA PRO C 157 -38.36 10.57 13.94
C PRO C 157 -37.79 9.98 12.66
N ALA C 158 -37.45 8.69 12.76
CA ALA C 158 -36.88 7.91 11.65
C ALA C 158 -37.75 7.88 10.39
N ILE C 159 -39.06 7.82 10.57
CA ILE C 159 -39.88 7.78 9.42
C ILE C 159 -39.91 9.13 8.71
N PHE C 160 -39.97 10.24 9.44
CA PHE C 160 -40.00 11.51 8.73
C PHE C 160 -38.66 11.74 8.05
N GLN C 161 -37.61 11.20 8.65
CA GLN C 161 -36.30 11.39 8.07
C GLN C 161 -36.11 10.73 6.72
N SER C 162 -36.57 9.49 6.57
CA SER C 162 -36.42 8.81 5.30
C SER C 162 -37.32 9.52 4.31
N SER C 163 -38.52 9.82 4.76
CA SER C 163 -39.48 10.49 3.91
C SER C 163 -38.88 11.77 3.34
N MET C 164 -38.25 12.54 4.21
CA MET C 164 -37.65 13.79 3.78
C MET C 164 -36.53 13.51 2.78
N THR C 165 -35.82 12.40 2.98
CA THR C 165 -34.71 12.00 2.12
C THR C 165 -35.19 11.66 0.72
N LYS C 166 -36.29 10.91 0.63
CA LYS C 166 -36.86 10.53 -0.67
C LYS C 166 -37.42 11.71 -1.43
N ILE C 167 -37.96 12.66 -0.68
CA ILE C 167 -38.55 13.82 -1.29
C ILE C 167 -37.49 14.75 -1.89
N LEU C 168 -36.30 14.74 -1.31
CA LEU C 168 -35.22 15.57 -1.81
C LEU C 168 -34.47 14.80 -2.89
N GLU C 169 -34.55 13.48 -2.77
CA GLU C 169 -33.92 12.56 -3.68
C GLU C 169 -33.81 13.09 -5.10
N PRO C 170 -34.95 13.27 -5.80
CA PRO C 170 -34.93 13.77 -7.17
C PRO C 170 -34.26 15.11 -7.31
N PHE C 171 -34.81 16.12 -6.64
CA PHE C 171 -34.26 17.45 -6.74
C PHE C 171 -32.73 17.51 -6.65
N LYS C 172 -32.12 16.66 -5.85
CA LYS C 172 -30.67 16.67 -5.75
C LYS C 172 -30.02 16.18 -7.03
N LYS C 173 -30.55 15.11 -7.61
CA LYS C 173 -29.97 14.59 -8.84
C LYS C 173 -30.00 15.64 -9.96
N GLN C 174 -30.98 16.53 -9.91
CA GLN C 174 -31.12 17.57 -10.94
C GLN C 174 -30.21 18.77 -10.72
N ASN C 175 -29.78 18.98 -9.48
CA ASN C 175 -28.89 20.10 -9.20
C ASN C 175 -27.77 19.58 -8.33
N PRO C 176 -26.96 18.66 -8.87
CA PRO C 176 -25.83 18.06 -8.15
C PRO C 176 -24.77 19.04 -7.64
N ASP C 177 -24.89 20.31 -7.98
CA ASP C 177 -23.89 21.25 -7.47
C ASP C 177 -24.46 22.30 -6.50
N ILE C 178 -25.29 21.81 -5.59
CA ILE C 178 -25.92 22.60 -4.54
C ILE C 178 -25.82 21.67 -3.34
N VAL C 179 -25.49 22.20 -2.17
CA VAL C 179 -25.40 21.33 -1.01
C VAL C 179 -26.66 21.48 -0.21
N ILE C 180 -27.35 20.38 0.04
CA ILE C 180 -28.56 20.44 0.83
C ILE C 180 -28.34 19.65 2.10
N TYR C 181 -27.99 20.36 3.18
CA TYR C 181 -27.75 19.72 4.47
C TYR C 181 -29.08 19.55 5.16
N GLN C 182 -29.59 18.33 5.12
CA GLN C 182 -30.87 18.07 5.75
C GLN C 182 -30.73 17.46 7.14
N TYR C 183 -31.34 18.11 8.13
CA TYR C 183 -31.33 17.59 9.49
C TYR C 183 -32.79 17.52 9.94
N MET C 184 -33.37 16.32 9.86
CA MET C 184 -34.76 16.13 10.22
C MET C 184 -35.54 16.86 9.13
N ASP C 185 -35.91 18.12 9.38
CA ASP C 185 -36.64 18.90 8.38
C ASP C 185 -35.98 20.28 8.24
N ASP C 186 -34.79 20.43 8.80
CA ASP C 186 -34.07 21.70 8.72
C ASP C 186 -33.17 21.65 7.52
N LEU C 187 -33.50 22.41 6.50
CA LEU C 187 -32.72 22.41 5.28
C LEU C 187 -31.83 23.64 5.07
N TYR C 188 -30.52 23.40 5.04
CA TYR C 188 -29.54 24.44 4.77
C TYR C 188 -29.16 24.21 3.32
N VAL C 189 -29.36 25.22 2.48
CA VAL C 189 -29.02 25.07 1.08
C VAL C 189 -27.95 26.08 0.75
N GLY C 190 -26.94 25.64 0.00
CA GLY C 190 -25.87 26.54 -0.38
C GLY C 190 -25.33 26.15 -1.74
N SER C 191 -24.89 27.15 -2.51
CA SER C 191 -24.34 26.90 -3.84
C SER C 191 -23.58 28.12 -4.31
N ASP C 192 -22.68 27.93 -5.27
CA ASP C 192 -21.88 29.02 -5.80
C ASP C 192 -22.53 29.78 -6.96
N LEU C 193 -23.85 29.95 -6.90
CA LEU C 193 -24.58 30.64 -7.95
C LEU C 193 -24.80 32.10 -7.58
N GLU C 194 -25.37 32.86 -8.52
CA GLU C 194 -25.65 34.28 -8.31
C GLU C 194 -26.95 34.45 -7.57
N ILE C 195 -26.94 35.29 -6.54
CA ILE C 195 -28.13 35.53 -5.70
C ILE C 195 -29.46 35.41 -6.45
N GLY C 196 -29.41 35.59 -7.77
CA GLY C 196 -30.60 35.46 -8.57
C GLY C 196 -30.89 34.01 -8.88
N GLN C 197 -30.11 33.44 -9.78
CA GLN C 197 -30.24 32.05 -10.20
C GLN C 197 -30.39 31.13 -9.00
N HIS C 198 -29.95 31.63 -7.85
CA HIS C 198 -30.03 30.92 -6.58
C HIS C 198 -31.50 30.97 -6.17
N ARG C 199 -32.01 32.18 -5.96
CA ARG C 199 -33.41 32.37 -5.59
C ARG C 199 -34.31 31.56 -6.52
N THR C 200 -33.93 31.52 -7.81
CA THR C 200 -34.70 30.77 -8.81
C THR C 200 -34.64 29.28 -8.56
N LYS C 201 -33.63 28.85 -7.81
CA LYS C 201 -33.49 27.45 -7.45
C LYS C 201 -34.23 27.28 -6.14
N ILE C 202 -33.82 28.06 -5.15
CA ILE C 202 -34.46 28.04 -3.83
C ILE C 202 -35.96 27.94 -4.00
N GLU C 203 -36.51 28.83 -4.81
CA GLU C 203 -37.94 28.82 -5.06
C GLU C 203 -38.29 27.48 -5.65
N GLU C 204 -37.67 27.19 -6.80
CA GLU C 204 -37.88 25.95 -7.51
C GLU C 204 -37.90 24.75 -6.58
N LEU C 205 -37.27 24.88 -5.41
CA LEU C 205 -37.24 23.79 -4.45
C LEU C 205 -38.47 23.87 -3.54
N ARG C 206 -38.70 25.05 -2.97
CA ARG C 206 -39.85 25.26 -2.10
C ARG C 206 -41.13 24.78 -2.77
N GLN C 207 -41.21 25.00 -4.07
CA GLN C 207 -42.38 24.61 -4.85
C GLN C 207 -42.36 23.12 -5.12
N HIS C 208 -41.21 22.48 -4.91
CA HIS C 208 -41.12 21.05 -5.13
C HIS C 208 -41.56 20.28 -3.89
N LEU C 209 -41.34 20.89 -2.74
CA LEU C 209 -41.73 20.29 -1.48
C LEU C 209 -43.20 20.56 -1.27
N LEU C 210 -43.61 21.79 -1.58
CA LEU C 210 -45.00 22.18 -1.42
C LEU C 210 -45.83 21.18 -2.20
N ARG C 211 -45.34 20.82 -3.38
CA ARG C 211 -46.03 19.86 -4.21
C ARG C 211 -46.10 18.52 -3.46
N TRP C 212 -45.21 18.35 -2.49
CA TRP C 212 -45.16 17.13 -1.71
C TRP C 212 -45.75 17.17 -0.31
N GLY C 213 -46.30 18.31 0.08
CA GLY C 213 -46.89 18.38 1.40
C GLY C 213 -46.00 19.09 2.38
N LEU C 214 -44.77 19.35 1.98
CA LEU C 214 -43.87 20.05 2.88
C LEU C 214 -44.04 21.55 2.71
N THR C 215 -44.61 22.14 3.75
CA THR C 215 -44.84 23.57 3.77
C THR C 215 -43.55 24.24 4.24
N THR C 216 -43.01 25.13 3.41
CA THR C 216 -41.78 25.85 3.73
C THR C 216 -42.10 27.27 4.17
N PRO C 217 -42.68 27.41 5.36
CA PRO C 217 -43.07 28.67 5.99
C PRO C 217 -42.05 29.77 5.82
N ASP C 218 -42.47 30.99 6.18
CA ASP C 218 -41.62 32.15 6.11
C ASP C 218 -40.78 32.32 7.34
N LYS C 219 -39.99 31.26 7.61
CA LYS C 219 -39.05 31.18 8.69
C LYS C 219 -37.80 30.60 8.11
N LYS C 220 -37.48 31.12 6.91
CA LYS C 220 -36.31 30.80 6.13
C LYS C 220 -35.40 32.03 5.99
N HIS C 221 -34.13 31.86 6.30
CA HIS C 221 -33.20 32.96 6.21
C HIS C 221 -32.68 33.07 4.78
N GLN C 222 -32.76 34.28 4.23
CA GLN C 222 -32.27 34.55 2.89
C GLN C 222 -31.36 35.77 3.02
N LYS C 223 -30.17 35.71 2.42
CA LYS C 223 -29.21 36.82 2.48
C LYS C 223 -29.25 37.40 3.90
N GLU C 224 -29.29 36.52 4.90
CA GLU C 224 -29.38 36.97 6.28
C GLU C 224 -28.30 36.55 7.25
N PRO C 225 -27.05 36.37 6.79
CA PRO C 225 -26.11 35.98 7.83
C PRO C 225 -26.21 37.00 8.96
N PRO C 226 -26.01 36.59 10.23
CA PRO C 226 -25.68 35.25 10.73
C PRO C 226 -26.80 34.22 10.55
N PHE C 227 -26.51 33.14 9.83
CA PHE C 227 -27.49 32.09 9.63
C PHE C 227 -27.50 31.23 10.90
N LEU C 228 -28.68 31.06 11.46
CA LEU C 228 -28.85 30.30 12.69
C LEU C 228 -29.17 28.83 12.40
N TRP C 229 -28.11 28.05 12.20
CA TRP C 229 -28.22 26.64 11.85
C TRP C 229 -27.62 25.67 12.86
N MET C 230 -28.38 24.63 13.19
CA MET C 230 -27.91 23.60 14.11
C MET C 230 -27.28 24.08 15.41
N GLY C 231 -27.75 25.20 15.90
CA GLY C 231 -27.20 25.74 17.14
C GLY C 231 -26.03 26.66 16.92
N TYR C 232 -25.71 26.92 15.66
CA TYR C 232 -24.60 27.81 15.34
C TYR C 232 -25.09 29.04 14.60
N GLU C 233 -24.16 29.91 14.25
CA GLU C 233 -24.47 31.12 13.50
C GLU C 233 -23.45 31.15 12.40
N LEU C 234 -23.89 30.91 11.18
CA LEU C 234 -22.96 30.88 10.08
C LEU C 234 -22.73 32.26 9.48
N HIS C 235 -21.46 32.69 9.50
CA HIS C 235 -21.08 33.97 8.94
C HIS C 235 -20.35 33.67 7.64
N PRO C 236 -20.55 34.50 6.62
CA PRO C 236 -19.91 34.32 5.32
C PRO C 236 -18.50 33.76 5.39
N ASP C 237 -17.67 34.42 6.18
CA ASP C 237 -16.28 34.02 6.31
C ASP C 237 -15.97 33.12 7.49
N LYS C 238 -16.78 33.19 8.55
CA LYS C 238 -16.58 32.36 9.74
C LYS C 238 -17.88 31.92 10.44
N TRP C 239 -17.74 31.11 11.48
CA TRP C 239 -18.91 30.65 12.21
C TRP C 239 -18.77 30.76 13.71
N THR C 240 -19.89 31.05 14.36
CA THR C 240 -19.90 31.19 15.80
C THR C 240 -20.87 30.22 16.45
N VAL C 241 -20.48 29.72 17.61
CA VAL C 241 -21.33 28.81 18.36
C VAL C 241 -22.25 29.72 19.12
N GLN C 242 -23.56 29.57 18.90
CA GLN C 242 -24.52 30.40 19.59
C GLN C 242 -24.11 30.54 21.04
N PRO C 243 -24.15 31.77 21.57
CA PRO C 243 -23.77 32.07 22.96
C PRO C 243 -24.12 31.01 23.99
N ILE C 244 -23.12 30.65 24.78
CA ILE C 244 -23.25 29.66 25.83
C ILE C 244 -23.13 30.35 27.19
N VAL C 245 -24.23 30.31 27.95
CA VAL C 245 -24.28 30.93 29.28
C VAL C 245 -24.38 29.86 30.35
N LEU C 246 -23.24 29.53 30.95
CA LEU C 246 -23.18 28.49 31.99
C LEU C 246 -23.73 28.89 33.36
N PRO C 247 -24.50 27.99 34.00
CA PRO C 247 -25.09 28.25 35.31
C PRO C 247 -23.96 28.53 36.28
N GLU C 248 -24.01 29.67 36.96
CA GLU C 248 -22.97 30.06 37.92
C GLU C 248 -23.44 30.04 39.38
N LYS C 249 -24.41 29.17 39.67
CA LYS C 249 -25.00 29.04 41.00
C LYS C 249 -24.06 29.08 42.23
N ASP C 250 -24.59 29.66 43.32
CA ASP C 250 -23.89 29.86 44.60
C ASP C 250 -23.49 28.61 45.38
N SER C 251 -24.42 27.68 45.55
CA SER C 251 -24.13 26.42 46.23
C SER C 251 -24.41 25.34 45.20
N TRP C 252 -23.36 24.65 44.77
CA TRP C 252 -23.51 23.61 43.76
C TRP C 252 -23.99 22.29 44.29
N THR C 253 -24.92 21.70 43.55
CA THR C 253 -25.48 20.40 43.89
C THR C 253 -25.07 19.46 42.76
N VAL C 254 -25.02 18.18 43.08
CA VAL C 254 -24.62 17.16 42.13
C VAL C 254 -25.19 17.38 40.73
N ASN C 255 -26.52 17.45 40.61
CA ASN C 255 -27.16 17.62 39.32
C ASN C 255 -26.80 18.93 38.59
N ASP C 256 -26.63 20.01 39.34
CA ASP C 256 -26.31 21.29 38.73
C ASP C 256 -24.97 21.23 38.02
N ILE C 257 -24.11 20.34 38.48
CA ILE C 257 -22.79 20.14 37.87
C ILE C 257 -22.92 19.67 36.42
N CYS C 258 -23.74 18.64 36.23
CA CYS C 258 -23.99 18.05 34.92
C CYS C 258 -24.44 19.09 33.90
N LYS C 259 -25.10 20.12 34.38
CA LYS C 259 -25.59 21.18 33.52
C LYS C 259 -24.43 22.13 33.19
N LEU C 260 -23.32 21.95 33.90
CA LEU C 260 -22.14 22.77 33.66
C LEU C 260 -21.04 21.93 33.01
N VAL C 261 -20.75 20.76 33.58
CA VAL C 261 -19.72 19.90 32.99
C VAL C 261 -20.10 19.68 31.53
N GLY C 262 -21.38 19.39 31.30
CA GLY C 262 -21.87 19.17 29.95
C GLY C 262 -21.65 20.39 29.09
N LYS C 263 -22.34 21.49 29.39
CA LYS C 263 -22.20 22.72 28.63
C LYS C 263 -20.74 22.99 28.31
N LEU C 264 -19.86 22.67 29.25
CA LEU C 264 -18.43 22.85 29.06
C LEU C 264 -18.00 22.00 27.86
N ASN C 265 -18.45 20.75 27.82
CA ASN C 265 -18.16 19.86 26.70
C ASN C 265 -18.53 20.57 25.41
N TRP C 266 -19.82 20.88 25.30
CA TRP C 266 -20.37 21.57 24.15
C TRP C 266 -19.42 22.63 23.60
N ALA C 267 -18.75 23.34 24.50
CA ALA C 267 -17.81 24.42 24.11
C ALA C 267 -16.41 23.91 23.77
N SER C 268 -16.10 22.71 24.23
CA SER C 268 -14.80 22.11 23.97
C SER C 268 -14.54 22.00 22.48
N GLN C 269 -15.62 22.06 21.69
CA GLN C 269 -15.52 21.93 20.25
C GLN C 269 -15.05 23.19 19.54
N ILE C 270 -14.99 24.29 20.27
CA ILE C 270 -14.51 25.51 19.65
C ILE C 270 -13.49 26.18 20.55
N TYR C 271 -13.79 26.26 21.84
CA TYR C 271 -12.88 26.89 22.79
C TYR C 271 -11.71 25.96 23.15
N PRO C 272 -10.48 26.43 22.89
CA PRO C 272 -9.24 25.67 23.17
C PRO C 272 -9.10 25.21 24.60
N GLY C 273 -8.61 23.98 24.77
CA GLY C 273 -8.40 23.43 26.10
C GLY C 273 -9.38 23.88 27.17
N ILE C 274 -10.36 23.03 27.45
CA ILE C 274 -11.37 23.34 28.45
C ILE C 274 -11.32 22.28 29.54
N LYS C 275 -10.15 22.06 30.10
CA LYS C 275 -9.97 21.04 31.15
C LYS C 275 -11.22 20.93 32.03
N VAL C 276 -11.80 19.74 32.10
CA VAL C 276 -12.98 19.53 32.94
C VAL C 276 -12.79 18.31 33.85
N ARG C 277 -11.72 17.57 33.61
CA ARG C 277 -11.38 16.40 34.43
C ARG C 277 -11.49 16.79 35.92
N GLN C 278 -11.38 18.09 36.17
CA GLN C 278 -11.45 18.65 37.51
C GLN C 278 -12.82 18.50 38.15
N LEU C 279 -13.63 19.55 38.06
CA LEU C 279 -14.98 19.55 38.63
C LEU C 279 -15.76 18.30 38.28
N SER C 280 -15.22 17.49 37.40
CA SER C 280 -15.91 16.26 37.03
C SER C 280 -15.91 15.29 38.20
N LYS C 281 -14.72 14.84 38.63
CA LYS C 281 -14.62 13.89 39.74
C LYS C 281 -15.58 14.22 40.86
N LEU C 282 -16.09 15.45 40.88
CA LEU C 282 -17.04 15.84 41.91
C LEU C 282 -18.17 14.83 41.88
N LEU C 283 -18.90 14.81 40.77
CA LEU C 283 -20.02 13.89 40.58
C LEU C 283 -19.65 12.45 40.87
N ARG C 284 -18.34 12.17 40.89
CA ARG C 284 -17.85 10.82 41.14
C ARG C 284 -18.51 10.18 42.34
N GLY C 285 -18.20 8.90 42.53
CA GLY C 285 -18.78 8.17 43.63
C GLY C 285 -20.17 7.79 43.22
N THR C 286 -21.04 7.60 44.21
CA THR C 286 -22.44 7.24 43.99
C THR C 286 -23.26 8.35 44.65
N LYS C 287 -23.53 9.41 43.90
CA LYS C 287 -24.26 10.56 44.44
C LYS C 287 -25.73 10.71 44.04
N ALA C 288 -26.50 11.37 44.90
CA ALA C 288 -27.91 11.63 44.66
C ALA C 288 -28.02 12.57 43.47
N LEU C 289 -29.23 13.00 43.13
CA LEU C 289 -29.39 13.88 41.99
C LEU C 289 -29.78 15.30 42.35
N THR C 290 -29.82 15.58 43.66
CA THR C 290 -30.17 16.91 44.16
C THR C 290 -29.26 17.17 45.34
N GLU C 291 -28.46 16.17 45.66
CA GLU C 291 -27.52 16.26 46.76
C GLU C 291 -26.57 17.42 46.52
N VAL C 292 -26.36 18.20 47.56
CA VAL C 292 -25.46 19.35 47.46
C VAL C 292 -24.03 18.83 47.45
N ILE C 293 -23.11 19.63 46.93
CA ILE C 293 -21.71 19.22 46.88
C ILE C 293 -20.74 20.42 46.93
N PRO C 294 -19.65 20.31 47.73
CA PRO C 294 -18.60 21.32 47.93
C PRO C 294 -17.62 21.50 46.78
N LEU C 295 -17.61 22.69 46.21
CA LEU C 295 -16.74 23.01 45.08
C LEU C 295 -15.24 23.02 45.42
N THR C 296 -14.62 21.84 45.44
CA THR C 296 -13.19 21.71 45.72
C THR C 296 -12.44 22.76 44.89
N GLU C 297 -11.39 23.34 45.47
CA GLU C 297 -10.59 24.34 44.77
C GLU C 297 -9.96 23.71 43.52
N GLU C 298 -9.71 22.41 43.59
CA GLU C 298 -9.15 21.69 42.46
C GLU C 298 -10.16 21.95 41.35
N ALA C 299 -11.42 21.71 41.67
CA ALA C 299 -12.52 21.92 40.74
C ALA C 299 -12.66 23.43 40.47
N GLU C 300 -12.26 24.24 41.44
CA GLU C 300 -12.34 25.69 41.31
C GLU C 300 -11.39 26.14 40.21
N LEU C 301 -10.19 25.57 40.20
CA LEU C 301 -9.18 25.91 39.20
C LEU C 301 -9.75 25.65 37.81
N GLU C 302 -10.38 24.49 37.63
CA GLU C 302 -10.98 24.13 36.36
C GLU C 302 -11.98 25.22 36.00
N LEU C 303 -13.00 25.37 36.83
CA LEU C 303 -14.04 26.38 36.59
C LEU C 303 -13.41 27.75 36.33
N ALA C 304 -12.40 28.09 37.12
CA ALA C 304 -11.72 29.37 36.97
C ALA C 304 -11.23 29.55 35.53
N GLU C 305 -10.26 28.73 35.15
CA GLU C 305 -9.67 28.76 33.80
C GLU C 305 -10.71 28.74 32.69
N ASN C 306 -11.62 27.78 32.80
CA ASN C 306 -12.71 27.61 31.83
C ASN C 306 -13.52 28.89 31.73
N ARG C 307 -14.14 29.32 32.84
CA ARG C 307 -14.93 30.54 32.83
C ARG C 307 -14.15 31.62 32.10
N GLU C 308 -12.82 31.61 32.26
CA GLU C 308 -11.94 32.58 31.62
C GLU C 308 -12.02 32.49 30.09
N ILE C 309 -11.71 31.31 29.56
CA ILE C 309 -11.74 31.12 28.13
C ILE C 309 -13.09 31.54 27.54
N LEU C 310 -14.18 30.99 28.08
CA LEU C 310 -15.55 31.29 27.61
C LEU C 310 -15.87 32.79 27.61
N LYS C 311 -14.98 33.58 28.19
CA LYS C 311 -15.15 35.03 28.25
C LYS C 311 -14.71 35.66 26.92
N GLU C 312 -13.49 35.35 26.50
CA GLU C 312 -12.94 35.87 25.25
C GLU C 312 -13.63 35.23 24.05
N PRO C 313 -14.37 36.02 23.27
CA PRO C 313 -15.05 35.46 22.10
C PRO C 313 -14.08 34.87 21.07
N VAL C 314 -14.54 33.87 20.32
CA VAL C 314 -13.73 33.20 19.29
C VAL C 314 -14.62 32.72 18.15
N HIS C 315 -14.00 32.44 17.01
CA HIS C 315 -14.71 31.96 15.83
C HIS C 315 -14.02 30.73 15.25
N GLY C 316 -14.73 30.04 14.37
CA GLY C 316 -14.17 28.87 13.71
C GLY C 316 -14.24 29.16 12.22
N VAL C 317 -13.45 28.45 11.43
CA VAL C 317 -13.46 28.69 10.00
C VAL C 317 -14.08 27.53 9.23
N TYR C 318 -14.29 27.76 7.95
CA TYR C 318 -14.87 26.76 7.05
C TYR C 318 -13.75 25.89 6.48
N TYR C 319 -14.11 24.73 5.96
CA TYR C 319 -13.13 23.79 5.41
C TYR C 319 -12.76 24.06 3.96
N ASP C 320 -11.47 24.22 3.70
CA ASP C 320 -11.00 24.42 2.33
C ASP C 320 -10.42 23.11 1.86
N PRO C 321 -11.06 22.51 0.84
CA PRO C 321 -10.69 21.24 0.22
C PRO C 321 -9.19 21.03 0.05
N SER C 322 -8.63 21.67 -0.97
CA SER C 322 -7.20 21.56 -1.29
C SER C 322 -6.28 21.55 -0.05
N LYS C 323 -6.24 22.67 0.65
CA LYS C 323 -5.41 22.83 1.84
C LYS C 323 -5.67 21.71 2.85
N ASP C 324 -4.91 20.62 2.75
CA ASP C 324 -5.07 19.48 3.64
C ASP C 324 -5.20 19.86 5.11
N LEU C 325 -5.61 18.87 5.91
CA LEU C 325 -5.85 19.06 7.33
C LEU C 325 -4.69 18.87 8.30
N ILE C 326 -4.76 19.58 9.42
CA ILE C 326 -3.73 19.51 10.45
C ILE C 326 -4.40 19.41 11.82
N ALA C 327 -3.88 18.50 12.64
CA ALA C 327 -4.39 18.27 13.97
C ALA C 327 -3.19 18.37 14.87
N GLU C 328 -3.29 19.22 15.89
CA GLU C 328 -2.19 19.42 16.84
C GLU C 328 -2.60 19.04 18.26
N ILE C 329 -1.85 18.12 18.84
CA ILE C 329 -2.11 17.64 20.18
C ILE C 329 -1.31 18.45 21.20
N GLN C 330 -1.90 18.68 22.36
CA GLN C 330 -1.26 19.42 23.44
C GLN C 330 -1.37 18.55 24.66
N LYS C 331 -0.33 18.50 25.48
CA LYS C 331 -0.40 17.71 26.68
C LYS C 331 -0.94 18.67 27.73
N GLN C 332 -1.82 18.18 28.61
CA GLN C 332 -2.42 19.01 29.65
C GLN C 332 -2.24 18.38 31.01
N GLY C 333 -3.10 18.79 31.96
CA GLY C 333 -3.03 18.21 33.28
C GLY C 333 -3.06 16.70 33.13
N GLN C 334 -2.89 15.96 34.22
CA GLN C 334 -2.90 14.51 34.11
C GLN C 334 -4.21 13.98 33.53
N GLY C 335 -4.08 13.19 32.46
CA GLY C 335 -5.24 12.61 31.80
C GLY C 335 -5.80 13.44 30.66
N GLN C 336 -5.84 14.76 30.82
CA GLN C 336 -6.39 15.67 29.82
C GLN C 336 -5.46 15.87 28.61
N TRP C 337 -6.05 16.20 27.47
CA TRP C 337 -5.33 16.46 26.22
C TRP C 337 -6.15 17.42 25.35
N THR C 338 -5.49 18.27 24.58
CA THR C 338 -6.22 19.19 23.72
C THR C 338 -5.74 19.16 22.29
N TYR C 339 -6.59 19.59 21.38
CA TYR C 339 -6.21 19.61 19.98
C TYR C 339 -7.03 20.61 19.19
N GLN C 340 -6.37 21.25 18.24
CA GLN C 340 -7.01 22.22 17.39
C GLN C 340 -6.76 21.67 15.99
N ILE C 341 -7.82 21.53 15.22
CA ILE C 341 -7.71 21.04 13.86
C ILE C 341 -7.73 22.26 12.96
N TYR C 342 -6.70 22.44 12.15
CA TYR C 342 -6.63 23.60 11.29
C TYR C 342 -6.05 23.32 9.90
N GLN C 343 -6.00 24.35 9.07
CA GLN C 343 -5.46 24.23 7.72
C GLN C 343 -4.44 25.32 7.43
N GLU C 344 -4.73 26.56 7.83
CA GLU C 344 -3.76 27.65 7.62
C GLU C 344 -3.18 28.03 9.00
N PRO C 345 -2.41 29.13 9.12
CA PRO C 345 -1.81 29.50 10.42
C PRO C 345 -2.51 29.21 11.75
N PHE C 346 -3.13 30.26 12.30
CA PHE C 346 -3.81 30.17 13.59
C PHE C 346 -5.32 30.26 13.53
N LYS C 347 -5.87 29.74 12.44
CA LYS C 347 -7.30 29.69 12.28
C LYS C 347 -7.67 28.27 12.64
N ASN C 348 -8.59 28.11 13.58
CA ASN C 348 -8.99 26.78 13.97
C ASN C 348 -10.20 26.38 13.15
N LEU C 349 -10.21 25.13 12.70
CA LEU C 349 -11.37 24.63 11.99
C LEU C 349 -12.31 24.28 13.12
N LYS C 350 -11.76 23.53 14.07
CA LYS C 350 -12.50 23.10 15.25
C LYS C 350 -11.45 22.64 16.25
N THR C 351 -11.83 22.60 17.53
CA THR C 351 -10.93 22.18 18.61
C THR C 351 -11.65 21.19 19.52
N GLY C 352 -10.91 20.56 20.43
CA GLY C 352 -11.53 19.62 21.34
C GLY C 352 -10.61 19.11 22.43
N LYS C 353 -11.06 18.11 23.17
CA LYS C 353 -10.28 17.54 24.24
C LYS C 353 -10.57 16.05 24.41
N TYR C 354 -9.55 15.31 24.79
CA TYR C 354 -9.65 13.88 25.01
C TYR C 354 -8.96 13.54 26.33
N ALA C 355 -9.62 12.78 27.20
CA ALA C 355 -9.00 12.45 28.49
C ALA C 355 -9.31 11.07 29.05
N ARG C 356 -9.94 10.22 28.26
CA ARG C 356 -10.27 8.88 28.71
C ARG C 356 -9.02 8.05 28.95
N MET C 357 -8.76 7.70 30.21
CA MET C 357 -7.61 6.87 30.56
C MET C 357 -8.00 5.42 30.27
N ARG C 358 -7.49 4.87 29.16
CA ARG C 358 -7.83 3.50 28.79
C ARG C 358 -6.95 2.42 29.46
N GLY C 359 -7.56 1.68 30.39
CA GLY C 359 -6.84 0.63 31.09
C GLY C 359 -6.40 1.04 32.48
N ALA C 360 -6.10 0.07 33.33
CA ALA C 360 -5.66 0.35 34.69
C ALA C 360 -4.29 1.03 34.70
N HIS C 361 -3.28 0.32 34.21
CA HIS C 361 -1.91 0.85 34.15
C HIS C 361 -1.54 1.27 32.73
N THR C 362 -1.45 2.57 32.49
CA THR C 362 -1.11 3.09 31.16
C THR C 362 0.21 3.89 31.21
N ASN C 363 0.39 4.81 30.28
CA ASN C 363 1.56 5.68 30.27
C ASN C 363 1.28 6.89 29.38
N ASP C 364 2.27 7.49 28.74
CA ASP C 364 1.95 8.66 27.95
C ASP C 364 2.12 8.62 26.45
N VAL C 365 2.67 7.55 25.91
CA VAL C 365 2.73 7.47 24.47
C VAL C 365 1.33 6.95 24.22
N LYS C 366 1.03 5.80 24.82
CA LYS C 366 -0.28 5.17 24.70
C LYS C 366 -1.39 6.24 24.61
N GLN C 367 -1.50 7.06 25.63
CA GLN C 367 -2.50 8.11 25.63
C GLN C 367 -2.42 8.88 24.33
N LEU C 368 -1.24 9.38 23.98
CA LEU C 368 -1.14 10.14 22.73
C LEU C 368 -1.56 9.27 21.53
N THR C 369 -1.12 8.02 21.51
CA THR C 369 -1.49 7.13 20.42
C THR C 369 -3.01 7.29 20.32
N GLU C 370 -3.71 6.86 21.37
CA GLU C 370 -5.17 6.94 21.46
C GLU C 370 -5.72 8.30 21.08
N ALA C 371 -5.03 9.37 21.45
CA ALA C 371 -5.46 10.71 21.12
C ALA C 371 -5.55 10.80 19.61
N VAL C 372 -4.43 10.51 18.95
CA VAL C 372 -4.34 10.55 17.49
C VAL C 372 -5.40 9.68 16.84
N GLN C 373 -5.53 8.44 17.31
CA GLN C 373 -6.53 7.54 16.76
C GLN C 373 -7.89 8.19 16.81
N LYS C 374 -8.31 8.61 18.00
CA LYS C 374 -9.63 9.22 18.14
C LYS C 374 -9.78 10.47 17.29
N ILE C 375 -8.72 11.26 17.15
CA ILE C 375 -8.81 12.48 16.33
C ILE C 375 -9.04 12.15 14.86
N THR C 376 -8.38 11.11 14.38
CA THR C 376 -8.51 10.70 12.99
C THR C 376 -9.96 10.40 12.71
N THR C 377 -10.44 9.33 13.32
CA THR C 377 -11.81 8.92 13.15
C THR C 377 -12.75 10.15 13.11
N GLU C 378 -12.59 11.06 14.06
CA GLU C 378 -13.42 12.27 14.13
C GLU C 378 -13.32 13.19 12.91
N SER C 379 -12.25 13.05 12.13
CA SER C 379 -12.07 13.87 10.94
C SER C 379 -12.67 13.13 9.77
N ILE C 380 -12.43 11.82 9.74
CA ILE C 380 -12.99 10.99 8.69
C ILE C 380 -14.48 11.30 8.61
N VAL C 381 -15.07 11.57 9.76
CA VAL C 381 -16.48 11.86 9.85
C VAL C 381 -16.85 13.24 9.36
N ILE C 382 -15.94 14.19 9.45
CA ILE C 382 -16.27 15.54 9.04
C ILE C 382 -15.69 16.00 7.72
N TRP C 383 -14.68 15.30 7.24
CA TRP C 383 -14.07 15.70 6.01
C TRP C 383 -13.75 14.48 5.18
N GLY C 384 -14.04 13.31 5.75
CA GLY C 384 -13.77 12.07 5.03
C GLY C 384 -12.31 11.89 4.64
N LYS C 385 -11.42 12.56 5.36
CA LYS C 385 -9.98 12.50 5.12
C LYS C 385 -9.23 12.44 6.45
N THR C 386 -8.07 11.78 6.48
CA THR C 386 -7.27 11.73 7.69
C THR C 386 -6.41 12.99 7.69
N PRO C 387 -6.12 13.54 8.87
CA PRO C 387 -5.32 14.76 8.86
C PRO C 387 -3.83 14.54 9.08
N LYS C 388 -3.08 15.65 9.02
CA LYS C 388 -1.63 15.63 9.24
C LYS C 388 -1.39 16.08 10.68
N PHE C 389 -0.51 15.35 11.38
CA PHE C 389 -0.26 15.67 12.76
C PHE C 389 1.02 16.41 13.10
N LYS C 390 0.92 17.21 14.15
CA LYS C 390 1.99 18.00 14.73
C LYS C 390 1.95 17.56 16.19
N LEU C 391 2.85 16.66 16.56
CA LEU C 391 2.85 16.11 17.91
C LEU C 391 4.04 16.39 18.83
N PRO C 392 3.74 16.76 20.09
CA PRO C 392 4.79 17.04 21.06
C PRO C 392 5.34 15.72 21.58
N ILE C 393 6.32 15.20 20.83
CA ILE C 393 7.02 13.95 21.10
C ILE C 393 7.88 13.74 19.87
N GLN C 394 9.20 13.80 20.05
CA GLN C 394 10.14 13.68 18.95
C GLN C 394 10.27 12.30 18.37
N LYS C 395 10.59 12.28 17.08
CA LYS C 395 10.74 11.04 16.32
C LYS C 395 11.48 10.01 17.15
N GLU C 396 12.56 10.44 17.79
CA GLU C 396 13.36 9.54 18.61
C GLU C 396 12.53 8.70 19.55
N THR C 397 11.82 9.39 20.45
CA THR C 397 10.96 8.77 21.45
C THR C 397 10.04 7.71 20.85
N TRP C 398 9.23 8.14 19.88
CA TRP C 398 8.29 7.25 19.19
C TRP C 398 9.02 6.03 18.64
N GLU C 399 9.94 6.29 17.71
CA GLU C 399 10.75 5.25 17.07
C GLU C 399 11.10 4.09 18.01
N THR C 400 11.52 4.45 19.22
CA THR C 400 11.91 3.46 20.22
C THR C 400 10.70 2.70 20.72
N TRP C 401 9.61 3.43 20.91
CA TRP C 401 8.39 2.84 21.44
C TRP C 401 7.91 1.62 20.69
N TRP C 402 7.48 1.85 19.45
CA TRP C 402 6.92 0.77 18.65
C TRP C 402 7.88 -0.36 18.38
N THR C 403 9.15 -0.03 18.22
CA THR C 403 10.11 -1.08 17.98
C THR C 403 10.26 -1.94 19.25
N GLU C 404 10.21 -1.31 20.42
CA GLU C 404 10.35 -2.05 21.67
C GLU C 404 9.09 -2.84 22.01
N TYR C 405 7.91 -2.22 21.81
CA TYR C 405 6.65 -2.88 22.15
C TYR C 405 6.37 -4.18 21.42
N TRP C 406 5.59 -5.06 22.04
CA TRP C 406 5.24 -6.35 21.44
C TRP C 406 3.89 -6.29 20.80
N GLN C 407 3.21 -5.17 20.98
CA GLN C 407 1.89 -4.95 20.43
C GLN C 407 2.11 -4.08 19.19
N ALA C 408 1.37 -4.32 18.13
CA ALA C 408 1.55 -3.53 16.93
C ALA C 408 1.04 -2.12 17.13
N THR C 409 1.65 -1.15 16.46
CA THR C 409 1.21 0.24 16.57
C THR C 409 1.61 1.06 15.38
N TRP C 410 1.14 2.30 15.34
CA TRP C 410 1.44 3.18 14.24
C TRP C 410 0.76 4.52 14.47
N ILE C 411 1.19 5.51 13.70
CA ILE C 411 0.62 6.85 13.73
C ILE C 411 0.80 7.33 12.28
N PRO C 412 -0.14 8.14 11.78
CA PRO C 412 0.05 8.60 10.40
C PRO C 412 1.06 9.74 10.33
N GLU C 413 1.34 10.19 9.10
CA GLU C 413 2.27 11.30 8.85
C GLU C 413 2.16 12.41 9.90
N TRP C 414 3.29 12.71 10.53
CA TRP C 414 3.34 13.74 11.57
C TRP C 414 4.75 14.25 11.80
N GLU C 415 4.84 15.51 12.21
CA GLU C 415 6.13 16.11 12.52
C GLU C 415 6.14 16.33 14.03
N PHE C 416 7.27 16.79 14.57
CA PHE C 416 7.37 17.05 15.99
C PHE C 416 7.22 18.52 16.29
N VAL C 417 6.24 18.89 17.10
CA VAL C 417 6.09 20.29 17.45
C VAL C 417 6.81 20.45 18.78
N ASN C 418 7.60 21.53 18.88
CA ASN C 418 8.37 21.76 20.08
C ASN C 418 7.59 22.63 20.98
N THR C 419 6.81 21.99 21.80
CA THR C 419 5.97 22.76 22.64
C THR C 419 5.55 21.97 23.85
N PRO C 420 6.42 21.92 24.88
CA PRO C 420 6.15 21.19 26.11
C PRO C 420 4.77 21.49 26.72
N PRO C 421 4.28 20.66 27.63
CA PRO C 421 4.98 19.48 28.09
C PRO C 421 5.12 18.46 27.01
N LEU C 422 6.30 18.11 26.99
CA LEU C 422 6.61 17.13 26.02
C LEU C 422 6.29 15.77 26.56
N VAL C 423 6.17 14.84 25.63
CA VAL C 423 5.85 13.45 25.94
C VAL C 423 7.03 12.53 25.66
N LYS C 424 7.43 11.77 26.68
CA LYS C 424 8.54 10.83 26.55
C LYS C 424 8.55 9.89 27.74
N LEU C 425 8.64 8.60 27.48
CA LEU C 425 8.65 7.61 28.55
C LEU C 425 9.65 8.09 29.61
N TRP C 426 9.40 7.72 30.86
CA TRP C 426 10.26 8.11 31.96
C TRP C 426 11.31 7.07 32.40
N TYR C 427 10.99 5.79 32.35
CA TYR C 427 12.04 4.86 32.72
C TYR C 427 12.41 3.92 31.58
N GLN C 428 13.16 2.87 31.87
CA GLN C 428 13.57 1.97 30.81
C GLN C 428 14.30 0.72 31.25
N LEU C 429 13.63 -0.43 31.14
CA LEU C 429 14.27 -1.68 31.55
C LEU C 429 15.58 -1.91 30.81
N GLU C 430 16.20 -3.06 31.08
CA GLU C 430 17.47 -3.43 30.45
C GLU C 430 17.27 -4.66 29.62
N LYS C 431 18.08 -4.80 28.56
CA LYS C 431 17.99 -5.97 27.71
C LYS C 431 18.80 -7.13 28.28
N GLU C 432 19.93 -6.79 28.90
CA GLU C 432 20.84 -7.77 29.49
C GLU C 432 21.10 -7.57 30.99
N PRO C 433 21.34 -8.68 31.72
CA PRO C 433 21.58 -8.53 33.15
C PRO C 433 22.79 -7.64 33.35
N ILE C 434 22.71 -6.73 34.32
CA ILE C 434 23.80 -5.81 34.56
C ILE C 434 24.73 -6.33 35.67
N VAL C 435 26.02 -6.02 35.56
CA VAL C 435 27.01 -6.43 36.56
C VAL C 435 27.43 -5.20 37.39
N GLY C 436 27.07 -5.24 38.67
CA GLY C 436 27.36 -4.13 39.57
C GLY C 436 26.14 -3.94 40.44
N ALA C 437 25.34 -5.00 40.51
CA ALA C 437 24.10 -5.04 41.29
C ALA C 437 23.80 -6.47 41.74
N GLU C 438 23.08 -6.59 42.86
CA GLU C 438 22.72 -7.90 43.38
C GLU C 438 21.53 -8.35 42.57
N THR C 439 21.39 -9.66 42.37
CA THR C 439 20.22 -10.16 41.65
C THR C 439 19.16 -10.48 42.72
N PHE C 440 18.19 -9.60 42.87
CA PHE C 440 17.13 -9.80 43.85
C PHE C 440 16.04 -10.76 43.41
N TYR C 441 15.98 -11.94 44.00
CA TYR C 441 14.94 -12.89 43.65
C TYR C 441 13.69 -12.56 44.47
N VAL C 442 12.64 -12.07 43.81
CA VAL C 442 11.40 -11.69 44.50
C VAL C 442 10.27 -12.71 44.40
N ASP C 443 9.20 -12.43 45.15
CA ASP C 443 8.01 -13.27 45.20
C ASP C 443 7.11 -12.86 46.39
N GLY C 444 5.88 -13.37 46.40
CA GLY C 444 4.94 -13.07 47.46
C GLY C 444 3.81 -14.09 47.35
N ALA C 445 3.02 -14.24 48.39
CA ALA C 445 1.91 -15.20 48.34
C ALA C 445 0.83 -14.78 49.31
N ALA C 446 -0.36 -15.36 49.15
CA ALA C 446 -1.48 -15.03 50.02
C ALA C 446 -2.50 -16.17 50.04
N ASN C 447 -3.34 -16.16 51.06
CA ASN C 447 -4.37 -17.18 51.22
C ASN C 447 -5.71 -16.47 51.11
N ARG C 448 -6.45 -16.78 50.04
CA ARG C 448 -7.76 -16.17 49.81
C ARG C 448 -8.59 -16.25 51.09
N GLU C 449 -8.73 -17.47 51.60
CA GLU C 449 -9.50 -17.76 52.81
C GLU C 449 -9.10 -16.95 54.03
N THR C 450 -8.13 -16.06 53.88
CA THR C 450 -7.68 -15.24 55.02
C THR C 450 -7.47 -13.77 54.74
N LYS C 451 -7.16 -13.43 53.48
CA LYS C 451 -6.91 -12.06 53.04
C LYS C 451 -5.47 -11.63 53.36
N LEU C 452 -4.73 -12.54 53.97
CA LEU C 452 -3.34 -12.27 54.37
C LEU C 452 -2.27 -13.06 53.58
N GLY C 453 -1.01 -12.67 53.77
CA GLY C 453 0.10 -13.32 53.11
C GLY C 453 1.34 -12.43 53.22
N LYS C 454 2.51 -13.01 52.92
CA LYS C 454 3.78 -12.29 52.99
C LYS C 454 4.40 -12.07 51.63
N ALA C 455 5.49 -11.31 51.59
CA ALA C 455 6.20 -11.00 50.34
C ALA C 455 7.59 -10.47 50.62
N GLY C 456 8.60 -10.91 49.88
CA GLY C 456 9.94 -10.42 50.11
C GLY C 456 10.96 -10.93 49.10
N TYR C 457 12.21 -11.12 49.51
CA TYR C 457 13.22 -11.59 48.57
C TYR C 457 14.49 -12.15 49.21
N VAL C 458 15.33 -12.71 48.37
CA VAL C 458 16.62 -13.29 48.75
C VAL C 458 17.64 -12.80 47.73
N THR C 459 18.67 -12.08 48.14
CA THR C 459 19.68 -11.62 47.17
C THR C 459 20.79 -12.67 47.05
N ASN C 460 21.61 -12.55 46.01
CA ASN C 460 22.73 -13.48 45.78
C ASN C 460 23.72 -13.43 46.96
N LYS C 461 23.78 -12.27 47.61
CA LYS C 461 24.65 -12.03 48.77
C LYS C 461 23.97 -12.45 50.07
N GLY C 462 23.11 -13.47 49.99
CA GLY C 462 22.41 -13.92 51.18
C GLY C 462 21.40 -12.96 51.81
N ARG C 463 21.39 -11.68 51.43
CA ARG C 463 20.43 -10.74 52.03
C ARG C 463 19.00 -11.31 52.02
N GLN C 464 18.08 -10.68 52.74
CA GLN C 464 16.70 -11.19 52.85
C GLN C 464 15.80 -10.12 53.44
N LYS C 465 14.50 -10.21 53.15
CA LYS C 465 13.51 -9.29 53.69
C LYS C 465 12.16 -9.97 53.45
N VAL C 466 11.23 -9.87 54.40
CA VAL C 466 9.91 -10.49 54.23
C VAL C 466 8.85 -9.71 54.99
N VAL C 467 8.20 -8.76 54.35
CA VAL C 467 7.14 -8.00 55.02
C VAL C 467 5.84 -8.78 54.89
N PRO C 468 5.02 -8.82 55.95
CA PRO C 468 3.76 -9.56 55.82
C PRO C 468 2.64 -8.58 55.55
N LEU C 469 1.69 -8.97 54.70
CA LEU C 469 0.58 -8.07 54.36
C LEU C 469 -0.81 -8.68 54.59
N THR C 470 -1.74 -7.75 54.86
CA THR C 470 -3.15 -8.06 55.13
C THR C 470 -4.07 -7.30 54.15
N ASN C 471 -5.04 -8.06 53.67
CA ASN C 471 -6.02 -7.55 52.69
C ASN C 471 -5.27 -7.28 51.38
N THR C 472 -4.96 -8.40 50.72
CA THR C 472 -4.23 -8.45 49.42
C THR C 472 -4.20 -9.90 48.95
N THR C 473 -4.02 -10.09 47.66
CA THR C 473 -3.94 -11.45 47.11
C THR C 473 -2.55 -11.66 46.48
N ASN C 474 -2.40 -12.81 45.85
CA ASN C 474 -1.13 -13.24 45.22
C ASN C 474 -0.57 -12.18 44.25
N GLN C 475 -1.44 -11.68 43.38
CA GLN C 475 -1.06 -10.68 42.36
C GLN C 475 -0.72 -9.33 43.00
N LYS C 476 -1.08 -9.23 44.26
CA LYS C 476 -0.80 -8.02 45.05
C LYS C 476 0.58 -8.17 45.66
N THR C 477 0.78 -9.34 46.23
CA THR C 477 2.02 -9.71 46.91
C THR C 477 3.17 -9.79 45.91
N GLU C 478 2.99 -10.55 44.83
CA GLU C 478 4.03 -10.72 43.82
C GLU C 478 4.40 -9.37 43.22
N LEU C 479 3.47 -8.43 43.28
CA LEU C 479 3.73 -7.11 42.73
C LEU C 479 4.27 -6.30 43.89
N GLN C 480 4.14 -6.86 45.08
CA GLN C 480 4.62 -6.20 46.29
C GLN C 480 6.13 -6.43 46.35
N ALA C 481 6.52 -7.71 46.29
CA ALA C 481 7.92 -8.08 46.32
C ALA C 481 8.72 -7.09 45.45
N ILE C 482 8.42 -7.07 44.17
CA ILE C 482 9.10 -6.17 43.26
C ILE C 482 9.24 -4.77 43.85
N TYR C 483 8.36 -4.37 44.77
CA TYR C 483 8.49 -3.04 45.31
C TYR C 483 9.70 -2.87 46.19
N LEU C 484 9.85 -3.78 47.16
CA LEU C 484 10.96 -3.76 48.10
C LEU C 484 12.24 -3.66 47.30
N ALA C 485 12.63 -4.77 46.69
CA ALA C 485 13.84 -4.83 45.88
C ALA C 485 14.14 -3.49 45.18
N LEU C 486 13.10 -2.71 44.94
CA LEU C 486 13.28 -1.43 44.28
C LEU C 486 13.41 -0.28 45.25
N GLN C 487 13.92 -0.59 46.43
CA GLN C 487 14.15 0.39 47.49
C GLN C 487 15.43 -0.17 48.12
N ASP C 488 15.30 -1.41 48.57
CA ASP C 488 16.37 -2.17 49.17
C ASP C 488 17.30 -2.59 48.04
N SER C 489 17.83 -1.60 47.35
CA SER C 489 18.73 -1.85 46.24
C SER C 489 19.32 -0.53 45.76
N GLY C 490 20.48 -0.63 45.12
CA GLY C 490 21.19 0.55 44.65
C GLY C 490 20.50 1.38 43.59
N LEU C 491 21.25 1.69 42.53
CA LEU C 491 20.74 2.47 41.42
C LEU C 491 20.79 1.52 40.22
N GLU C 492 21.27 0.33 40.50
CA GLU C 492 21.39 -0.72 39.49
C GLU C 492 20.99 -2.03 40.15
N VAL C 493 20.17 -2.82 39.45
CA VAL C 493 19.71 -4.09 39.99
C VAL C 493 19.04 -5.03 39.01
N ASN C 494 19.10 -6.32 39.33
CA ASN C 494 18.49 -7.37 38.57
C ASN C 494 17.41 -7.92 39.49
N ILE C 495 16.17 -7.99 39.03
CA ILE C 495 15.10 -8.53 39.87
C ILE C 495 14.54 -9.74 39.17
N VAL C 496 14.16 -10.76 39.92
CA VAL C 496 13.62 -11.95 39.28
C VAL C 496 12.27 -12.33 39.83
N THR C 497 11.26 -12.43 38.95
CA THR C 497 9.91 -12.80 39.36
C THR C 497 9.45 -14.03 38.65
N ASP C 498 8.22 -14.41 38.96
CA ASP C 498 7.58 -15.57 38.36
C ASP C 498 6.15 -15.18 37.91
N SER C 499 5.77 -13.94 38.21
CA SER C 499 4.47 -13.43 37.81
C SER C 499 4.56 -12.71 36.47
N GLN C 500 4.01 -13.32 35.44
CA GLN C 500 4.03 -12.72 34.12
C GLN C 500 3.25 -11.45 34.37
N TYR C 501 2.23 -11.60 35.22
CA TYR C 501 1.38 -10.48 35.58
C TYR C 501 2.20 -9.22 35.93
N ALA C 502 2.90 -9.27 37.06
CA ALA C 502 3.71 -8.14 37.49
C ALA C 502 4.74 -7.83 36.45
N LEU C 503 5.31 -8.88 35.84
CA LEU C 503 6.32 -8.67 34.82
C LEU C 503 5.74 -7.89 33.63
N GLY C 504 4.64 -8.41 33.09
CA GLY C 504 3.99 -7.76 31.98
C GLY C 504 3.77 -6.31 32.34
N ILE C 505 2.88 -6.08 33.29
CA ILE C 505 2.57 -4.73 33.72
C ILE C 505 3.73 -3.77 33.54
N ILE C 506 4.91 -4.19 34.02
CA ILE C 506 6.12 -3.38 33.99
C ILE C 506 6.72 -3.13 32.62
N GLN C 507 7.05 -4.20 31.91
CA GLN C 507 7.65 -4.06 30.58
C GLN C 507 6.95 -2.99 29.73
N ALA C 508 5.63 -2.93 29.86
CA ALA C 508 4.79 -1.97 29.14
C ALA C 508 5.23 -0.53 29.39
N GLN C 509 6.19 -0.38 30.29
CA GLN C 509 6.73 0.93 30.64
C GLN C 509 5.66 1.88 31.15
N PRO C 510 4.82 1.39 32.08
CA PRO C 510 3.77 2.25 32.65
C PRO C 510 4.38 3.52 33.17
N ASP C 511 3.59 4.57 33.25
CA ASP C 511 4.14 5.83 33.75
C ASP C 511 3.05 6.53 34.51
N LYS C 512 2.06 5.75 34.90
CA LYS C 512 0.90 6.24 35.64
C LYS C 512 -0.09 5.09 35.77
N SER C 513 -0.84 5.06 36.87
CA SER C 513 -1.82 3.99 37.05
C SER C 513 -2.89 4.44 38.01
N GLU C 514 -3.67 3.48 38.48
CA GLU C 514 -4.74 3.78 39.41
C GLU C 514 -4.25 3.51 40.82
N SER C 515 -3.70 2.30 41.03
CA SER C 515 -3.19 1.88 42.35
C SER C 515 -1.85 2.52 42.67
N GLU C 516 -1.66 2.89 43.94
CA GLU C 516 -0.43 3.53 44.35
C GLU C 516 0.77 2.59 44.26
N LEU C 517 0.58 1.35 44.72
CA LEU C 517 1.63 0.35 44.67
C LEU C 517 2.36 0.51 43.33
N VAL C 518 1.61 0.30 42.26
CA VAL C 518 2.16 0.39 40.93
C VAL C 518 2.42 1.82 40.47
N ASN C 519 2.25 2.78 41.37
CA ASN C 519 2.52 4.17 41.04
C ASN C 519 3.88 4.45 41.67
N GLN C 520 4.11 3.75 42.78
CA GLN C 520 5.34 3.86 43.51
C GLN C 520 6.33 2.88 42.90
N ILE C 521 5.84 1.72 42.45
CA ILE C 521 6.75 0.78 41.80
C ILE C 521 7.29 1.49 40.56
N ILE C 522 6.52 2.46 40.08
CA ILE C 522 6.95 3.22 38.94
C ILE C 522 8.02 4.18 39.42
N GLU C 523 7.70 4.87 40.51
CA GLU C 523 8.59 5.85 41.09
C GLU C 523 9.99 5.31 41.32
N GLN C 524 10.09 4.09 41.83
CA GLN C 524 11.40 3.48 42.06
C GLN C 524 12.16 3.36 40.75
N LEU C 525 11.45 3.03 39.67
CA LEU C 525 12.07 2.86 38.35
C LEU C 525 12.60 4.15 37.75
N ILE C 526 11.82 5.21 37.85
CA ILE C 526 12.27 6.48 37.31
C ILE C 526 13.48 6.95 38.11
N LYS C 527 13.53 6.53 39.38
CA LYS C 527 14.60 6.90 40.31
C LYS C 527 15.92 6.16 40.01
N LYS C 528 15.86 4.83 39.96
CA LYS C 528 17.05 4.04 39.69
C LYS C 528 17.65 4.35 38.32
N GLU C 529 18.90 3.97 38.14
CA GLU C 529 19.63 4.23 36.89
C GLU C 529 19.69 3.01 36.00
N LYS C 530 19.48 1.84 36.58
CA LYS C 530 19.49 0.62 35.80
C LYS C 530 18.74 -0.53 36.43
N VAL C 531 17.79 -1.08 35.69
CA VAL C 531 17.02 -2.20 36.16
C VAL C 531 16.87 -3.20 35.04
N TYR C 532 16.70 -4.44 35.41
CA TYR C 532 16.54 -5.51 34.46
C TYR C 532 15.74 -6.56 35.21
N LEU C 533 14.66 -7.05 34.59
CA LEU C 533 13.83 -8.09 35.20
C LEU C 533 13.87 -9.33 34.35
N ALA C 534 13.86 -10.48 35.00
CA ALA C 534 13.89 -11.72 34.27
C ALA C 534 12.74 -12.53 34.83
N TRP C 535 12.38 -13.59 34.14
CA TRP C 535 11.26 -14.39 34.57
C TRP C 535 11.60 -15.86 34.68
N VAL C 536 10.95 -16.52 35.64
CA VAL C 536 11.14 -17.95 35.83
C VAL C 536 9.85 -18.58 36.33
N PRO C 537 9.54 -19.76 35.79
CA PRO C 537 8.37 -20.58 36.10
C PRO C 537 8.33 -21.09 37.53
N ALA C 538 7.81 -20.30 38.45
CA ALA C 538 7.75 -20.72 39.85
C ALA C 538 7.31 -22.19 39.97
N HIS C 539 7.66 -22.82 41.10
CA HIS C 539 7.30 -24.21 41.35
C HIS C 539 7.92 -25.13 40.31
N LYS C 540 9.11 -24.76 39.83
CA LYS C 540 9.82 -25.55 38.83
C LYS C 540 11.14 -26.11 39.35
N GLY C 541 11.70 -25.46 40.37
CA GLY C 541 12.96 -25.91 40.94
C GLY C 541 14.06 -24.87 40.80
N ILE C 542 13.92 -23.99 39.82
CA ILE C 542 14.90 -22.95 39.60
C ILE C 542 15.33 -22.28 40.90
N GLY C 543 16.54 -22.62 41.29
CA GLY C 543 17.16 -22.12 42.51
C GLY C 543 16.75 -20.78 43.10
N GLY C 544 17.35 -19.70 42.61
CA GLY C 544 17.07 -18.38 43.13
C GLY C 544 15.67 -18.14 43.66
N ASN C 545 14.74 -18.96 43.20
CA ASN C 545 13.34 -18.87 43.60
C ASN C 545 13.02 -19.62 44.88
N GLU C 546 13.08 -20.95 44.81
CA GLU C 546 12.79 -21.82 45.94
C GLU C 546 13.09 -21.07 47.24
N GLN C 547 14.25 -20.43 47.30
CA GLN C 547 14.63 -19.67 48.47
C GLN C 547 13.47 -18.76 48.86
N VAL C 548 13.23 -17.73 48.05
CA VAL C 548 12.15 -16.77 48.32
C VAL C 548 10.80 -17.42 48.47
N ASP C 549 10.53 -18.45 47.67
CA ASP C 549 9.23 -19.10 47.77
C ASP C 549 8.99 -19.55 49.20
N LYS C 550 9.72 -20.58 49.62
CA LYS C 550 9.57 -21.13 50.96
C LYS C 550 9.53 -20.01 52.00
N LEU C 551 10.39 -19.01 51.82
CA LEU C 551 10.47 -17.88 52.74
C LEU C 551 9.13 -17.15 52.83
N VAL C 552 8.39 -17.12 51.73
CA VAL C 552 7.10 -16.45 51.72
C VAL C 552 5.92 -17.41 51.71
N SER C 553 6.22 -18.70 51.73
CA SER C 553 5.18 -19.74 51.76
C SER C 553 4.79 -20.15 53.19
N ALA C 554 5.05 -19.27 54.15
CA ALA C 554 4.67 -19.53 55.54
C ALA C 554 3.16 -19.26 55.58
N GLY C 555 2.42 -20.16 54.94
CA GLY C 555 0.98 -20.06 54.81
C GLY C 555 0.65 -20.44 53.37
N ILE C 556 0.78 -21.74 53.08
CA ILE C 556 0.55 -22.32 51.75
C ILE C 556 -0.85 -22.86 51.55
N ARG C 557 -1.60 -23.01 52.63
CA ARG C 557 -2.96 -23.53 52.53
C ARG C 557 -3.74 -23.36 53.83
N LYS C 558 -4.97 -23.87 53.84
CA LYS C 558 -5.84 -23.79 55.00
C LYS C 558 -6.08 -22.34 55.40
N PRO D 1 -35.19 -8.85 -12.32
CA PRO D 1 -35.61 -10.19 -11.83
C PRO D 1 -34.73 -11.36 -12.36
N ILE D 2 -33.42 -11.12 -12.39
CA ILE D 2 -32.38 -12.03 -12.86
C ILE D 2 -32.57 -13.53 -13.16
N SER D 3 -33.11 -14.44 -12.26
CA SER D 3 -33.14 -15.82 -12.72
C SER D 3 -34.47 -16.48 -12.39
N PRO D 4 -34.97 -17.35 -13.38
CA PRO D 4 -36.22 -18.11 -13.19
C PRO D 4 -36.05 -19.13 -12.09
N ILE D 5 -34.80 -19.50 -11.82
CA ILE D 5 -34.46 -20.48 -10.81
C ILE D 5 -35.24 -20.23 -9.50
N GLU D 6 -35.66 -21.32 -8.86
CA GLU D 6 -36.44 -21.29 -7.62
C GLU D 6 -35.60 -20.98 -6.38
N THR D 7 -35.99 -19.92 -5.67
CA THR D 7 -35.31 -19.46 -4.46
C THR D 7 -35.17 -20.53 -3.38
N VAL D 8 -33.96 -20.69 -2.84
CA VAL D 8 -33.74 -21.68 -1.77
C VAL D 8 -33.88 -20.99 -0.39
N PRO D 9 -34.70 -21.56 0.50
CA PRO D 9 -34.99 -21.09 1.85
C PRO D 9 -33.81 -21.18 2.81
N VAL D 10 -33.77 -20.25 3.74
CA VAL D 10 -32.71 -20.20 4.74
C VAL D 10 -33.28 -19.60 6.02
N LYS D 11 -32.95 -20.18 7.15
CA LYS D 11 -33.44 -19.68 8.43
C LYS D 11 -32.33 -19.66 9.45
N LEU D 12 -31.93 -18.46 9.88
CA LEU D 12 -30.84 -18.28 10.84
C LEU D 12 -30.94 -19.26 12.04
N LYS D 13 -29.81 -19.48 12.71
CA LYS D 13 -29.75 -20.39 13.85
C LYS D 13 -30.84 -20.05 14.87
N PRO D 14 -31.60 -21.06 15.31
CA PRO D 14 -32.70 -20.87 16.28
C PRO D 14 -32.38 -19.94 17.45
N GLY D 15 -33.39 -19.20 17.89
CA GLY D 15 -33.22 -18.30 19.01
C GLY D 15 -32.16 -17.24 18.78
N MET D 16 -31.97 -16.86 17.52
CA MET D 16 -31.00 -15.83 17.15
C MET D 16 -31.63 -14.94 16.10
N ASP D 17 -31.52 -13.63 16.28
CA ASP D 17 -32.10 -12.71 15.32
C ASP D 17 -31.03 -12.27 14.34
N GLY D 18 -31.42 -11.48 13.36
CA GLY D 18 -30.46 -11.02 12.38
C GLY D 18 -29.49 -9.99 12.90
N PRO D 19 -28.54 -9.57 12.05
CA PRO D 19 -27.51 -8.58 12.36
C PRO D 19 -28.02 -7.19 12.59
N LYS D 20 -27.55 -6.57 13.67
CA LYS D 20 -27.93 -5.20 14.00
C LYS D 20 -26.64 -4.50 14.37
N VAL D 21 -25.71 -4.48 13.42
CA VAL D 21 -24.39 -3.87 13.59
C VAL D 21 -24.34 -2.46 13.03
N LYS D 22 -23.71 -1.52 13.72
CA LYS D 22 -23.65 -0.15 13.22
C LYS D 22 -22.65 0.14 12.11
N GLN D 23 -22.87 1.24 11.40
CA GLN D 23 -22.01 1.60 10.26
C GLN D 23 -20.89 2.49 10.66
N TRP D 24 -19.67 1.98 10.46
CA TRP D 24 -18.49 2.75 10.82
C TRP D 24 -18.17 3.83 9.83
N PRO D 25 -17.49 4.88 10.26
CA PRO D 25 -17.14 5.96 9.35
C PRO D 25 -16.41 5.47 8.12
N LEU D 26 -16.66 6.16 7.00
CA LEU D 26 -16.02 5.83 5.74
C LEU D 26 -15.43 7.13 5.26
N THR D 27 -14.33 7.03 4.53
CA THR D 27 -13.64 8.18 4.01
C THR D 27 -14.12 8.47 2.59
N GLU D 28 -14.45 9.73 2.31
CA GLU D 28 -14.93 10.16 1.00
C GLU D 28 -14.56 9.19 -0.12
N GLU D 29 -13.28 9.10 -0.39
CA GLU D 29 -12.74 8.20 -1.41
C GLU D 29 -13.49 6.85 -1.47
N LYS D 30 -13.98 6.38 -0.33
CA LYS D 30 -14.68 5.11 -0.29
C LYS D 30 -16.15 5.29 -0.45
N ILE D 31 -16.72 6.30 0.20
CA ILE D 31 -18.15 6.52 0.06
C ILE D 31 -18.42 6.68 -1.43
N LYS D 32 -17.78 7.68 -2.03
CA LYS D 32 -17.92 7.95 -3.45
C LYS D 32 -18.03 6.62 -4.16
N ALA D 33 -16.98 5.80 -4.05
CA ALA D 33 -16.97 4.49 -4.70
C ALA D 33 -18.18 3.68 -4.34
N LEU D 34 -18.33 3.43 -3.04
CA LEU D 34 -19.44 2.64 -2.50
C LEU D 34 -20.80 3.10 -3.00
N VAL D 35 -20.89 4.37 -3.37
CA VAL D 35 -22.13 4.93 -3.88
C VAL D 35 -22.31 4.42 -5.31
N GLU D 36 -21.45 4.89 -6.21
CA GLU D 36 -21.48 4.49 -7.61
C GLU D 36 -21.72 3.00 -7.79
N ILE D 37 -21.03 2.16 -7.02
CA ILE D 37 -21.21 0.73 -7.18
C ILE D 37 -22.48 0.19 -6.50
N CYS D 38 -23.23 1.09 -5.89
CA CYS D 38 -24.48 0.69 -5.26
C CYS D 38 -25.61 1.25 -6.12
N THR D 39 -25.41 2.45 -6.65
CA THR D 39 -26.39 3.09 -7.52
C THR D 39 -26.63 2.15 -8.68
N GLU D 40 -25.55 1.69 -9.30
CA GLU D 40 -25.68 0.84 -10.46
C GLU D 40 -26.24 -0.54 -10.16
N MET D 41 -25.95 -1.07 -9.00
CA MET D 41 -26.45 -2.41 -8.63
C MET D 41 -27.97 -2.35 -8.36
N GLU D 42 -28.42 -1.13 -8.09
CA GLU D 42 -29.80 -0.82 -7.79
C GLU D 42 -30.63 -0.85 -9.11
N LYS D 43 -30.04 -0.28 -10.16
CA LYS D 43 -30.67 -0.24 -11.46
C LYS D 43 -30.84 -1.66 -11.92
N GLU D 44 -29.75 -2.38 -12.14
CA GLU D 44 -29.88 -3.78 -12.56
C GLU D 44 -30.74 -4.47 -11.50
N GLY D 45 -31.08 -3.72 -10.46
CA GLY D 45 -31.92 -4.22 -9.38
C GLY D 45 -31.52 -5.48 -8.64
N LYS D 46 -30.24 -5.58 -8.28
CA LYS D 46 -29.74 -6.72 -7.52
C LYS D 46 -29.95 -6.30 -6.06
N ILE D 47 -30.01 -4.98 -5.91
CA ILE D 47 -30.18 -4.33 -4.63
C ILE D 47 -31.45 -3.48 -4.65
N SER D 48 -32.01 -3.19 -3.48
CA SER D 48 -33.22 -2.38 -3.40
C SER D 48 -33.16 -1.40 -2.26
N LYS D 49 -33.56 -0.16 -2.51
CA LYS D 49 -33.53 0.82 -1.42
C LYS D 49 -34.53 0.40 -0.31
N ILE D 50 -34.29 0.80 0.94
CA ILE D 50 -35.19 0.46 2.06
C ILE D 50 -34.99 1.50 3.15
N GLY D 51 -36.01 1.70 4.00
CA GLY D 51 -35.92 2.68 5.09
C GLY D 51 -35.74 2.13 6.50
N PRO D 52 -36.24 2.84 7.54
CA PRO D 52 -36.15 2.43 8.94
C PRO D 52 -36.86 1.14 9.27
N GLU D 53 -38.06 0.96 8.70
CA GLU D 53 -38.85 -0.24 8.95
C GLU D 53 -38.03 -1.53 9.08
N ASN D 54 -36.90 -1.62 8.38
CA ASN D 54 -36.05 -2.80 8.45
C ASN D 54 -35.04 -2.63 9.61
N PRO D 55 -35.32 -3.26 10.76
CA PRO D 55 -34.55 -3.26 12.00
C PRO D 55 -33.17 -3.85 11.94
N TYR D 56 -32.78 -4.46 10.83
CA TYR D 56 -31.46 -5.06 10.78
C TYR D 56 -30.43 -4.21 10.05
N ASN D 57 -29.17 -4.62 10.17
CA ASN D 57 -28.08 -3.92 9.50
C ASN D 57 -26.75 -4.68 9.57
N THR D 58 -25.82 -4.25 8.74
CA THR D 58 -24.47 -4.81 8.63
C THR D 58 -23.63 -3.72 8.01
N PRO D 59 -22.35 -3.67 8.34
CA PRO D 59 -21.67 -2.55 7.69
C PRO D 59 -20.99 -2.84 6.38
N VAL D 60 -20.78 -1.78 5.61
CA VAL D 60 -20.13 -1.87 4.33
C VAL D 60 -19.03 -0.87 4.22
N PHE D 61 -18.03 -1.22 3.43
CA PHE D 61 -16.91 -0.37 3.17
C PHE D 61 -16.35 -0.94 1.88
N ALA D 62 -15.53 -0.18 1.17
CA ALA D 62 -14.99 -0.67 -0.08
C ALA D 62 -13.49 -0.54 -0.14
N ILE D 63 -12.85 -1.46 -0.86
CA ILE D 63 -11.40 -1.46 -1.00
C ILE D 63 -10.96 -1.38 -2.45
N LYS D 64 -10.14 -0.40 -2.78
CA LYS D 64 -9.64 -0.30 -4.16
C LYS D 64 -8.57 -1.38 -4.30
N LYS D 65 -8.93 -2.50 -4.91
CA LYS D 65 -7.98 -3.57 -5.07
C LYS D 65 -6.79 -3.10 -5.88
N LYS D 66 -5.59 -3.40 -5.39
CA LYS D 66 -4.36 -3.02 -6.08
C LYS D 66 -4.25 -4.04 -7.19
N ASP D 67 -4.82 -5.20 -6.91
CA ASP D 67 -4.86 -6.30 -7.85
C ASP D 67 -5.37 -5.83 -9.21
N SER D 68 -6.43 -5.01 -9.22
CA SER D 68 -7.02 -4.54 -10.46
C SER D 68 -7.36 -3.05 -10.56
N THR D 69 -6.97 -2.26 -9.55
CA THR D 69 -7.27 -0.83 -9.56
C THR D 69 -8.75 -0.55 -9.71
N LYS D 70 -9.59 -1.54 -9.39
CA LYS D 70 -11.04 -1.38 -9.50
C LYS D 70 -11.71 -1.60 -8.15
N TRP D 71 -12.36 -0.55 -7.63
CA TRP D 71 -13.06 -0.60 -6.35
C TRP D 71 -13.98 -1.79 -6.23
N ARG D 72 -14.03 -2.37 -5.04
CA ARG D 72 -14.86 -3.53 -4.78
C ARG D 72 -15.67 -3.27 -3.50
N LYS D 73 -17.00 -3.42 -3.56
CA LYS D 73 -17.81 -3.19 -2.37
C LYS D 73 -17.58 -4.36 -1.46
N LEU D 74 -17.55 -4.09 -0.16
CA LEU D 74 -17.35 -5.16 0.82
C LEU D 74 -18.32 -5.01 1.99
N VAL D 75 -19.11 -6.05 2.22
CA VAL D 75 -20.07 -6.05 3.30
C VAL D 75 -19.51 -7.00 4.35
N ASP D 76 -19.45 -6.54 5.59
CA ASP D 76 -18.91 -7.34 6.68
C ASP D 76 -19.90 -8.38 7.23
N PHE D 77 -20.41 -9.24 6.37
CA PHE D 77 -21.38 -10.24 6.80
C PHE D 77 -20.96 -11.30 7.84
N ARG D 78 -20.03 -10.96 8.72
CA ARG D 78 -19.59 -11.95 9.72
C ARG D 78 -20.67 -12.34 10.75
N GLU D 79 -21.47 -11.38 11.20
CA GLU D 79 -22.51 -11.74 12.15
C GLU D 79 -23.48 -12.62 11.41
N LEU D 80 -24.13 -12.03 10.40
CA LEU D 80 -25.09 -12.75 9.58
C LEU D 80 -24.59 -14.11 9.21
N ASN D 81 -23.31 -14.16 8.82
CA ASN D 81 -22.66 -15.42 8.44
C ASN D 81 -22.68 -16.43 9.56
N LYS D 82 -22.49 -15.91 10.78
CA LYS D 82 -22.46 -16.71 11.98
C LYS D 82 -23.89 -17.18 12.24
N ARG D 83 -24.81 -16.22 12.38
CA ARG D 83 -26.23 -16.50 12.63
C ARG D 83 -26.78 -17.65 11.78
N THR D 84 -26.59 -17.54 10.46
CA THR D 84 -27.07 -18.55 9.51
C THR D 84 -26.03 -19.64 9.34
N GLN D 85 -26.32 -20.90 9.67
CA GLN D 85 -25.25 -21.90 9.48
C GLN D 85 -25.51 -23.41 9.42
N ASP D 86 -26.76 -23.85 9.35
CA ASP D 86 -26.97 -25.28 9.21
C ASP D 86 -26.73 -25.42 7.72
N PHE D 87 -26.78 -24.24 7.12
CA PHE D 87 -26.62 -23.99 5.70
C PHE D 87 -25.31 -24.45 5.03
N TRP D 88 -24.27 -23.65 5.25
CA TRP D 88 -22.96 -23.85 4.66
C TRP D 88 -21.95 -24.83 5.27
N GLU D 89 -22.23 -25.41 6.44
CA GLU D 89 -21.27 -26.35 7.04
C GLU D 89 -21.84 -27.76 7.10
N VAL D 90 -23.09 -27.83 7.53
CA VAL D 90 -23.81 -29.09 7.69
C VAL D 90 -24.58 -29.49 6.41
N GLN D 91 -25.51 -28.62 6.00
CA GLN D 91 -26.36 -28.89 4.84
C GLN D 91 -25.75 -28.90 3.45
N LEU D 92 -25.13 -27.80 3.05
CA LEU D 92 -24.53 -27.72 1.73
C LEU D 92 -23.07 -27.33 1.85
N GLY D 93 -22.33 -28.13 2.61
CA GLY D 93 -20.93 -27.86 2.77
C GLY D 93 -20.27 -28.09 1.43
N ILE D 94 -19.21 -27.36 1.15
CA ILE D 94 -18.52 -27.58 -0.12
C ILE D 94 -17.20 -28.27 0.21
N PRO D 95 -17.06 -29.56 -0.16
CA PRO D 95 -15.89 -30.41 0.06
C PRO D 95 -14.54 -29.71 -0.08
N HIS D 96 -13.49 -30.38 0.36
CA HIS D 96 -12.17 -29.78 0.25
C HIS D 96 -11.22 -30.64 -0.57
N PRO D 97 -10.39 -29.98 -1.38
CA PRO D 97 -9.40 -30.59 -2.26
C PRO D 97 -8.18 -31.03 -1.48
N ALA D 98 -8.19 -32.27 -1.01
CA ALA D 98 -7.07 -32.81 -0.26
C ALA D 98 -5.77 -32.21 -0.83
N GLY D 99 -5.57 -32.39 -2.13
CA GLY D 99 -4.37 -31.91 -2.77
C GLY D 99 -4.25 -30.49 -3.32
N LEU D 100 -5.09 -29.55 -2.92
CA LEU D 100 -4.92 -28.21 -3.47
C LEU D 100 -3.61 -27.71 -2.87
N LYS D 101 -3.40 -28.02 -1.59
CA LYS D 101 -2.17 -27.60 -0.92
C LYS D 101 -0.98 -28.12 -1.71
N LYS D 102 -1.12 -29.36 -2.20
CA LYS D 102 -0.09 -30.07 -2.96
C LYS D 102 0.41 -29.45 -4.27
N LYS D 103 -0.36 -28.57 -4.91
CA LYS D 103 0.11 -27.95 -6.17
C LYS D 103 1.28 -27.01 -5.94
N LYS D 104 1.95 -26.65 -7.01
CA LYS D 104 3.11 -25.77 -6.90
C LYS D 104 2.74 -24.36 -7.31
N SER D 105 1.60 -24.23 -7.98
CA SER D 105 1.16 -22.91 -8.38
C SER D 105 -0.37 -22.87 -8.41
N VAL D 106 -0.93 -22.04 -7.53
CA VAL D 106 -2.39 -21.89 -7.42
C VAL D 106 -2.75 -20.42 -7.54
N THR D 107 -3.85 -20.13 -8.21
CA THR D 107 -4.31 -18.74 -8.38
C THR D 107 -5.74 -18.63 -7.85
N VAL D 108 -6.08 -17.40 -7.47
CA VAL D 108 -7.40 -17.09 -6.94
C VAL D 108 -8.14 -16.21 -7.91
N LEU D 109 -9.36 -16.59 -8.22
CA LEU D 109 -10.17 -15.78 -9.10
C LEU D 109 -11.32 -15.28 -8.24
N ASP D 110 -11.64 -13.99 -8.40
CA ASP D 110 -12.73 -13.39 -7.65
C ASP D 110 -14.04 -13.63 -8.40
N VAL D 111 -14.65 -14.78 -8.18
CA VAL D 111 -15.87 -15.06 -8.92
C VAL D 111 -17.15 -14.57 -8.24
N GLY D 112 -17.13 -13.31 -7.80
CA GLY D 112 -18.27 -12.72 -7.11
C GLY D 112 -19.56 -12.49 -7.88
N ASP D 113 -19.48 -11.86 -9.04
CA ASP D 113 -20.67 -11.59 -9.82
C ASP D 113 -21.45 -12.85 -10.11
N ALA D 114 -20.76 -13.97 -10.23
CA ALA D 114 -21.44 -15.22 -10.52
C ALA D 114 -22.69 -15.35 -9.64
N TYR D 115 -22.71 -14.58 -8.55
CA TYR D 115 -23.80 -14.60 -7.60
C TYR D 115 -24.98 -13.71 -7.92
N PHE D 116 -24.72 -12.57 -8.54
CA PHE D 116 -25.77 -11.61 -8.85
C PHE D 116 -26.82 -12.09 -9.84
N SER D 117 -26.85 -13.40 -10.02
CA SER D 117 -27.75 -14.05 -10.95
C SER D 117 -28.61 -15.14 -10.31
N VAL D 118 -28.78 -15.09 -8.99
CA VAL D 118 -29.61 -16.08 -8.30
C VAL D 118 -30.44 -15.32 -7.30
N PRO D 119 -31.77 -15.49 -7.35
CA PRO D 119 -32.64 -14.78 -6.42
C PRO D 119 -32.46 -15.21 -4.98
N LEU D 120 -32.25 -14.22 -4.11
CA LEU D 120 -32.08 -14.46 -2.68
C LEU D 120 -33.46 -14.78 -2.07
N ASP D 121 -33.47 -15.75 -1.16
CA ASP D 121 -34.71 -16.16 -0.51
C ASP D 121 -35.55 -14.96 -0.05
N GLU D 122 -36.80 -14.99 -0.45
CA GLU D 122 -37.74 -13.92 -0.13
C GLU D 122 -37.65 -13.35 1.26
N ASP D 123 -37.99 -14.17 2.24
CA ASP D 123 -38.01 -13.75 3.62
C ASP D 123 -36.65 -13.34 4.16
N PHE D 124 -35.64 -14.14 3.84
CA PHE D 124 -34.28 -13.90 4.31
C PHE D 124 -33.57 -12.61 3.89
N ARG D 125 -34.23 -11.79 3.08
CA ARG D 125 -33.61 -10.57 2.62
C ARG D 125 -33.53 -9.42 3.56
N LYS D 126 -34.40 -9.37 4.56
CA LYS D 126 -34.37 -8.26 5.51
C LYS D 126 -33.03 -8.21 6.22
N TYR D 127 -32.42 -9.39 6.36
CA TYR D 127 -31.15 -9.55 7.04
C TYR D 127 -29.92 -8.89 6.42
N THR D 128 -29.85 -8.92 5.11
CA THR D 128 -28.69 -8.36 4.42
C THR D 128 -28.72 -6.85 4.28
N ALA D 129 -29.57 -6.15 5.00
CA ALA D 129 -29.62 -4.71 4.84
C ALA D 129 -28.32 -4.05 5.29
N PHE D 130 -27.96 -2.92 4.67
CA PHE D 130 -26.76 -2.18 5.06
C PHE D 130 -26.99 -0.70 4.87
N THR D 131 -26.04 0.14 5.28
CA THR D 131 -26.27 1.57 5.13
C THR D 131 -25.07 2.35 4.61
N ILE D 132 -25.28 3.58 4.15
CA ILE D 132 -24.19 4.36 3.60
C ILE D 132 -24.02 5.72 4.23
N PRO D 133 -22.89 5.92 4.89
CA PRO D 133 -22.50 7.15 5.58
C PRO D 133 -22.52 8.26 4.60
N SER D 134 -22.59 9.48 5.11
CA SER D 134 -22.54 10.65 4.25
C SER D 134 -21.59 11.58 5.00
N ILE D 135 -20.60 12.12 4.28
CA ILE D 135 -19.61 13.01 4.90
C ILE D 135 -20.22 14.09 5.76
N ASN D 136 -19.64 14.28 6.94
CA ASN D 136 -20.12 15.31 7.84
C ASN D 136 -21.58 15.10 8.22
N ASN D 137 -22.09 13.91 7.93
CA ASN D 137 -23.47 13.61 8.22
C ASN D 137 -24.32 14.71 7.63
N GLU D 138 -24.23 14.82 6.31
CA GLU D 138 -24.94 15.81 5.53
C GLU D 138 -26.39 15.39 5.30
N THR D 139 -26.61 14.09 5.21
CA THR D 139 -27.94 13.55 5.00
C THR D 139 -28.01 12.26 5.77
N PRO D 140 -29.21 11.72 5.96
CA PRO D 140 -29.29 10.46 6.72
C PRO D 140 -28.59 9.36 5.92
N GLY D 141 -28.58 8.16 6.47
CA GLY D 141 -27.93 7.06 5.78
C GLY D 141 -28.80 6.59 4.65
N ILE D 142 -28.23 5.80 3.74
CA ILE D 142 -28.97 5.28 2.60
C ILE D 142 -29.01 3.75 2.72
N ARG D 143 -30.13 3.21 3.16
CA ARG D 143 -30.19 1.76 3.35
C ARG D 143 -30.59 1.04 2.09
N TYR D 144 -30.24 -0.25 2.00
CA TYR D 144 -30.56 -1.12 0.86
C TYR D 144 -30.50 -2.54 1.37
N GLN D 145 -30.96 -3.47 0.56
CA GLN D 145 -30.86 -4.89 0.90
C GLN D 145 -30.76 -5.73 -0.37
N TYR D 146 -30.26 -6.94 -0.21
CA TYR D 146 -30.06 -7.85 -1.32
C TYR D 146 -31.32 -8.59 -1.76
N ASN D 147 -31.38 -8.90 -3.06
CA ASN D 147 -32.50 -9.65 -3.66
C ASN D 147 -31.96 -10.88 -4.35
N VAL D 148 -30.67 -10.87 -4.57
CA VAL D 148 -30.00 -11.95 -5.22
C VAL D 148 -28.92 -12.44 -4.21
N LEU D 149 -28.37 -13.63 -4.39
CA LEU D 149 -27.35 -14.10 -3.47
C LEU D 149 -26.36 -12.96 -3.30
N PRO D 150 -26.01 -12.62 -2.04
CA PRO D 150 -25.08 -11.53 -1.67
C PRO D 150 -23.60 -11.90 -1.65
N GLN D 151 -22.75 -10.90 -1.81
CA GLN D 151 -21.31 -11.14 -1.83
C GLN D 151 -20.64 -11.21 -0.47
N GLY D 152 -19.99 -12.33 -0.23
CA GLY D 152 -19.30 -12.52 1.03
C GLY D 152 -20.19 -13.10 2.11
N TRP D 153 -21.29 -13.71 1.72
CA TRP D 153 -22.17 -14.31 2.67
C TRP D 153 -22.06 -15.81 2.51
N LYS D 154 -21.61 -16.48 3.56
CA LYS D 154 -21.43 -17.93 3.55
C LYS D 154 -22.48 -18.74 2.79
N GLY D 155 -23.68 -18.20 2.63
CA GLY D 155 -24.73 -18.93 1.93
C GLY D 155 -24.62 -19.02 0.41
N SER D 156 -24.20 -17.92 -0.19
CA SER D 156 -24.08 -17.85 -1.64
C SER D 156 -23.37 -19.04 -2.22
N PRO D 157 -22.08 -19.17 -1.95
CA PRO D 157 -21.35 -20.30 -2.51
C PRO D 157 -22.05 -21.64 -2.30
N ALA D 158 -22.76 -21.76 -1.18
CA ALA D 158 -23.47 -22.99 -0.83
C ALA D 158 -24.63 -23.21 -1.76
N ILE D 159 -25.35 -22.12 -2.02
CA ILE D 159 -26.51 -22.13 -2.88
C ILE D 159 -26.10 -22.25 -4.34
N PHE D 160 -25.15 -21.40 -4.75
CA PHE D 160 -24.64 -21.36 -6.13
C PHE D 160 -23.80 -22.60 -6.48
N GLN D 161 -23.28 -23.25 -5.46
CA GLN D 161 -22.48 -24.45 -5.61
C GLN D 161 -23.02 -25.43 -6.62
N SER D 162 -24.32 -25.41 -6.87
CA SER D 162 -24.85 -26.34 -7.84
C SER D 162 -24.46 -25.92 -9.24
N SER D 163 -24.88 -24.72 -9.62
CA SER D 163 -24.54 -24.21 -10.94
C SER D 163 -23.01 -24.09 -11.11
N MET D 164 -22.30 -23.85 -10.02
CA MET D 164 -20.84 -23.73 -10.11
C MET D 164 -20.20 -25.08 -10.46
N THR D 165 -20.70 -26.15 -9.87
CA THR D 165 -20.15 -27.46 -10.14
C THR D 165 -20.43 -27.83 -11.60
N LYS D 166 -21.50 -27.28 -12.15
CA LYS D 166 -21.83 -27.56 -13.54
C LYS D 166 -20.89 -26.76 -14.44
N ILE D 167 -20.86 -25.44 -14.26
CA ILE D 167 -19.99 -24.60 -15.07
C ILE D 167 -18.58 -25.14 -15.14
N LEU D 168 -18.14 -25.90 -14.14
CA LEU D 168 -16.77 -26.40 -14.16
C LEU D 168 -16.61 -27.85 -14.56
N GLU D 169 -17.72 -28.58 -14.70
CA GLU D 169 -17.66 -29.99 -15.06
C GLU D 169 -16.82 -30.27 -16.32
N PRO D 170 -16.99 -29.45 -17.36
CA PRO D 170 -16.23 -29.61 -18.61
C PRO D 170 -14.75 -29.33 -18.42
N PHE D 171 -14.45 -28.08 -18.05
CA PHE D 171 -13.07 -27.64 -17.82
C PHE D 171 -12.30 -28.67 -17.01
N LYS D 172 -12.95 -29.26 -16.02
CA LYS D 172 -12.29 -30.25 -15.19
C LYS D 172 -12.10 -31.59 -15.90
N LYS D 173 -13.05 -31.98 -16.74
CA LYS D 173 -12.92 -33.25 -17.45
C LYS D 173 -11.85 -33.14 -18.55
N GLN D 174 -11.80 -31.99 -19.22
CA GLN D 174 -10.80 -31.77 -20.29
C GLN D 174 -9.43 -31.44 -19.70
N ASN D 175 -9.41 -30.96 -18.47
CA ASN D 175 -8.17 -30.64 -17.79
C ASN D 175 -8.20 -31.34 -16.45
N PRO D 176 -8.10 -32.67 -16.45
CA PRO D 176 -8.13 -33.39 -15.19
C PRO D 176 -7.08 -33.00 -14.17
N ASP D 177 -5.91 -32.56 -14.61
CA ASP D 177 -4.87 -32.19 -13.67
C ASP D 177 -5.19 -31.02 -12.76
N ILE D 178 -5.64 -29.91 -13.36
CA ILE D 178 -5.95 -28.72 -12.56
C ILE D 178 -6.92 -29.02 -11.46
N VAL D 179 -6.73 -28.35 -10.31
CA VAL D 179 -7.61 -28.52 -9.16
C VAL D 179 -8.27 -27.19 -8.84
N ILE D 180 -9.60 -27.26 -8.66
CA ILE D 180 -10.42 -26.09 -8.38
C ILE D 180 -11.25 -26.17 -7.11
N TYR D 181 -11.07 -25.17 -6.26
CA TYR D 181 -11.78 -25.08 -4.98
C TYR D 181 -12.45 -23.73 -4.89
N GLN D 182 -13.59 -23.69 -4.21
CA GLN D 182 -14.32 -22.45 -4.04
C GLN D 182 -14.55 -22.13 -2.57
N TYR D 183 -14.15 -20.92 -2.16
CA TYR D 183 -14.37 -20.49 -0.78
C TYR D 183 -15.00 -19.11 -0.90
N MET D 184 -16.30 -19.06 -0.67
CA MET D 184 -17.06 -17.81 -0.78
C MET D 184 -16.90 -17.15 -2.16
N ASP D 185 -16.44 -15.91 -2.18
CA ASP D 185 -16.29 -15.18 -3.43
C ASP D 185 -15.11 -15.60 -4.34
N ASP D 186 -14.32 -16.58 -3.93
CA ASP D 186 -13.17 -16.94 -4.75
C ASP D 186 -13.09 -18.36 -5.27
N LEU D 187 -12.26 -18.48 -6.31
CA LEU D 187 -12.02 -19.74 -6.96
C LEU D 187 -10.53 -20.00 -6.86
N TYR D 188 -10.17 -21.10 -6.20
CA TYR D 188 -8.78 -21.49 -6.02
C TYR D 188 -8.48 -22.54 -7.07
N VAL D 189 -7.62 -22.16 -8.02
CA VAL D 189 -7.23 -23.03 -9.11
C VAL D 189 -5.73 -23.26 -9.00
N GLY D 190 -5.33 -24.51 -8.82
CA GLY D 190 -3.93 -24.79 -8.68
C GLY D 190 -3.45 -25.82 -9.67
N SER D 191 -2.26 -25.59 -10.24
CA SER D 191 -1.70 -26.51 -11.20
C SER D 191 -0.26 -26.90 -10.91
N ASP D 192 0.23 -27.82 -11.74
CA ASP D 192 1.60 -28.30 -11.64
C ASP D 192 2.37 -27.96 -12.91
N LEU D 193 1.80 -27.12 -13.76
CA LEU D 193 2.48 -26.75 -14.99
C LEU D 193 3.43 -25.60 -14.71
N GLU D 194 4.32 -25.34 -15.67
CA GLU D 194 5.28 -24.24 -15.55
C GLU D 194 4.45 -23.02 -15.25
N ILE D 195 5.04 -22.02 -14.61
CA ILE D 195 4.28 -20.82 -14.29
C ILE D 195 3.72 -20.25 -15.57
N GLY D 196 4.55 -20.23 -16.62
CA GLY D 196 4.12 -19.71 -17.91
C GLY D 196 2.90 -20.42 -18.44
N GLN D 197 2.84 -21.73 -18.21
CA GLN D 197 1.70 -22.48 -18.69
C GLN D 197 0.50 -22.22 -17.80
N HIS D 198 0.73 -22.28 -16.49
CA HIS D 198 -0.33 -22.01 -15.52
C HIS D 198 -1.01 -20.72 -15.96
N ARG D 199 -0.32 -19.60 -15.81
CA ARG D 199 -0.85 -18.30 -16.21
C ARG D 199 -1.81 -18.51 -17.36
N THR D 200 -1.33 -19.15 -18.41
CA THR D 200 -2.15 -19.42 -19.58
C THR D 200 -3.41 -20.13 -19.15
N LYS D 201 -3.28 -21.39 -18.72
CA LYS D 201 -4.43 -22.17 -18.29
C LYS D 201 -5.44 -21.38 -17.43
N ILE D 202 -4.95 -20.50 -16.56
CA ILE D 202 -5.83 -19.69 -15.73
C ILE D 202 -6.52 -18.69 -16.63
N GLU D 203 -5.73 -18.10 -17.51
CA GLU D 203 -6.27 -17.13 -18.44
C GLU D 203 -7.26 -17.80 -19.37
N GLU D 204 -7.18 -19.14 -19.48
CA GLU D 204 -8.08 -19.88 -20.35
C GLU D 204 -9.34 -20.26 -19.61
N LEU D 205 -9.24 -20.38 -18.28
CA LEU D 205 -10.41 -20.69 -17.47
C LEU D 205 -11.26 -19.43 -17.43
N ARG D 206 -10.59 -18.29 -17.35
CA ARG D 206 -11.27 -17.00 -17.34
C ARG D 206 -12.11 -16.90 -18.60
N GLN D 207 -11.92 -17.86 -19.50
CA GLN D 207 -12.68 -17.86 -20.74
C GLN D 207 -13.85 -18.77 -20.52
N HIS D 208 -13.57 -20.05 -20.40
CA HIS D 208 -14.61 -21.03 -20.20
C HIS D 208 -15.68 -20.46 -19.29
N LEU D 209 -15.27 -19.58 -18.39
CA LEU D 209 -16.22 -18.96 -17.49
C LEU D 209 -17.00 -17.97 -18.29
N LEU D 210 -16.31 -16.97 -18.81
CA LEU D 210 -16.96 -15.95 -19.61
C LEU D 210 -18.05 -16.50 -20.55
N ARG D 211 -17.83 -17.70 -21.09
CA ARG D 211 -18.80 -18.34 -21.98
C ARG D 211 -20.06 -18.70 -21.20
N TRP D 212 -20.04 -18.41 -19.90
CA TRP D 212 -21.16 -18.75 -19.04
C TRP D 212 -21.74 -17.52 -18.33
N GLY D 213 -21.20 -16.35 -18.64
CA GLY D 213 -21.67 -15.12 -18.04
C GLY D 213 -20.97 -14.76 -16.75
N LEU D 214 -20.08 -15.62 -16.29
CA LEU D 214 -19.38 -15.34 -15.06
C LEU D 214 -18.14 -14.57 -15.47
N THR D 215 -18.16 -13.28 -15.19
CA THR D 215 -17.04 -12.44 -15.53
C THR D 215 -16.18 -12.22 -14.28
N THR D 216 -14.87 -12.40 -14.43
CA THR D 216 -13.94 -12.22 -13.31
C THR D 216 -13.12 -10.96 -13.54
N PRO D 217 -12.65 -10.32 -12.47
CA PRO D 217 -11.84 -9.09 -12.49
C PRO D 217 -10.70 -9.11 -13.48
N ASP D 218 -10.20 -7.92 -13.81
CA ASP D 218 -9.12 -7.78 -14.77
C ASP D 218 -7.81 -7.39 -14.09
N LYS D 219 -7.09 -8.39 -13.60
CA LYS D 219 -5.83 -8.16 -12.90
C LYS D 219 -4.81 -7.58 -13.87
N LYS D 220 -4.25 -6.43 -13.53
CA LYS D 220 -3.28 -5.78 -14.39
C LYS D 220 -1.84 -6.20 -14.08
N HIS D 221 -0.97 -6.08 -15.08
CA HIS D 221 0.44 -6.39 -14.95
C HIS D 221 1.16 -5.19 -15.50
N GLN D 222 1.96 -4.50 -14.69
CA GLN D 222 2.68 -3.32 -15.18
C GLN D 222 4.06 -3.73 -15.63
N LYS D 223 4.57 -2.97 -16.58
CA LYS D 223 5.86 -3.22 -17.14
C LYS D 223 6.97 -2.45 -16.49
N GLU D 224 6.60 -1.50 -15.52
CA GLU D 224 7.60 -0.74 -14.76
C GLU D 224 7.95 -1.56 -13.49
N PRO D 225 9.21 -1.54 -13.07
CA PRO D 225 9.90 -2.16 -11.95
C PRO D 225 9.32 -3.20 -10.98
N PRO D 226 8.58 -2.78 -9.93
CA PRO D 226 8.08 -3.84 -9.03
C PRO D 226 7.03 -4.72 -9.63
N PHE D 227 7.47 -5.77 -10.19
CA PHE D 227 6.56 -6.65 -10.88
C PHE D 227 5.63 -7.41 -9.98
N LEU D 228 4.98 -6.66 -9.10
CA LEU D 228 4.06 -7.18 -8.10
C LEU D 228 3.18 -8.27 -8.68
N TRP D 229 2.65 -8.02 -9.86
CA TRP D 229 1.77 -8.97 -10.49
C TRP D 229 2.45 -10.32 -10.67
N MET D 230 3.73 -10.41 -10.31
CA MET D 230 4.47 -11.65 -10.45
C MET D 230 4.14 -12.56 -9.29
N GLY D 231 3.56 -11.99 -8.24
CA GLY D 231 3.21 -12.76 -7.05
C GLY D 231 1.76 -13.20 -6.97
N TYR D 232 0.99 -12.91 -8.01
CA TYR D 232 -0.41 -13.30 -8.04
C TYR D 232 -0.66 -14.75 -7.70
N GLU D 233 0.19 -15.62 -8.22
CA GLU D 233 -0.01 -17.04 -7.97
C GLU D 233 0.58 -17.43 -6.63
N LEU D 234 -0.04 -18.42 -6.01
CA LEU D 234 0.40 -18.93 -4.72
C LEU D 234 1.16 -20.22 -4.99
N HIS D 235 2.18 -20.47 -4.19
CA HIS D 235 3.00 -21.66 -4.34
C HIS D 235 3.11 -22.36 -2.98
N PRO D 236 2.21 -23.32 -2.70
CA PRO D 236 2.17 -24.07 -1.45
C PRO D 236 3.39 -24.98 -1.21
N ASP D 237 4.59 -24.46 -1.47
CA ASP D 237 5.81 -25.21 -1.27
C ASP D 237 6.78 -24.45 -0.39
N LYS D 238 6.90 -23.15 -0.62
CA LYS D 238 7.78 -22.34 0.23
C LYS D 238 7.00 -22.23 1.55
N TRP D 239 6.00 -23.09 1.67
CA TRP D 239 5.16 -23.19 2.84
C TRP D 239 5.85 -24.23 3.72
N THR D 240 6.61 -23.73 4.70
CA THR D 240 7.38 -24.58 5.60
C THR D 240 7.14 -24.29 7.08
N VAL D 241 6.74 -25.34 7.80
CA VAL D 241 6.49 -25.21 9.22
C VAL D 241 7.81 -24.82 9.90
N GLN D 242 7.73 -23.89 10.85
CA GLN D 242 8.89 -23.40 11.58
C GLN D 242 8.95 -23.85 13.04
N PRO D 243 9.75 -24.90 13.34
CA PRO D 243 9.88 -25.42 14.71
C PRO D 243 10.68 -24.46 15.56
N ILE D 244 10.75 -24.74 16.86
CA ILE D 244 11.49 -23.88 17.78
C ILE D 244 12.93 -24.36 17.96
N VAL D 245 13.79 -23.45 18.38
CA VAL D 245 15.19 -23.78 18.59
C VAL D 245 15.74 -23.12 19.86
N LEU D 246 16.89 -23.58 20.34
CA LEU D 246 17.51 -23.06 21.56
C LEU D 246 18.89 -22.56 21.10
N PRO D 247 19.14 -21.23 21.17
CA PRO D 247 20.43 -20.68 20.73
C PRO D 247 21.65 -21.34 21.28
N GLU D 248 22.80 -20.86 20.83
CA GLU D 248 24.05 -21.41 21.27
C GLU D 248 25.01 -20.35 21.79
N LYS D 249 25.33 -20.51 23.06
CA LYS D 249 26.25 -19.64 23.78
C LYS D 249 27.53 -20.45 23.93
N ASP D 250 28.68 -19.78 23.80
CA ASP D 250 29.97 -20.45 23.97
C ASP D 250 30.03 -20.83 25.45
N SER D 251 29.68 -19.86 26.31
CA SER D 251 29.63 -20.02 27.75
C SER D 251 28.26 -19.47 28.17
N TRP D 252 27.67 -20.03 29.23
CA TRP D 252 26.34 -19.60 29.66
C TRP D 252 26.16 -18.91 31.00
N THR D 253 26.02 -17.59 30.98
CA THR D 253 25.82 -16.85 32.22
C THR D 253 24.62 -17.48 32.93
N VAL D 254 24.34 -17.05 34.17
CA VAL D 254 23.18 -17.57 34.89
C VAL D 254 21.98 -17.28 34.04
N ASN D 255 21.81 -16.00 33.73
CA ASN D 255 20.71 -15.50 32.92
C ASN D 255 20.37 -16.53 31.85
N ASP D 256 21.30 -16.71 30.92
CA ASP D 256 21.15 -17.66 29.82
C ASP D 256 20.56 -18.99 30.22
N ILE D 257 20.91 -19.48 31.40
CA ILE D 257 20.40 -20.77 31.84
C ILE D 257 18.90 -20.71 32.05
N GLN D 258 18.46 -19.77 32.87
CA GLN D 258 17.03 -19.61 33.18
C GLN D 258 16.15 -19.47 31.94
N LYS D 259 16.44 -18.46 31.12
CA LYS D 259 15.68 -18.23 29.90
C LYS D 259 15.52 -19.59 29.22
N LEU D 260 16.62 -20.18 28.79
CA LEU D 260 16.57 -21.48 28.17
C LEU D 260 15.85 -22.54 29.04
N VAL D 261 15.74 -22.28 30.34
CA VAL D 261 15.04 -23.24 31.17
C VAL D 261 13.56 -23.12 30.89
N GLY D 262 13.07 -21.88 30.92
CA GLY D 262 11.67 -21.61 30.65
C GLY D 262 11.20 -22.12 29.29
N LYS D 263 11.88 -21.67 28.23
CA LYS D 263 11.55 -22.11 26.87
C LYS D 263 11.40 -23.61 26.90
N LEU D 264 12.49 -24.28 27.25
CA LEU D 264 12.50 -25.73 27.35
C LEU D 264 11.30 -26.21 28.14
N ASN D 265 10.94 -25.42 29.15
CA ASN D 265 9.82 -25.73 30.02
C ASN D 265 8.50 -25.60 29.28
N TRP D 266 8.35 -24.48 28.58
CA TRP D 266 7.13 -24.23 27.83
C TRP D 266 6.95 -25.36 26.84
N ALA D 267 7.93 -25.48 25.94
CA ALA D 267 7.95 -26.49 24.91
C ALA D 267 7.55 -27.86 25.45
N SER D 268 7.84 -28.09 26.71
CA SER D 268 7.50 -29.38 27.30
C SER D 268 6.03 -29.68 27.07
N GLN D 269 5.20 -28.65 27.10
CA GLN D 269 3.74 -28.78 26.90
C GLN D 269 3.43 -29.29 25.50
N ILE D 270 4.13 -28.73 24.51
CA ILE D 270 3.95 -29.17 23.14
C ILE D 270 4.47 -30.60 23.13
N TYR D 271 5.78 -30.76 22.95
CA TYR D 271 6.43 -32.09 22.95
C TYR D 271 6.73 -32.45 24.42
N PRO D 272 6.14 -33.55 24.94
CA PRO D 272 6.31 -34.03 26.33
C PRO D 272 7.65 -34.69 26.73
N GLY D 273 8.57 -34.80 25.77
CA GLY D 273 9.85 -35.42 26.05
C GLY D 273 10.95 -34.41 26.36
N ILE D 274 10.59 -33.33 27.02
CA ILE D 274 11.55 -32.31 27.37
C ILE D 274 11.76 -32.36 28.88
N LYS D 275 13.00 -32.67 29.29
CA LYS D 275 13.37 -32.74 30.71
C LYS D 275 14.25 -31.54 31.06
N VAL D 276 14.09 -31.02 32.28
CA VAL D 276 14.87 -29.84 32.67
C VAL D 276 15.74 -30.04 33.92
N ARG D 277 15.27 -30.85 34.87
CA ARG D 277 16.00 -31.07 36.12
C ARG D 277 17.49 -31.28 35.89
N GLN D 278 17.85 -32.35 35.21
CA GLN D 278 19.24 -32.67 34.94
C GLN D 278 19.95 -31.53 34.21
N LEU D 279 19.26 -30.41 34.03
CA LEU D 279 19.87 -29.28 33.34
C LEU D 279 19.79 -28.01 34.18
N SER D 280 18.72 -27.87 34.95
CA SER D 280 18.54 -26.69 35.78
C SER D 280 19.36 -26.74 37.07
N LYS D 281 19.76 -27.95 37.46
CA LYS D 281 20.57 -28.16 38.67
C LYS D 281 21.60 -27.05 38.80
N LEU D 282 22.35 -26.82 37.72
CA LEU D 282 23.40 -25.79 37.64
C LEU D 282 23.00 -24.45 38.24
N LEU D 283 21.72 -24.34 38.60
CA LEU D 283 21.17 -23.16 39.24
C LEU D 283 20.54 -23.72 40.50
N ARG D 284 21.32 -23.72 41.59
CA ARG D 284 20.85 -24.26 42.85
C ARG D 284 20.67 -23.23 43.96
N GLY D 285 21.54 -22.23 44.01
CA GLY D 285 21.41 -21.24 45.07
C GLY D 285 21.33 -19.82 44.58
N THR D 286 20.76 -18.96 45.41
CA THR D 286 20.62 -17.55 45.04
C THR D 286 21.92 -16.90 44.58
N LYS D 287 22.19 -16.97 43.28
CA LYS D 287 23.41 -16.39 42.73
C LYS D 287 23.23 -15.22 41.76
N ALA D 288 24.26 -14.39 41.65
CA ALA D 288 24.23 -13.27 40.73
C ALA D 288 23.92 -13.87 39.37
N LEU D 289 23.30 -13.08 38.50
CA LEU D 289 22.92 -13.55 37.17
C LEU D 289 24.09 -13.59 36.20
N THR D 290 24.88 -12.53 36.22
CA THR D 290 26.01 -12.39 35.31
C THR D 290 27.14 -13.45 35.47
N GLU D 291 26.89 -14.52 36.21
CA GLU D 291 27.91 -15.56 36.43
C GLU D 291 28.02 -16.69 35.40
N VAL D 292 29.13 -16.71 34.69
CA VAL D 292 29.40 -17.70 33.64
C VAL D 292 29.38 -19.18 34.02
N ILE D 293 28.23 -19.72 34.40
CA ILE D 293 28.13 -21.13 34.74
C ILE D 293 28.65 -22.03 33.63
N PRO D 294 29.36 -23.10 34.00
CA PRO D 294 29.90 -24.06 33.03
C PRO D 294 28.94 -25.23 32.87
N LEU D 295 28.84 -25.72 31.64
CA LEU D 295 27.91 -26.80 31.33
C LEU D 295 28.38 -28.20 31.69
N THR D 296 27.70 -28.79 32.66
CA THR D 296 28.01 -30.15 33.08
C THR D 296 27.84 -31.08 31.87
N GLU D 297 28.53 -32.21 31.87
CA GLU D 297 28.39 -33.15 30.77
C GLU D 297 27.11 -33.92 31.07
N GLU D 298 26.62 -33.74 32.29
CA GLU D 298 25.39 -34.36 32.73
C GLU D 298 24.30 -33.44 32.18
N ALA D 299 24.58 -32.15 32.20
CA ALA D 299 23.67 -31.14 31.69
C ALA D 299 23.69 -31.15 30.16
N GLU D 300 24.74 -30.58 29.56
CA GLU D 300 24.92 -30.52 28.12
C GLU D 300 24.43 -31.82 27.49
N LEU D 301 24.46 -32.90 28.26
CA LEU D 301 23.99 -34.20 27.83
C LEU D 301 22.61 -34.05 27.23
N GLU D 302 21.76 -33.26 27.89
CA GLU D 302 20.39 -33.05 27.41
C GLU D 302 20.12 -31.73 26.72
N LEU D 303 20.92 -30.71 26.98
CA LEU D 303 20.70 -29.43 26.31
C LEU D 303 20.60 -29.71 24.82
N ALA D 304 21.63 -30.33 24.27
CA ALA D 304 21.63 -30.66 22.86
C ALA D 304 20.66 -31.82 22.61
N GLU D 305 20.30 -32.52 23.67
CA GLU D 305 19.36 -33.62 23.51
C GLU D 305 17.94 -33.07 23.30
N ASN D 306 17.53 -32.15 24.17
CA ASN D 306 16.22 -31.54 24.05
C ASN D 306 16.05 -30.91 22.67
N ARG D 307 17.10 -30.28 22.16
CA ARG D 307 17.03 -29.65 20.83
C ARG D 307 16.67 -30.66 19.74
N GLU D 308 17.20 -31.88 19.85
CA GLU D 308 16.92 -32.92 18.88
C GLU D 308 15.40 -33.13 18.81
N ILE D 309 14.74 -32.89 19.93
CA ILE D 309 13.29 -33.07 20.03
C ILE D 309 12.48 -31.91 19.44
N LEU D 310 13.17 -30.81 19.17
CA LEU D 310 12.51 -29.63 18.61
C LEU D 310 12.60 -29.59 17.08
N LYS D 311 13.25 -30.58 16.49
CA LYS D 311 13.42 -30.63 15.04
C LYS D 311 12.53 -31.68 14.38
N GLU D 312 11.22 -31.62 14.60
CA GLU D 312 10.28 -32.58 14.00
C GLU D 312 8.80 -32.27 14.27
N PRO D 313 7.88 -33.01 13.62
CA PRO D 313 6.44 -32.79 13.80
C PRO D 313 5.96 -33.15 15.20
N VAL D 314 4.86 -32.54 15.61
CA VAL D 314 4.32 -32.74 16.93
C VAL D 314 3.71 -34.15 17.20
N HIS D 315 3.33 -34.33 18.47
CA HIS D 315 2.76 -35.54 19.08
C HIS D 315 1.33 -35.90 18.68
N GLY D 316 1.17 -36.93 17.85
CA GLY D 316 -0.17 -37.34 17.43
C GLY D 316 -1.10 -36.20 17.05
N VAL D 317 -0.59 -35.26 16.26
CA VAL D 317 -1.39 -34.12 15.84
C VAL D 317 -2.42 -34.59 14.84
N TYR D 318 -3.55 -33.90 14.82
CA TYR D 318 -4.62 -34.21 13.90
C TYR D 318 -5.40 -32.94 13.66
N TYR D 319 -6.21 -32.96 12.62
CA TYR D 319 -7.02 -31.80 12.32
C TYR D 319 -8.45 -32.29 12.33
N ASP D 320 -9.25 -31.76 13.23
CA ASP D 320 -10.65 -32.15 13.28
C ASP D 320 -11.43 -31.04 12.58
N PRO D 321 -11.95 -31.33 11.36
CA PRO D 321 -12.73 -30.39 10.54
C PRO D 321 -14.03 -29.96 11.19
N SER D 322 -14.32 -30.55 12.34
CA SER D 322 -15.51 -30.28 13.09
C SER D 322 -15.31 -29.19 14.13
N LYS D 323 -14.08 -28.71 14.30
CA LYS D 323 -13.78 -27.67 15.27
C LYS D 323 -13.34 -26.38 14.59
N ASP D 324 -13.26 -25.29 15.35
CA ASP D 324 -12.84 -24.02 14.79
C ASP D 324 -11.33 -23.93 14.68
N LEU D 325 -10.86 -22.92 13.97
CA LEU D 325 -9.44 -22.75 13.82
C LEU D 325 -9.02 -21.47 14.51
N ILE D 326 -7.86 -21.52 15.15
CA ILE D 326 -7.34 -20.35 15.85
C ILE D 326 -5.92 -20.07 15.42
N ALA D 327 -5.57 -18.80 15.35
CA ALA D 327 -4.24 -18.42 14.93
C ALA D 327 -3.74 -17.33 15.82
N GLU D 328 -2.46 -17.42 16.16
CA GLU D 328 -1.82 -16.43 17.00
C GLU D 328 -0.68 -15.80 16.24
N ILE D 329 -0.51 -14.50 16.44
CA ILE D 329 0.51 -13.72 15.76
C ILE D 329 1.27 -12.87 16.80
N GLN D 330 2.61 -12.99 16.83
CA GLN D 330 3.42 -12.20 17.75
C GLN D 330 4.40 -11.38 17.01
N LYS D 331 4.27 -10.08 17.15
CA LYS D 331 5.17 -9.15 16.51
C LYS D 331 6.57 -9.52 16.99
N GLN D 332 7.29 -10.29 16.18
CA GLN D 332 8.63 -10.74 16.53
C GLN D 332 9.68 -9.65 16.54
N GLY D 333 9.74 -8.82 15.51
CA GLY D 333 10.73 -7.78 15.52
C GLY D 333 11.26 -7.38 14.15
N GLN D 334 11.37 -6.07 13.94
CA GLN D 334 11.84 -5.52 12.66
C GLN D 334 11.20 -6.26 11.49
N GLY D 335 9.93 -5.95 11.26
CA GLY D 335 9.17 -6.54 10.18
C GLY D 335 8.76 -8.01 10.31
N GLN D 336 9.48 -8.78 11.11
CA GLN D 336 9.18 -10.20 11.28
C GLN D 336 7.98 -10.54 12.16
N TRP D 337 7.19 -11.53 11.73
CA TRP D 337 6.01 -11.98 12.47
C TRP D 337 5.99 -13.48 12.40
N THR D 338 5.39 -14.10 13.41
CA THR D 338 5.32 -15.54 13.46
C THR D 338 3.90 -15.89 13.87
N TYR D 339 3.48 -17.10 13.56
CA TYR D 339 2.13 -17.53 13.89
C TYR D 339 2.01 -19.03 14.14
N GLN D 340 0.88 -19.41 14.72
CA GLN D 340 0.52 -20.81 14.95
C GLN D 340 -0.96 -20.97 14.81
N ILE D 341 -1.29 -22.03 14.12
CA ILE D 341 -2.66 -22.37 13.84
C ILE D 341 -2.99 -23.64 14.60
N TYR D 342 -4.01 -23.58 15.46
CA TYR D 342 -4.40 -24.76 16.23
C TYR D 342 -5.87 -24.82 16.51
N GLN D 343 -6.34 -26.00 16.87
CA GLN D 343 -7.74 -26.17 17.20
C GLN D 343 -7.77 -26.46 18.68
N GLU D 344 -6.75 -27.17 19.15
CA GLU D 344 -6.64 -27.51 20.56
C GLU D 344 -5.39 -26.85 21.12
N PRO D 345 -5.45 -26.32 22.35
CA PRO D 345 -4.34 -25.66 23.02
C PRO D 345 -3.03 -26.45 23.02
N PHE D 346 -1.98 -25.83 22.51
CA PHE D 346 -0.67 -26.45 22.47
C PHE D 346 -0.52 -27.68 21.57
N LYS D 347 -1.46 -27.83 20.64
CA LYS D 347 -1.43 -28.93 19.67
C LYS D 347 -1.67 -28.25 18.31
N ASN D 348 -0.75 -27.39 17.91
CA ASN D 348 -0.92 -26.68 16.65
C ASN D 348 -0.83 -27.59 15.45
N LEU D 349 -1.32 -27.07 14.33
CA LEU D 349 -1.32 -27.77 13.07
C LEU D 349 -0.30 -27.11 12.20
N LYS D 350 0.09 -25.90 12.58
CA LYS D 350 1.08 -25.20 11.79
C LYS D 350 1.69 -24.03 12.54
N THR D 351 2.91 -23.70 12.12
CA THR D 351 3.68 -22.59 12.65
C THR D 351 4.46 -22.10 11.45
N GLY D 352 4.86 -20.85 11.48
CA GLY D 352 5.61 -20.32 10.37
C GLY D 352 5.86 -18.87 10.67
N LYS D 353 6.50 -18.18 9.75
CA LYS D 353 6.75 -16.79 9.99
C LYS D 353 6.67 -15.98 8.72
N TYR D 354 5.60 -15.19 8.60
CA TYR D 354 5.42 -14.31 7.47
C TYR D 354 6.63 -13.37 7.63
N ALA D 355 7.52 -13.35 6.65
CA ALA D 355 8.70 -12.51 6.71
C ALA D 355 8.34 -11.04 6.60
N ARG D 356 8.11 -10.56 5.38
CA ARG D 356 7.75 -9.17 5.17
C ARG D 356 7.61 -8.79 3.70
N MET D 357 6.79 -7.79 3.44
CA MET D 357 6.59 -7.25 2.09
C MET D 357 7.48 -6.02 2.12
N ARG D 358 8.49 -5.99 1.24
CA ARG D 358 9.44 -4.88 1.17
C ARG D 358 8.78 -3.47 1.23
N GLY D 359 7.54 -3.39 0.75
CA GLY D 359 6.80 -2.15 0.78
C GLY D 359 5.87 -2.15 1.99
N ALA D 360 6.40 -2.61 3.13
CA ALA D 360 5.64 -2.69 4.38
C ALA D 360 5.64 -1.32 5.04
N HIS D 361 6.22 -0.38 4.34
CA HIS D 361 6.29 1.03 4.75
C HIS D 361 6.66 1.20 6.23
N THR D 362 7.17 0.17 6.84
CA THR D 362 7.53 0.20 8.28
C THR D 362 6.26 0.49 9.10
N ASN D 363 5.16 -0.14 8.70
CA ASN D 363 3.87 0.01 9.35
C ASN D 363 3.40 -1.33 9.90
N ASP D 364 3.46 -1.49 11.22
CA ASP D 364 3.07 -2.74 11.87
C ASP D 364 1.61 -3.08 11.71
N VAL D 365 0.78 -2.05 11.53
CA VAL D 365 -0.64 -2.28 11.35
C VAL D 365 -0.76 -2.91 9.96
N LYS D 366 -0.19 -2.23 8.98
CA LYS D 366 -0.21 -2.70 7.60
C LYS D 366 0.38 -4.09 7.52
N GLN D 367 1.56 -4.29 8.11
CA GLN D 367 2.19 -5.60 8.04
C GLN D 367 1.31 -6.63 8.73
N LEU D 368 0.76 -6.25 9.87
CA LEU D 368 -0.07 -7.17 10.61
C LEU D 368 -1.22 -7.63 9.76
N THR D 369 -2.05 -6.69 9.31
CA THR D 369 -3.19 -7.06 8.49
C THR D 369 -2.73 -8.06 7.41
N GLU D 370 -1.70 -7.67 6.66
CA GLU D 370 -1.16 -8.50 5.61
C GLU D 370 -0.81 -9.90 6.07
N ALA D 371 -0.32 -10.02 7.30
CA ALA D 371 0.02 -11.33 7.86
C ALA D 371 -1.29 -12.10 8.00
N VAL D 372 -2.30 -11.42 8.52
CA VAL D 372 -3.61 -12.02 8.70
C VAL D 372 -4.07 -12.64 7.38
N GLN D 373 -4.33 -11.75 6.41
CA GLN D 373 -4.79 -12.15 5.09
C GLN D 373 -3.97 -13.34 4.62
N LYS D 374 -2.64 -13.17 4.70
CA LYS D 374 -1.71 -14.22 4.30
C LYS D 374 -2.08 -15.51 5.01
N ILE D 375 -2.02 -15.48 6.34
CA ILE D 375 -2.33 -16.65 7.14
C ILE D 375 -3.70 -17.23 6.78
N THR D 376 -4.65 -16.33 6.56
CA THR D 376 -6.00 -16.73 6.21
C THR D 376 -6.02 -17.54 4.93
N THR D 377 -5.39 -16.98 3.89
CA THR D 377 -5.32 -17.65 2.62
C THR D 377 -4.78 -19.05 2.76
N GLU D 378 -3.75 -19.19 3.57
CA GLU D 378 -3.15 -20.49 3.81
C GLU D 378 -4.19 -21.46 4.35
N SER D 379 -4.84 -21.07 5.45
CA SER D 379 -5.83 -21.93 6.09
C SER D 379 -6.84 -22.48 5.13
N ILE D 380 -7.29 -21.62 4.22
CA ILE D 380 -8.28 -21.98 3.20
C ILE D 380 -7.77 -23.08 2.24
N VAL D 381 -6.55 -22.89 1.74
CA VAL D 381 -5.93 -23.84 0.84
C VAL D 381 -5.72 -25.16 1.56
N ILE D 382 -5.03 -25.08 2.69
CA ILE D 382 -4.68 -26.23 3.47
C ILE D 382 -5.82 -27.04 4.07
N TRP D 383 -6.68 -26.38 4.86
CA TRP D 383 -7.82 -27.07 5.50
C TRP D 383 -9.16 -26.65 4.93
N GLY D 384 -9.21 -25.45 4.37
CA GLY D 384 -10.45 -24.99 3.79
C GLY D 384 -11.38 -24.45 4.86
N LYS D 385 -10.85 -23.54 5.67
CA LYS D 385 -11.61 -22.93 6.73
C LYS D 385 -10.84 -21.72 7.27
N THR D 386 -11.57 -20.68 7.63
CA THR D 386 -10.95 -19.48 8.15
C THR D 386 -10.78 -19.62 9.67
N PRO D 387 -9.60 -19.25 10.19
CA PRO D 387 -9.30 -19.33 11.63
C PRO D 387 -9.63 -18.04 12.37
N LYS D 388 -9.91 -18.16 13.68
CA LYS D 388 -10.20 -16.98 14.50
C LYS D 388 -8.86 -16.44 14.92
N PHE D 389 -8.69 -15.12 14.80
CA PHE D 389 -7.41 -14.52 15.13
C PHE D 389 -7.27 -13.87 16.48
N LYS D 390 -6.15 -14.15 17.13
CA LYS D 390 -5.82 -13.54 18.40
C LYS D 390 -4.80 -12.46 18.02
N LEU D 391 -5.33 -11.29 17.71
CA LEU D 391 -4.53 -10.17 17.24
C LEU D 391 -3.69 -9.34 18.21
N PRO D 392 -2.36 -9.46 18.12
CA PRO D 392 -1.45 -8.70 18.99
C PRO D 392 -1.55 -7.20 18.76
N ILE D 393 -2.70 -6.62 19.11
CA ILE D 393 -2.93 -5.18 18.95
C ILE D 393 -4.15 -4.66 19.73
N GLN D 394 -4.18 -3.36 19.98
CA GLN D 394 -5.30 -2.75 20.72
C GLN D 394 -6.52 -2.49 19.84
N LYS D 395 -7.59 -3.23 20.09
CA LYS D 395 -8.82 -3.06 19.34
C LYS D 395 -8.89 -1.70 18.68
N GLU D 396 -9.21 -0.67 19.46
CA GLU D 396 -9.36 0.67 18.92
C GLU D 396 -8.34 1.12 17.86
N THR D 397 -7.11 0.64 17.90
CA THR D 397 -6.15 1.06 16.88
C THR D 397 -6.38 0.25 15.61
N TRP D 398 -6.46 -1.06 15.76
CA TRP D 398 -6.69 -1.97 14.66
C TRP D 398 -7.96 -1.63 13.92
N GLU D 399 -8.97 -1.19 14.67
CA GLU D 399 -10.24 -0.83 14.07
C GLU D 399 -10.12 0.47 13.32
N THR D 400 -9.09 1.24 13.61
CA THR D 400 -8.92 2.50 12.91
C THR D 400 -8.33 2.34 11.52
N TRP D 401 -7.52 1.31 11.27
CA TRP D 401 -6.97 1.20 9.93
C TRP D 401 -6.91 -0.15 9.26
N TRP D 402 -7.37 -1.21 9.90
CA TRP D 402 -7.25 -2.49 9.24
C TRP D 402 -7.79 -2.41 7.80
N THR D 403 -8.88 -1.68 7.59
CA THR D 403 -9.42 -1.57 6.25
C THR D 403 -8.39 -1.03 5.25
N GLU D 404 -7.85 0.15 5.52
CA GLU D 404 -6.84 0.77 4.65
C GLU D 404 -5.86 -0.15 3.95
N TYR D 405 -5.44 -1.22 4.60
CA TYR D 405 -4.47 -2.12 4.00
C TYR D 405 -5.08 -3.44 3.64
N TRP D 406 -6.37 -3.58 3.87
CA TRP D 406 -7.07 -4.83 3.56
C TRP D 406 -7.34 -4.92 2.09
N GLN D 407 -7.06 -6.10 1.54
CA GLN D 407 -7.22 -6.38 0.13
C GLN D 407 -7.80 -7.77 -0.10
N ALA D 408 -8.87 -8.12 0.59
CA ALA D 408 -9.45 -9.47 0.40
C ALA D 408 -10.98 -9.41 0.34
N THR D 409 -11.58 -10.40 -0.32
CA THR D 409 -13.02 -10.45 -0.50
C THR D 409 -13.74 -10.86 0.79
N TRP D 410 -13.03 -11.61 1.63
CA TRP D 410 -13.58 -12.04 2.91
C TRP D 410 -12.96 -11.28 4.08
N ILE D 411 -13.43 -11.60 5.29
CA ILE D 411 -12.95 -11.00 6.52
C ILE D 411 -13.00 -12.14 7.53
N PRO D 412 -11.91 -12.35 8.25
CA PRO D 412 -11.86 -13.43 9.23
C PRO D 412 -12.32 -12.96 10.59
N GLU D 413 -12.53 -13.89 11.51
CA GLU D 413 -12.96 -13.53 12.84
C GLU D 413 -11.77 -13.30 13.75
N TRP D 414 -11.77 -12.15 14.42
CA TRP D 414 -10.66 -11.80 15.26
C TRP D 414 -11.05 -11.22 16.63
N GLU D 415 -10.05 -11.11 17.51
CA GLU D 415 -10.19 -10.55 18.85
C GLU D 415 -8.82 -10.01 19.23
N PHE D 416 -8.74 -9.22 20.30
CA PHE D 416 -7.47 -8.63 20.69
C PHE D 416 -6.86 -9.14 21.99
N VAL D 417 -5.53 -9.06 22.08
CA VAL D 417 -4.81 -9.55 23.26
C VAL D 417 -3.51 -8.84 23.55
N ASN D 418 -3.32 -8.52 24.84
CA ASN D 418 -2.09 -7.91 25.31
C ASN D 418 -1.45 -8.97 26.19
N THR D 419 -0.67 -9.84 25.55
CA THR D 419 0.03 -10.91 26.23
C THR D 419 1.49 -10.74 25.85
N PRO D 420 2.30 -10.18 26.75
CA PRO D 420 3.73 -9.92 26.57
C PRO D 420 4.59 -11.16 26.27
N PRO D 421 5.88 -10.91 25.94
CA PRO D 421 6.94 -11.90 25.60
C PRO D 421 7.06 -13.04 26.62
N LEU D 422 6.20 -14.04 26.47
CA LEU D 422 6.14 -15.19 27.38
C LEU D 422 7.44 -15.93 27.67
N VAL D 423 8.39 -15.98 26.77
CA VAL D 423 9.60 -16.74 27.07
C VAL D 423 10.68 -16.52 26.01
N LYS D 424 10.19 -16.14 24.84
CA LYS D 424 10.96 -15.92 23.58
C LYS D 424 10.81 -17.15 22.69
N LEU D 425 9.89 -17.99 23.17
CA LEU D 425 9.53 -19.30 22.55
C LEU D 425 8.20 -19.17 21.84
N TRP D 426 8.50 -18.83 20.77
CA TRP D 426 7.81 -18.60 19.67
C TRP D 426 8.86 -17.75 19.05
N TYR D 427 9.93 -18.50 18.99
CA TYR D 427 11.25 -18.19 18.58
C TYR D 427 11.80 -17.10 17.68
N GLN D 428 12.65 -16.31 18.31
CA GLN D 428 13.37 -15.21 17.68
C GLN D 428 14.87 -15.53 17.66
N LEU D 429 15.45 -15.49 16.47
CA LEU D 429 16.87 -15.73 16.23
C LEU D 429 17.12 -15.76 14.72
N ASP E 1 13.49 8.98 -20.09
CA ASP E 1 14.27 10.23 -19.92
C ASP E 1 14.97 10.32 -18.56
N ILE E 2 15.32 9.14 -18.05
CA ILE E 2 16.07 8.98 -16.80
C ILE E 2 17.47 8.85 -17.40
N GLN E 3 18.26 9.91 -17.38
CA GLN E 3 19.59 9.86 -17.98
C GLN E 3 20.61 8.93 -17.31
N MET E 4 21.13 7.97 -18.08
CA MET E 4 22.15 7.03 -17.59
C MET E 4 23.53 7.42 -18.09
N THR E 5 24.47 7.58 -17.16
CA THR E 5 25.82 7.97 -17.52
C THR E 5 26.95 7.06 -17.05
N GLN E 6 27.89 6.87 -17.96
CA GLN E 6 29.09 6.08 -17.73
C GLN E 6 30.15 7.13 -17.97
N THR E 7 30.78 7.61 -16.88
CA THR E 7 31.79 8.65 -16.97
C THR E 7 32.92 8.24 -17.89
N THR E 8 33.68 7.23 -17.46
CA THR E 8 34.80 6.73 -18.23
C THR E 8 34.39 6.21 -19.62
N SER E 9 34.77 6.98 -20.64
CA SER E 9 34.46 6.67 -22.03
C SER E 9 35.23 5.44 -22.55
N SER E 10 36.50 5.67 -22.91
CA SER E 10 37.38 4.63 -23.44
C SER E 10 38.48 4.28 -22.41
N LEU E 11 38.36 3.12 -21.77
CA LEU E 11 39.35 2.66 -20.80
C LEU E 11 40.21 1.54 -21.38
N SER E 12 41.53 1.60 -21.21
CA SER E 12 42.42 0.56 -21.74
C SER E 12 43.21 -0.13 -20.64
N ALA E 13 43.07 -1.44 -20.55
CA ALA E 13 43.74 -2.25 -19.55
C ALA E 13 44.61 -3.34 -20.19
N SER E 14 44.89 -4.41 -19.45
CA SER E 14 45.71 -5.50 -19.98
C SER E 14 45.35 -6.85 -19.40
N LEU E 15 45.58 -7.90 -20.17
CA LEU E 15 45.28 -9.26 -19.75
C LEU E 15 45.67 -9.40 -18.31
N GLY E 16 44.95 -10.23 -17.56
CA GLY E 16 45.26 -10.40 -16.16
C GLY E 16 44.61 -9.38 -15.24
N ASP E 17 44.64 -8.10 -15.64
CA ASP E 17 44.05 -7.02 -14.85
C ASP E 17 42.63 -7.27 -14.40
N ARG E 18 42.18 -6.39 -13.51
CA ARG E 18 40.85 -6.39 -12.90
C ARG E 18 40.33 -4.98 -13.10
N VAL E 19 39.20 -4.82 -13.78
CA VAL E 19 38.68 -3.48 -13.99
C VAL E 19 37.24 -3.33 -13.54
N THR E 20 36.85 -2.07 -13.36
CA THR E 20 35.50 -1.70 -12.91
C THR E 20 34.98 -0.48 -13.70
N ILE E 21 33.75 -0.56 -14.18
CA ILE E 21 33.19 0.56 -14.92
C ILE E 21 32.04 1.24 -14.16
N SER E 22 31.92 2.55 -14.36
CA SER E 22 30.90 3.34 -13.69
C SER E 22 29.65 3.64 -14.50
N CYS E 23 28.49 3.40 -13.86
CA CYS E 23 27.18 3.70 -14.46
C CYS E 23 26.40 4.43 -13.37
N SER E 24 26.27 5.75 -13.54
CA SER E 24 25.54 6.57 -12.58
C SER E 24 24.24 7.01 -13.23
N ALA E 25 23.13 6.84 -12.50
CA ALA E 25 21.81 7.19 -12.98
C ALA E 25 21.48 8.66 -12.72
N SER E 26 20.20 9.00 -12.82
CA SER E 26 19.72 10.36 -12.57
C SER E 26 18.76 10.34 -11.38
N GLN E 27 18.45 9.12 -10.93
CA GLN E 27 17.58 8.90 -9.79
C GLN E 27 17.75 7.52 -9.22
N ASP E 28 17.28 7.33 -7.99
CA ASP E 28 17.39 6.06 -7.31
C ASP E 28 16.67 4.96 -8.08
N ILE E 29 17.26 4.53 -9.18
CA ILE E 29 16.66 3.49 -10.01
C ILE E 29 16.58 2.13 -9.33
N SER E 30 16.70 2.14 -8.00
CA SER E 30 16.56 0.94 -7.17
C SER E 30 17.08 -0.39 -7.74
N SER E 31 18.33 -0.39 -8.19
CA SER E 31 18.98 -1.59 -8.73
C SER E 31 18.29 -2.26 -9.92
N TYR E 32 17.65 -1.43 -10.72
CA TYR E 32 16.98 -1.88 -11.92
C TYR E 32 17.89 -1.44 -13.05
N LEU E 33 19.08 -2.05 -13.08
CA LEU E 33 20.12 -1.78 -14.06
C LEU E 33 20.63 -3.09 -14.63
N ASN E 34 20.85 -3.11 -15.94
CA ASN E 34 21.35 -4.30 -16.61
C ASN E 34 22.66 -3.96 -17.33
N TRP E 35 23.53 -4.97 -17.49
CA TRP E 35 24.80 -4.79 -18.15
C TRP E 35 24.94 -5.57 -19.47
N TYR E 36 25.41 -4.89 -20.51
CA TYR E 36 25.59 -5.48 -21.83
C TYR E 36 27.02 -5.43 -22.38
N GLN E 37 27.42 -6.47 -23.10
CA GLN E 37 28.78 -6.58 -23.69
C GLN E 37 28.75 -6.60 -25.20
N GLN E 38 29.06 -5.49 -25.84
CA GLN E 38 29.09 -5.48 -27.29
C GLN E 38 30.54 -5.73 -27.75
N LYS E 39 30.76 -6.87 -28.40
CA LYS E 39 32.10 -7.23 -28.88
C LYS E 39 32.36 -6.50 -30.21
N PRO E 40 33.61 -6.08 -30.45
CA PRO E 40 34.00 -5.37 -31.66
C PRO E 40 33.28 -5.78 -32.94
N GLU E 41 32.92 -7.05 -33.07
CA GLU E 41 32.19 -7.53 -34.26
C GLU E 41 30.90 -6.71 -34.31
N GLY E 42 30.07 -6.91 -33.27
CA GLY E 42 28.82 -6.19 -33.18
C GLY E 42 27.72 -6.87 -32.39
N THR E 43 27.90 -8.14 -32.07
CA THR E 43 26.87 -8.86 -31.32
C THR E 43 26.77 -8.35 -29.88
N VAL E 44 25.55 -8.30 -29.34
CA VAL E 44 25.35 -7.83 -27.97
C VAL E 44 24.89 -8.93 -27.03
N LYS E 45 25.62 -9.15 -25.95
CA LYS E 45 25.27 -10.21 -25.02
C LYS E 45 24.89 -9.69 -23.63
N LEU E 46 24.10 -10.46 -22.90
CA LEU E 46 23.67 -10.06 -21.56
C LEU E 46 24.63 -10.57 -20.51
N LEU E 47 25.10 -9.68 -19.66
CA LEU E 47 26.03 -10.10 -18.61
C LEU E 47 25.35 -10.15 -17.28
N ILE E 48 24.95 -8.97 -16.82
CA ILE E 48 24.30 -8.80 -15.54
C ILE E 48 22.96 -8.08 -15.61
N TYR E 49 22.00 -8.64 -14.87
CA TYR E 49 20.65 -8.11 -14.76
C TYR E 49 20.34 -7.90 -13.28
N TYR E 50 19.67 -6.79 -12.92
CA TYR E 50 19.36 -6.52 -11.50
C TYR E 50 20.67 -6.21 -10.82
N THR E 51 21.19 -5.14 -11.07
CA THR E 51 22.52 -4.68 -10.81
C THR E 51 23.63 -5.75 -10.67
N SER E 52 23.45 -6.72 -9.80
CA SER E 52 24.45 -7.73 -9.55
C SER E 52 24.29 -9.15 -10.09
N SER E 53 23.07 -9.59 -10.43
CA SER E 53 22.91 -10.98 -10.88
C SER E 53 23.55 -11.41 -12.22
N LEU E 54 23.98 -12.67 -12.28
CA LEU E 54 24.66 -13.17 -13.48
C LEU E 54 23.80 -13.97 -14.42
N HIS E 55 23.85 -13.61 -15.70
CA HIS E 55 23.08 -14.30 -16.73
C HIS E 55 23.66 -15.68 -16.90
N SER E 56 22.84 -16.67 -17.26
CA SER E 56 23.37 -18.02 -17.41
C SER E 56 24.54 -18.09 -18.38
N GLY E 57 25.45 -19.01 -18.09
CA GLY E 57 26.61 -19.17 -18.95
C GLY E 57 27.45 -17.92 -19.11
N VAL E 58 27.65 -17.18 -18.02
CA VAL E 58 28.48 -16.00 -18.09
C VAL E 58 29.62 -16.24 -17.10
N PRO E 59 30.86 -16.00 -17.54
CA PRO E 59 32.03 -16.21 -16.68
C PRO E 59 31.88 -15.63 -15.28
N SER E 60 32.40 -16.35 -14.28
CA SER E 60 32.35 -15.89 -12.90
C SER E 60 33.12 -14.58 -12.70
N ARG E 61 34.16 -14.37 -13.49
CA ARG E 61 34.94 -13.15 -13.32
C ARG E 61 34.12 -11.91 -13.59
N PHE E 62 32.80 -12.08 -13.59
CA PHE E 62 31.91 -10.97 -13.81
C PHE E 62 31.07 -10.63 -12.56
N SER E 63 31.12 -9.35 -12.18
CA SER E 63 30.39 -8.87 -11.00
C SER E 63 29.74 -7.52 -11.21
N GLY E 64 28.58 -7.37 -10.59
CA GLY E 64 27.84 -6.14 -10.68
C GLY E 64 27.65 -5.57 -9.30
N SER E 65 27.51 -4.25 -9.24
CA SER E 65 27.34 -3.59 -7.96
C SER E 65 26.78 -2.20 -8.23
N GLY E 66 26.17 -1.62 -7.22
CA GLY E 66 25.59 -0.29 -7.36
C GLY E 66 24.39 -0.17 -6.46
N SER E 67 24.00 1.08 -6.17
CA SER E 67 22.85 1.31 -5.30
C SER E 67 22.27 2.70 -5.51
N GLY E 68 20.96 2.74 -5.75
CA GLY E 68 20.33 4.01 -5.94
C GLY E 68 20.72 4.74 -7.21
N THR E 69 21.91 5.33 -7.26
CA THR E 69 22.32 6.05 -8.45
C THR E 69 23.69 5.71 -8.99
N ASP E 70 24.48 5.01 -8.18
CA ASP E 70 25.82 4.64 -8.60
C ASP E 70 26.03 3.14 -8.66
N TYR E 71 26.35 2.67 -9.87
CA TYR E 71 26.55 1.25 -10.10
C TYR E 71 27.85 0.98 -10.87
N SER E 72 28.37 -0.24 -10.72
CA SER E 72 29.61 -0.60 -11.38
C SER E 72 29.81 -2.07 -11.77
N LEU E 73 30.38 -2.24 -12.96
CA LEU E 73 30.67 -3.56 -13.49
C LEU E 73 32.13 -3.82 -13.24
N THR E 74 32.42 -4.98 -12.69
CA THR E 74 33.78 -5.37 -12.35
C THR E 74 34.22 -6.72 -12.93
N ILE E 75 35.06 -6.67 -13.96
CA ILE E 75 35.58 -7.88 -14.57
C ILE E 75 36.77 -8.32 -13.72
N SER E 76 36.65 -9.49 -13.09
CA SER E 76 37.68 -10.02 -12.21
C SER E 76 39.07 -9.86 -12.81
N ASN E 77 39.42 -10.73 -13.74
CA ASN E 77 40.73 -10.62 -14.38
C ASN E 77 40.71 -10.90 -15.87
N LEU E 78 40.81 -9.82 -16.62
CA LEU E 78 40.80 -9.81 -18.06
C LEU E 78 41.27 -11.05 -18.80
N GLU E 79 40.63 -11.24 -19.94
CA GLU E 79 40.90 -12.33 -20.87
C GLU E 79 40.83 -11.64 -22.22
N PRO E 80 41.13 -12.37 -23.30
CA PRO E 80 41.07 -11.70 -24.60
C PRO E 80 39.68 -11.39 -25.14
N GLU E 81 38.64 -11.99 -24.56
CA GLU E 81 37.30 -11.75 -25.06
C GLU E 81 36.59 -10.64 -24.34
N ASP E 82 37.17 -10.18 -23.23
CA ASP E 82 36.52 -9.14 -22.46
C ASP E 82 36.79 -7.76 -22.99
N ILE E 83 37.78 -7.65 -23.86
CA ILE E 83 38.18 -6.36 -24.38
C ILE E 83 37.25 -5.74 -25.44
N ALA E 84 36.05 -5.35 -25.03
CA ALA E 84 35.13 -4.73 -25.98
C ALA E 84 34.24 -3.76 -25.26
N THR E 85 33.44 -3.00 -26.00
CA THR E 85 32.52 -2.01 -25.41
C THR E 85 31.45 -2.55 -24.44
N TYR E 86 31.12 -1.74 -23.43
CA TYR E 86 30.15 -2.14 -22.41
C TYR E 86 28.98 -1.20 -22.21
N TYR E 87 27.79 -1.78 -22.05
CA TYR E 87 26.61 -0.96 -21.87
C TYR E 87 25.76 -1.30 -20.65
N CYS E 88 25.22 -0.25 -20.04
CA CYS E 88 24.34 -0.39 -18.88
C CYS E 88 23.00 0.22 -19.23
N GLN E 89 21.96 -0.58 -19.00
CA GLN E 89 20.59 -0.19 -19.27
C GLN E 89 19.80 -0.13 -17.97
N GLN E 90 19.00 0.93 -17.87
CA GLN E 90 18.15 1.22 -16.73
C GLN E 90 16.72 0.85 -17.13
N TYR E 91 16.09 -0.05 -16.38
CA TYR E 91 14.72 -0.47 -16.70
C TYR E 91 13.81 -0.21 -15.53
N SER E 92 13.87 1.02 -15.02
CA SER E 92 13.06 1.40 -13.88
C SER E 92 11.93 2.29 -14.29
N LYS E 93 11.90 2.67 -15.56
CA LYS E 93 10.85 3.56 -16.02
C LYS E 93 11.04 3.86 -17.49
N PHE E 94 10.10 3.44 -18.34
CA PHE E 94 10.24 3.75 -19.75
C PHE E 94 10.17 5.27 -19.83
N PRO E 95 10.88 5.88 -20.78
CA PRO E 95 11.72 5.18 -21.74
C PRO E 95 12.97 4.55 -21.14
N TRP E 96 13.31 3.35 -21.61
CA TRP E 96 14.49 2.65 -21.18
C TRP E 96 15.72 3.41 -21.68
N THR E 97 16.83 3.28 -20.97
CA THR E 97 18.03 3.97 -21.38
C THR E 97 19.30 3.19 -21.05
N PHE E 98 20.30 3.34 -21.93
CA PHE E 98 21.59 2.69 -21.79
C PHE E 98 22.62 3.79 -21.57
N GLY E 99 23.81 3.41 -21.09
CA GLY E 99 24.86 4.40 -20.92
C GLY E 99 25.34 4.88 -22.28
N GLY E 100 26.62 5.21 -22.36
CA GLY E 100 27.20 5.66 -23.61
C GLY E 100 28.25 4.64 -23.96
N GLY E 101 28.28 3.60 -23.13
CA GLY E 101 29.21 2.51 -23.30
C GLY E 101 30.60 2.88 -22.85
N THR E 102 31.36 1.87 -22.47
CA THR E 102 32.73 2.07 -22.05
C THR E 102 33.59 1.10 -22.85
N LYS E 103 34.35 1.63 -23.81
CA LYS E 103 35.25 0.84 -24.63
C LYS E 103 36.37 0.30 -23.76
N LEU E 104 36.55 -1.02 -23.71
CA LEU E 104 37.63 -1.61 -22.91
C LEU E 104 38.73 -2.05 -23.86
N GLU E 105 39.84 -1.32 -23.88
CA GLU E 105 40.95 -1.62 -24.78
C GLU E 105 42.18 -2.26 -24.17
N ILE E 106 43.23 -2.46 -24.97
CA ILE E 106 44.45 -3.10 -24.48
C ILE E 106 45.69 -2.23 -24.55
N LYS E 107 46.22 -1.88 -23.37
CA LYS E 107 47.40 -1.01 -23.24
C LYS E 107 48.60 -1.64 -23.94
N ARG E 108 49.22 -0.88 -24.83
CA ARG E 108 50.39 -1.32 -25.59
C ARG E 108 51.47 -0.24 -25.67
N ALA E 109 52.72 -0.59 -25.41
CA ALA E 109 53.82 0.36 -25.46
C ALA E 109 53.67 1.38 -26.61
N ASP E 110 53.55 2.65 -26.25
CA ASP E 110 53.35 3.72 -27.24
C ASP E 110 54.28 3.67 -28.43
N ALA E 111 53.74 3.92 -29.61
CA ALA E 111 54.53 3.92 -30.83
C ALA E 111 54.06 5.09 -31.66
N ALA E 112 54.94 5.64 -32.49
CA ALA E 112 54.58 6.79 -33.30
C ALA E 112 54.06 6.50 -34.69
N PRO E 113 53.23 7.40 -35.22
CA PRO E 113 52.60 7.36 -36.54
C PRO E 113 53.53 7.30 -37.73
N THR E 114 53.45 6.18 -38.45
CA THR E 114 54.27 5.95 -39.63
C THR E 114 53.61 6.64 -40.82
N VAL E 115 53.67 7.97 -40.80
CA VAL E 115 53.08 8.82 -41.82
C VAL E 115 53.48 8.43 -43.22
N SER E 116 52.67 8.85 -44.19
CA SER E 116 52.89 8.55 -45.60
C SER E 116 51.95 9.49 -46.35
N ILE E 117 52.47 10.28 -47.28
CA ILE E 117 51.64 11.23 -48.02
C ILE E 117 51.60 10.89 -49.51
N PHE E 118 50.51 11.24 -50.19
CA PHE E 118 50.43 10.90 -51.62
C PHE E 118 49.97 11.96 -52.58
N PRO E 119 50.39 11.81 -53.83
CA PRO E 119 50.06 12.70 -54.95
C PRO E 119 48.75 12.27 -55.60
N PRO E 120 47.90 13.23 -55.95
CA PRO E 120 46.62 12.92 -56.59
C PRO E 120 46.83 12.07 -57.85
N SER E 121 46.63 10.76 -57.73
CA SER E 121 46.80 9.83 -58.84
C SER E 121 46.39 10.44 -60.17
N SER E 122 47.24 10.27 -61.18
CA SER E 122 46.98 10.83 -62.49
C SER E 122 45.50 10.83 -62.85
N GLU E 123 44.93 9.64 -62.99
CA GLU E 123 43.52 9.49 -63.35
C GLU E 123 42.58 10.36 -62.54
N GLN E 124 42.82 10.46 -61.24
CA GLN E 124 41.96 11.29 -60.41
C GLN E 124 42.02 12.68 -61.03
N LEU E 125 43.23 13.11 -61.34
CA LEU E 125 43.46 14.40 -61.95
C LEU E 125 42.99 14.40 -63.39
N THR E 126 43.08 13.24 -64.02
CA THR E 126 42.65 13.08 -65.41
C THR E 126 41.17 13.45 -65.55
N SER E 127 40.45 13.31 -64.44
CA SER E 127 39.00 13.60 -64.43
C SER E 127 38.60 14.92 -63.78
N GLY E 128 39.58 15.68 -63.31
CA GLY E 128 39.28 16.97 -62.70
C GLY E 128 39.17 16.98 -61.19
N GLY E 129 39.68 15.96 -60.54
CA GLY E 129 39.60 15.91 -59.09
C GLY E 129 40.93 15.63 -58.43
N ALA E 130 41.18 16.29 -57.31
CA ALA E 130 42.45 16.08 -56.63
C ALA E 130 42.32 15.86 -55.12
N SER E 131 42.64 14.65 -54.69
CA SER E 131 42.60 14.30 -53.27
C SER E 131 44.04 14.14 -52.85
N VAL E 132 44.30 14.20 -51.56
CA VAL E 132 45.66 14.01 -51.10
C VAL E 132 45.63 13.13 -49.87
N VAL E 133 45.83 11.85 -50.09
CA VAL E 133 45.80 10.88 -49.02
C VAL E 133 47.00 11.07 -48.11
N CYS E 134 46.90 10.58 -46.87
CA CYS E 134 47.99 10.65 -45.90
C CYS E 134 47.74 9.65 -44.77
N PHE E 135 48.37 8.48 -44.84
CA PHE E 135 48.15 7.45 -43.84
C PHE E 135 49.01 7.56 -42.59
N LEU E 136 48.38 7.46 -41.44
CA LEU E 136 49.11 7.48 -40.19
C LEU E 136 48.93 6.07 -39.69
N ASN E 137 50.01 5.31 -39.62
CA ASN E 137 49.85 3.92 -39.23
C ASN E 137 50.46 3.39 -37.94
N ASN E 138 49.72 2.44 -37.38
CA ASN E 138 50.07 1.70 -36.18
C ASN E 138 50.53 2.46 -34.96
N PHE E 139 50.09 3.70 -34.82
CA PHE E 139 50.49 4.52 -33.68
C PHE E 139 49.75 4.18 -32.38
N TYR E 140 50.27 4.67 -31.26
CA TYR E 140 49.65 4.45 -29.98
C TYR E 140 50.00 5.62 -29.05
N PRO E 141 49.00 6.16 -28.33
CA PRO E 141 47.59 5.73 -28.32
C PRO E 141 46.77 6.34 -29.47
N LYS E 142 45.45 6.21 -29.36
CA LYS E 142 44.57 6.72 -30.39
C LYS E 142 44.62 8.23 -30.63
N ASP E 143 44.44 9.01 -29.57
CA ASP E 143 44.44 10.48 -29.64
C ASP E 143 45.55 11.09 -30.50
N ILE E 144 45.32 11.24 -31.79
CA ILE E 144 46.32 11.83 -32.66
C ILE E 144 45.71 13.11 -33.22
N ASN E 145 46.51 13.89 -33.93
CA ASN E 145 45.98 15.13 -34.47
C ASN E 145 46.64 15.57 -35.75
N VAL E 146 45.88 15.54 -36.83
CA VAL E 146 46.38 15.92 -38.15
C VAL E 146 46.22 17.41 -38.42
N LYS E 147 46.93 17.88 -39.44
CA LYS E 147 46.89 19.27 -39.86
C LYS E 147 47.30 19.35 -41.31
N TRP E 148 46.51 20.03 -42.12
CA TRP E 148 46.83 20.17 -43.51
C TRP E 148 47.26 21.60 -43.82
N LYS E 149 48.54 21.77 -44.14
CA LYS E 149 49.07 23.09 -44.47
C LYS E 149 49.42 23.10 -45.95
N ILE E 150 48.87 24.05 -46.68
CA ILE E 150 49.18 24.18 -48.12
C ILE E 150 50.08 25.41 -48.27
N ASP E 151 51.32 25.18 -48.73
CA ASP E 151 52.25 26.28 -48.87
C ASP E 151 52.11 27.02 -47.55
N GLY E 152 52.50 26.33 -46.49
CA GLY E 152 52.43 26.88 -45.15
C GLY E 152 51.02 27.10 -44.60
N SER E 153 50.24 27.92 -45.32
CA SER E 153 48.88 28.26 -44.93
C SER E 153 47.96 27.06 -44.71
N GLU E 154 47.46 26.90 -43.48
CA GLU E 154 46.56 25.80 -43.15
C GLU E 154 45.32 25.81 -44.07
N ARG E 155 44.67 24.64 -44.18
CA ARG E 155 43.46 24.49 -45.01
C ARG E 155 42.33 23.86 -44.20
N GLN E 156 41.12 24.37 -44.41
CA GLN E 156 39.96 23.86 -43.70
C GLN E 156 39.09 22.98 -44.61
N ASN E 157 38.67 23.55 -45.74
CA ASN E 157 37.83 22.85 -46.72
C ASN E 157 38.57 21.71 -47.42
N GLY E 158 37.86 20.61 -47.64
CA GLY E 158 38.44 19.45 -48.33
C GLY E 158 39.04 18.37 -47.43
N VAL E 159 39.19 18.70 -46.15
CA VAL E 159 39.76 17.77 -45.18
C VAL E 159 38.80 16.70 -44.72
N LEU E 160 39.28 15.47 -44.68
CA LEU E 160 38.50 14.33 -44.25
C LEU E 160 39.35 13.46 -43.35
N ASN E 161 38.71 12.60 -42.58
CA ASN E 161 39.46 11.75 -41.68
C ASN E 161 38.69 10.46 -41.41
N SER E 162 39.43 9.42 -41.04
CA SER E 162 38.86 8.11 -40.74
C SER E 162 39.79 7.38 -39.80
N TRP E 163 39.28 6.91 -38.68
CA TRP E 163 40.11 6.19 -37.72
C TRP E 163 39.76 4.73 -37.81
N THR E 164 40.56 3.89 -37.18
CA THR E 164 40.31 2.46 -37.21
C THR E 164 40.17 2.03 -35.79
N ASP E 165 39.66 0.82 -35.62
CA ASP E 165 39.49 0.25 -34.30
C ASP E 165 40.87 -0.24 -33.89
N GLN E 166 41.05 -0.54 -32.61
CA GLN E 166 42.33 -1.03 -32.15
C GLN E 166 42.52 -2.36 -32.87
N ASP E 167 43.66 -2.50 -33.53
CA ASP E 167 43.98 -3.73 -34.25
C ASP E 167 44.11 -4.81 -33.19
N SER E 168 43.43 -5.93 -33.37
CA SER E 168 43.48 -6.96 -32.34
C SER E 168 44.80 -7.67 -32.13
N LYS E 169 45.75 -7.46 -33.04
CA LYS E 169 47.05 -8.13 -32.93
C LYS E 169 48.16 -7.24 -32.39
N ASP E 170 48.43 -6.13 -33.07
CA ASP E 170 49.50 -5.25 -32.62
C ASP E 170 48.96 -4.11 -31.75
N SER E 171 47.70 -4.22 -31.35
CA SER E 171 47.07 -3.23 -30.49
C SER E 171 47.36 -1.77 -30.88
N THR E 172 47.30 -1.44 -32.15
CA THR E 172 47.57 -0.06 -32.52
C THR E 172 46.44 0.50 -33.37
N TYR E 173 46.47 1.80 -33.65
CA TYR E 173 45.46 2.44 -34.46
C TYR E 173 46.10 3.01 -35.70
N SER E 174 45.27 3.26 -36.70
CA SER E 174 45.76 3.82 -37.95
C SER E 174 44.76 4.89 -38.33
N MET E 175 44.96 5.58 -39.44
CA MET E 175 44.04 6.66 -39.77
C MET E 175 44.17 7.38 -41.10
N SER E 176 43.27 7.12 -42.03
CA SER E 176 43.29 7.79 -43.32
C SER E 176 42.89 9.25 -43.07
N SER E 177 43.36 10.15 -43.93
CA SER E 177 43.03 11.56 -43.83
C SER E 177 43.17 12.06 -45.25
N THR E 178 42.11 12.65 -45.78
CA THR E 178 42.16 13.07 -47.16
C THR E 178 41.78 14.51 -47.44
N LEU E 179 42.58 15.16 -48.27
CA LEU E 179 42.34 16.55 -48.65
C LEU E 179 41.76 16.58 -50.06
N THR E 180 40.50 16.95 -50.17
CA THR E 180 39.81 16.99 -51.46
C THR E 180 39.60 18.39 -52.01
N LEU E 181 40.39 18.73 -53.02
CA LEU E 181 40.31 20.02 -53.67
C LEU E 181 39.96 19.79 -55.11
N THR E 182 39.72 20.88 -55.81
CA THR E 182 39.40 20.78 -57.22
C THR E 182 40.74 20.70 -57.95
N LYS E 183 40.71 20.23 -59.18
CA LYS E 183 41.93 20.12 -59.96
C LYS E 183 42.54 21.51 -60.16
N ASP E 184 41.71 22.48 -60.56
CA ASP E 184 42.22 23.83 -60.76
C ASP E 184 42.89 24.32 -59.49
N GLU E 185 42.33 23.98 -58.32
CA GLU E 185 42.93 24.41 -57.07
C GLU E 185 44.19 23.61 -56.78
N TYR E 186 44.20 22.35 -57.20
CA TYR E 186 45.40 21.54 -56.99
C TYR E 186 46.47 22.10 -57.89
N GLU E 187 46.11 22.35 -59.14
CA GLU E 187 47.04 22.91 -60.12
C GLU E 187 47.23 24.44 -59.96
N ARG E 188 46.91 24.94 -58.77
CA ARG E 188 47.03 26.36 -58.46
C ARG E 188 47.92 26.51 -57.24
N HIS E 189 48.67 25.46 -56.92
CA HIS E 189 49.57 25.47 -55.77
C HIS E 189 50.64 24.41 -55.97
N ASN E 190 51.72 24.47 -55.20
CA ASN E 190 52.77 23.48 -55.35
C ASN E 190 53.02 22.68 -54.07
N SER E 191 52.89 23.31 -52.91
CA SER E 191 53.14 22.61 -51.66
C SER E 191 51.92 22.14 -50.86
N TYR E 192 51.99 20.90 -50.41
CA TYR E 192 50.93 20.28 -49.62
C TYR E 192 51.59 19.54 -48.48
N THR E 193 51.13 19.78 -47.25
CA THR E 193 51.73 19.14 -46.10
C THR E 193 50.79 18.46 -45.12
N CYS E 194 51.24 17.29 -44.64
CA CYS E 194 50.48 16.51 -43.67
C CYS E 194 51.26 16.62 -42.36
N GLU E 195 50.58 16.98 -41.29
CA GLU E 195 51.25 17.11 -39.99
C GLU E 195 50.62 16.22 -38.92
N ALA E 196 51.44 15.41 -38.27
CA ALA E 196 50.91 14.51 -37.26
C ALA E 196 51.34 14.83 -35.85
N THR E 197 50.43 15.39 -35.07
CA THR E 197 50.73 15.74 -33.68
C THR E 197 50.33 14.57 -32.77
N HIS E 198 51.29 13.74 -32.38
CA HIS E 198 51.01 12.60 -31.50
C HIS E 198 51.67 12.80 -30.15
N LYS E 199 51.22 12.05 -29.15
CA LYS E 199 51.78 12.18 -27.81
C LYS E 199 53.17 11.54 -27.73
N THR E 200 53.91 11.55 -28.82
CA THR E 200 55.23 10.94 -28.79
C THR E 200 56.38 11.93 -29.01
N SER E 201 56.24 12.84 -29.96
CA SER E 201 57.31 13.79 -30.21
C SER E 201 56.86 15.21 -29.97
N THR E 202 57.65 15.92 -29.16
CA THR E 202 57.39 17.31 -28.82
C THR E 202 57.27 18.10 -30.11
N SER E 203 57.62 17.45 -31.23
CA SER E 203 57.56 18.07 -32.55
C SER E 203 56.68 17.26 -33.48
N PRO E 204 55.73 17.91 -34.16
CA PRO E 204 54.85 17.19 -35.08
C PRO E 204 55.63 16.51 -36.18
N ILE E 205 55.25 15.27 -36.47
CA ILE E 205 55.88 14.52 -37.54
C ILE E 205 55.28 15.08 -38.82
N VAL E 206 56.11 15.25 -39.84
CA VAL E 206 55.64 15.79 -41.10
C VAL E 206 56.21 14.99 -42.26
N LYS E 207 55.60 15.13 -43.43
CA LYS E 207 56.03 14.47 -44.66
C LYS E 207 55.24 15.27 -45.69
N SER E 208 55.85 15.58 -46.83
CA SER E 208 55.15 16.38 -47.84
C SER E 208 55.69 16.22 -49.26
N PHE E 209 55.27 17.10 -50.15
CA PHE E 209 55.71 17.03 -51.54
C PHE E 209 55.27 18.25 -52.36
N ASN E 210 55.71 18.31 -53.62
CA ASN E 210 55.35 19.40 -54.53
C ASN E 210 55.08 18.90 -55.92
N ARG E 211 53.88 19.19 -56.41
CA ARG E 211 53.43 18.77 -57.73
C ARG E 211 54.44 19.06 -58.84
N GLN F 1 18.61 -22.49 -27.70
CA GLN F 1 17.67 -22.74 -28.81
C GLN F 1 16.88 -21.46 -29.19
N ILE F 2 17.01 -20.39 -28.41
CA ILE F 2 16.30 -19.15 -28.74
C ILE F 2 17.14 -18.39 -29.75
N THR F 3 16.48 -17.72 -30.68
CA THR F 3 17.17 -16.97 -31.73
C THR F 3 16.25 -15.95 -32.33
N LEU F 4 16.83 -14.85 -32.79
CA LEU F 4 16.06 -13.79 -33.41
C LEU F 4 16.77 -13.30 -34.65
N LYS F 5 16.02 -12.92 -35.67
CA LYS F 5 16.68 -12.47 -36.88
C LYS F 5 15.98 -11.27 -37.47
N GLU F 6 16.71 -10.16 -37.57
CA GLU F 6 16.14 -8.95 -38.12
C GLU F 6 16.09 -9.07 -39.62
N SER F 7 15.01 -8.61 -40.24
CA SER F 7 14.87 -8.62 -41.70
C SER F 7 14.65 -7.15 -42.03
N GLY F 8 15.01 -6.69 -43.22
CA GLY F 8 14.79 -5.29 -43.51
C GLY F 8 15.03 -4.95 -44.96
N PRO F 9 14.89 -3.68 -45.38
CA PRO F 9 15.11 -3.34 -46.78
C PRO F 9 16.53 -2.84 -46.99
N GLY F 10 17.31 -2.84 -45.91
CA GLY F 10 18.70 -2.40 -45.98
C GLY F 10 18.92 -0.93 -46.29
N ILE F 11 18.29 -0.45 -47.36
CA ILE F 11 18.43 0.93 -47.76
C ILE F 11 17.07 1.54 -48.12
N VAL F 12 16.77 2.68 -47.51
CA VAL F 12 15.50 3.36 -47.70
C VAL F 12 15.63 4.78 -48.21
N GLN F 13 14.65 5.19 -49.00
CA GLN F 13 14.62 6.52 -49.58
C GLN F 13 14.08 7.51 -48.58
N PRO F 14 14.78 8.64 -48.41
CA PRO F 14 14.41 9.72 -47.49
C PRO F 14 12.94 10.11 -47.49
N SER F 15 12.33 10.02 -46.32
CA SER F 15 10.93 10.36 -46.11
C SER F 15 9.96 9.35 -46.69
N GLN F 16 10.30 8.08 -46.52
CA GLN F 16 9.50 6.94 -46.98
C GLN F 16 9.55 6.02 -45.76
N PRO F 17 8.62 5.08 -45.65
CA PRO F 17 8.60 4.19 -44.50
C PRO F 17 9.37 2.93 -44.75
N PHE F 18 9.81 2.29 -43.66
CA PHE F 18 10.54 1.03 -43.76
C PHE F 18 9.99 0.10 -42.68
N ARG F 19 10.12 -1.21 -42.88
CA ARG F 19 9.55 -2.13 -41.92
C ARG F 19 10.39 -3.32 -41.57
N LEU F 20 10.88 -3.34 -40.34
CA LEU F 20 11.73 -4.42 -39.85
C LEU F 20 10.91 -5.60 -39.33
N THR F 21 11.36 -6.81 -39.66
CA THR F 21 10.68 -8.02 -39.25
C THR F 21 11.61 -8.89 -38.41
N CYS F 22 11.23 -9.10 -37.16
CA CYS F 22 12.03 -9.90 -36.27
C CYS F 22 11.49 -11.29 -36.17
N THR F 23 12.13 -12.25 -36.84
CA THR F 23 11.68 -13.62 -36.80
C THR F 23 12.44 -14.39 -35.74
N PHE F 24 11.69 -14.99 -34.81
CA PHE F 24 12.28 -15.74 -33.71
C PHE F 24 11.78 -17.16 -33.60
N SER F 25 12.44 -17.91 -32.73
CA SER F 25 12.10 -19.28 -32.47
C SER F 25 12.66 -19.58 -31.09
N GLY F 26 11.96 -20.42 -30.32
CA GLY F 26 12.42 -20.75 -28.99
C GLY F 26 11.57 -20.21 -27.87
N PHE F 27 10.51 -19.49 -28.23
CA PHE F 27 9.58 -18.91 -27.25
C PHE F 27 8.46 -18.30 -28.04
N SER F 28 7.29 -18.14 -27.45
CA SER F 28 6.19 -17.52 -28.20
C SER F 28 6.03 -16.12 -27.66
N LEU F 29 5.23 -15.29 -28.32
CA LEU F 29 4.99 -13.95 -27.82
C LEU F 29 3.73 -14.00 -26.95
N SER F 30 3.38 -15.21 -26.54
CA SER F 30 2.22 -15.46 -25.71
C SER F 30 2.67 -15.65 -24.27
N THR F 31 3.58 -16.59 -24.02
CA THR F 31 4.03 -16.83 -22.65
C THR F 31 4.24 -15.51 -21.89
N SER F 32 3.39 -15.35 -20.88
CA SER F 32 3.32 -14.19 -20.00
C SER F 32 4.46 -13.20 -19.87
N GLY F 33 5.62 -13.63 -19.39
CA GLY F 33 6.70 -12.67 -19.21
C GLY F 33 7.26 -11.97 -20.44
N ILE F 34 7.27 -12.70 -21.55
CA ILE F 34 7.82 -12.25 -22.83
C ILE F 34 7.43 -10.93 -23.48
N GLY F 35 8.31 -10.52 -24.38
CA GLY F 35 8.13 -9.30 -25.16
C GLY F 35 9.38 -9.04 -26.00
N VAL F 36 9.20 -8.39 -27.13
CA VAL F 36 10.32 -8.07 -27.99
C VAL F 36 10.64 -6.59 -27.93
N THR F 37 11.92 -6.26 -27.90
CA THR F 37 12.34 -4.87 -27.85
C THR F 37 13.11 -4.56 -29.11
N TRP F 38 13.09 -3.31 -29.54
CA TRP F 38 13.82 -2.96 -30.74
C TRP F 38 14.86 -1.91 -30.42
N ILE F 39 16.14 -2.27 -30.49
CA ILE F 39 17.21 -1.33 -30.22
C ILE F 39 17.80 -0.80 -31.51
N ARG F 40 18.29 0.42 -31.46
CA ARG F 40 18.91 1.05 -32.62
C ARG F 40 20.35 1.43 -32.24
N GLN F 41 21.22 1.52 -33.23
CA GLN F 41 22.61 1.89 -32.99
C GLN F 41 23.18 2.55 -34.22
N PRO F 42 23.29 3.88 -34.19
CA PRO F 42 23.82 4.58 -35.36
C PRO F 42 25.27 4.21 -35.50
N SER F 43 25.77 4.35 -36.73
CA SER F 43 27.15 4.05 -37.07
C SER F 43 28.14 4.67 -36.07
N GLY F 44 28.83 3.80 -35.31
CA GLY F 44 29.80 4.28 -34.34
C GLY F 44 29.28 4.82 -33.01
N LYS F 45 27.99 5.16 -32.93
CA LYS F 45 27.44 5.67 -31.69
C LYS F 45 26.91 4.55 -30.77
N GLY F 46 26.30 4.93 -29.66
CA GLY F 46 25.80 3.93 -28.73
C GLY F 46 24.38 3.46 -28.91
N LEU F 47 24.00 2.46 -28.12
CA LEU F 47 22.68 1.87 -28.19
C LEU F 47 21.58 2.85 -27.76
N GLU F 48 20.47 2.81 -28.51
CA GLU F 48 19.31 3.66 -28.28
C GLU F 48 18.10 2.73 -28.23
N TRP F 49 17.16 2.99 -27.34
CA TRP F 49 15.96 2.15 -27.22
C TRP F 49 14.87 2.66 -28.15
N LEU F 50 14.07 1.76 -28.71
CA LEU F 50 13.02 2.16 -29.64
C LEU F 50 11.63 1.85 -29.16
N ALA F 51 11.39 0.60 -28.82
CA ALA F 51 10.09 0.23 -28.35
C ALA F 51 10.13 -1.19 -27.90
N THR F 52 9.15 -1.59 -27.11
CA THR F 52 9.10 -2.95 -26.65
C THR F 52 7.65 -3.37 -26.78
N ILE F 53 7.41 -4.47 -27.48
CA ILE F 53 6.07 -4.97 -27.69
C ILE F 53 5.82 -6.13 -26.75
N TRP F 54 4.91 -5.98 -25.82
CA TRP F 54 4.66 -7.06 -24.87
C TRP F 54 3.60 -8.04 -25.28
N TRP F 55 3.50 -9.14 -24.54
CA TRP F 55 2.52 -10.18 -24.84
C TRP F 55 1.09 -9.71 -24.66
N ASP F 56 0.88 -8.76 -23.75
CA ASP F 56 -0.46 -8.22 -23.50
C ASP F 56 -0.74 -7.08 -24.48
N ASP F 57 0.28 -6.67 -25.19
CA ASP F 57 0.19 -5.59 -26.15
C ASP F 57 0.13 -4.22 -25.51
N ASP F 58 0.86 -4.08 -24.41
CA ASP F 58 0.96 -2.82 -23.68
C ASP F 58 2.23 -2.14 -24.14
N ASN F 59 2.52 -2.32 -25.42
CA ASN F 59 3.69 -1.75 -26.08
C ASN F 59 4.03 -0.35 -25.58
N ARG F 60 5.33 -0.08 -25.40
CA ARG F 60 5.78 1.23 -24.94
C ARG F 60 6.79 1.79 -25.94
N TYR F 61 6.61 3.05 -26.36
CA TYR F 61 7.50 3.66 -27.34
C TYR F 61 8.54 4.63 -26.82
N ASN F 62 9.54 4.85 -27.65
CA ASN F 62 10.55 5.81 -27.33
C ASN F 62 9.76 7.08 -27.57
N PRO F 63 9.66 7.94 -26.55
CA PRO F 63 8.94 9.20 -26.63
C PRO F 63 9.39 10.05 -27.78
N SER F 64 10.70 10.12 -27.97
CA SER F 64 11.29 10.94 -29.03
C SER F 64 10.92 10.52 -30.46
N LEU F 65 10.25 9.39 -30.61
CA LEU F 65 9.91 8.95 -31.95
C LEU F 65 8.54 8.29 -32.08
N LYS F 66 7.82 8.13 -30.96
CA LYS F 66 6.51 7.49 -31.00
C LYS F 66 5.71 7.96 -32.21
N SER F 67 5.79 9.24 -32.51
CA SER F 67 5.07 9.80 -33.65
C SER F 67 5.39 9.13 -34.99
N ARG F 68 6.49 8.38 -35.04
CA ARG F 68 6.89 7.73 -36.28
C ARG F 68 6.96 6.22 -36.11
N LEU F 69 7.28 5.77 -34.91
CA LEU F 69 7.38 4.35 -34.66
C LEU F 69 6.03 3.68 -34.48
N THR F 70 5.99 2.37 -34.69
CA THR F 70 4.78 1.58 -34.52
C THR F 70 5.17 0.13 -34.43
N VAL F 71 4.85 -0.49 -33.31
CA VAL F 71 5.22 -1.87 -33.10
C VAL F 71 4.05 -2.84 -33.18
N SER F 72 4.35 -4.08 -33.57
CA SER F 72 3.33 -5.10 -33.71
C SER F 72 3.88 -6.52 -33.78
N LYS F 73 2.99 -7.49 -33.95
CA LYS F 73 3.42 -8.87 -34.02
C LYS F 73 2.47 -9.70 -34.86
N ASP F 74 2.76 -11.00 -34.91
CA ASP F 74 1.98 -12.00 -35.66
C ASP F 74 2.40 -13.25 -34.91
N THR F 75 2.05 -13.26 -33.62
CA THR F 75 2.41 -14.32 -32.70
C THR F 75 2.31 -15.73 -33.24
N SER F 76 1.45 -15.93 -34.21
CA SER F 76 1.32 -17.26 -34.76
C SER F 76 2.55 -17.66 -35.57
N ASN F 77 3.14 -16.71 -36.28
CA ASN F 77 4.33 -16.96 -37.08
C ASN F 77 5.60 -16.67 -36.33
N ASN F 78 5.46 -16.21 -35.10
CA ASN F 78 6.61 -15.89 -34.28
C ASN F 78 7.39 -14.72 -34.81
N GLN F 79 6.71 -13.78 -35.45
CA GLN F 79 7.44 -12.63 -35.96
C GLN F 79 6.97 -11.42 -35.20
N ALA F 80 7.81 -10.41 -35.13
CA ALA F 80 7.43 -9.19 -34.45
C ALA F 80 7.94 -8.11 -35.38
N PHE F 81 7.16 -7.09 -35.67
CA PHE F 81 7.64 -6.08 -36.60
C PHE F 81 7.71 -4.72 -35.99
N LEU F 82 8.39 -3.82 -36.70
CA LEU F 82 8.54 -2.45 -36.29
C LEU F 82 8.45 -1.60 -37.55
N ASN F 83 7.51 -0.66 -37.60
CA ASN F 83 7.38 0.20 -38.77
C ASN F 83 7.80 1.62 -38.41
N MET F 84 8.60 2.24 -39.25
CA MET F 84 9.02 3.60 -39.01
C MET F 84 8.48 4.45 -40.15
N MET F 85 7.93 5.62 -39.83
CA MET F 85 7.36 6.47 -40.86
C MET F 85 8.23 7.67 -41.11
N THR F 86 8.18 8.17 -42.34
CA THR F 86 8.94 9.36 -42.72
C THR F 86 10.35 9.35 -42.11
N VAL F 87 11.19 8.45 -42.64
CA VAL F 87 12.55 8.29 -42.17
C VAL F 87 13.47 9.36 -42.74
N GLU F 88 14.35 9.88 -41.89
CA GLU F 88 15.31 10.87 -42.32
C GLU F 88 16.70 10.24 -42.26
N THR F 89 17.67 10.90 -42.88
CA THR F 89 19.03 10.40 -42.91
C THR F 89 19.48 9.90 -41.54
N ALA F 90 19.12 10.64 -40.50
CA ALA F 90 19.51 10.28 -39.15
C ALA F 90 19.06 8.88 -38.71
N ASP F 91 18.06 8.33 -39.38
CA ASP F 91 17.54 7.03 -39.01
C ASP F 91 18.43 5.87 -39.44
N THR F 92 19.50 6.19 -40.15
CA THR F 92 20.44 5.19 -40.61
C THR F 92 21.12 4.61 -39.38
N ALA F 93 21.05 3.29 -39.22
CA ALA F 93 21.66 2.64 -38.07
C ALA F 93 21.47 1.15 -38.16
N ILE F 94 21.99 0.42 -37.19
CA ILE F 94 21.84 -1.02 -37.17
C ILE F 94 20.73 -1.28 -36.18
N TYR F 95 19.72 -2.02 -36.60
CA TYR F 95 18.59 -2.30 -35.75
C TYR F 95 18.60 -3.66 -35.13
N TYR F 96 18.43 -3.73 -33.82
CA TYR F 96 18.41 -5.03 -33.20
C TYR F 96 17.05 -5.29 -32.66
N CYS F 97 16.66 -6.55 -32.61
CA CYS F 97 15.40 -6.91 -32.00
C CYS F 97 15.88 -7.91 -30.99
N ALA F 98 15.48 -7.74 -29.74
CA ALA F 98 15.93 -8.61 -28.69
C ALA F 98 14.77 -9.22 -27.95
N GLN F 99 14.99 -10.39 -27.37
CA GLN F 99 13.93 -11.05 -26.62
C GLN F 99 13.98 -10.58 -25.21
N SER F 100 13.01 -9.75 -24.82
CA SER F 100 12.96 -9.23 -23.48
C SER F 100 11.97 -10.03 -22.64
N ALA F 101 12.34 -10.38 -21.43
CA ALA F 101 11.42 -11.15 -20.61
C ALA F 101 11.45 -10.67 -19.16
N ILE F 102 10.27 -10.64 -18.56
CA ILE F 102 10.11 -10.25 -17.17
C ILE F 102 10.04 -11.58 -16.43
N THR F 103 11.14 -11.93 -15.79
CA THR F 103 11.29 -13.19 -15.06
C THR F 103 10.57 -13.20 -13.72
N SER F 104 10.99 -12.31 -12.84
CA SER F 104 10.41 -12.24 -11.52
C SER F 104 9.99 -10.84 -11.11
N VAL F 105 9.68 -10.72 -9.84
CA VAL F 105 9.22 -9.48 -9.25
C VAL F 105 10.22 -8.35 -9.40
N THR F 106 11.47 -8.69 -9.68
CA THR F 106 12.50 -7.67 -9.77
C THR F 106 13.35 -7.67 -11.02
N ASP F 107 13.31 -8.77 -11.77
CA ASP F 107 14.12 -8.93 -12.98
C ASP F 107 13.43 -8.84 -14.35
N SER F 108 13.94 -7.93 -15.16
CA SER F 108 13.45 -7.75 -16.51
C SER F 108 14.69 -7.39 -17.30
N ALA F 109 14.99 -8.20 -18.32
CA ALA F 109 16.16 -7.97 -19.14
C ALA F 109 15.96 -8.46 -20.56
N MET F 110 16.74 -7.89 -21.48
CA MET F 110 16.72 -8.26 -22.89
C MET F 110 17.76 -9.37 -22.96
N ASP F 111 17.34 -10.59 -22.68
CA ASP F 111 18.21 -11.74 -22.64
C ASP F 111 18.94 -12.14 -23.89
N HIS F 112 18.26 -12.14 -25.03
CA HIS F 112 18.92 -12.55 -26.25
C HIS F 112 18.76 -11.53 -27.34
N TRP F 113 19.80 -11.35 -28.13
CA TRP F 113 19.74 -10.37 -29.20
C TRP F 113 19.91 -11.00 -30.55
N GLY F 114 19.65 -10.19 -31.57
CA GLY F 114 19.82 -10.67 -32.91
C GLY F 114 21.18 -10.17 -33.30
N GLN F 115 21.34 -9.83 -34.56
CA GLN F 115 22.61 -9.34 -35.05
C GLN F 115 22.33 -8.00 -35.64
N GLY F 116 21.06 -7.73 -35.88
CA GLY F 116 20.71 -6.44 -36.42
C GLY F 116 20.64 -6.37 -37.92
N THR F 117 20.02 -5.31 -38.41
CA THR F 117 19.88 -5.07 -39.83
C THR F 117 20.49 -3.72 -40.04
N SER F 118 21.01 -3.50 -41.23
CA SER F 118 21.61 -2.24 -41.51
C SER F 118 20.66 -1.46 -42.40
N VAL F 119 20.01 -0.47 -41.80
CA VAL F 119 19.09 0.38 -42.52
C VAL F 119 19.80 1.70 -42.71
N THR F 120 19.91 2.12 -43.97
CA THR F 120 20.57 3.36 -44.33
C THR F 120 19.60 4.26 -45.09
N VAL F 121 19.58 5.54 -44.73
CA VAL F 121 18.69 6.47 -45.39
C VAL F 121 19.53 7.33 -46.31
N SER F 122 19.28 7.25 -47.61
CA SER F 122 20.02 8.02 -48.60
C SER F 122 19.34 7.91 -49.96
N SER F 123 19.17 9.06 -50.58
CA SER F 123 18.52 9.12 -51.88
C SER F 123 19.56 8.86 -52.95
N ALA F 124 20.74 8.43 -52.52
CA ALA F 124 21.83 8.16 -53.44
C ALA F 124 21.46 7.00 -54.36
N LYS F 125 21.86 7.13 -55.62
CA LYS F 125 21.58 6.12 -56.64
C LYS F 125 22.79 5.18 -56.76
N THR F 126 22.56 3.87 -56.78
CA THR F 126 23.67 2.93 -56.91
C THR F 126 24.75 3.36 -57.93
N THR F 127 25.99 3.47 -57.48
CA THR F 127 27.08 3.85 -58.37
C THR F 127 28.38 3.20 -57.92
N PRO F 128 29.10 2.56 -58.87
CA PRO F 128 30.37 1.88 -58.65
C PRO F 128 31.45 2.87 -58.30
N PRO F 129 32.53 2.40 -57.67
CA PRO F 129 33.61 3.32 -57.29
C PRO F 129 34.67 3.40 -58.37
N SER F 130 35.32 4.55 -58.43
CA SER F 130 36.41 4.78 -59.37
C SER F 130 37.64 4.64 -58.49
N VAL F 131 38.53 3.71 -58.87
CA VAL F 131 39.74 3.45 -58.10
C VAL F 131 40.97 4.23 -58.57
N TYR F 132 41.76 4.70 -57.61
CA TYR F 132 42.96 5.44 -57.92
C TYR F 132 44.08 4.88 -57.08
N PRO F 133 45.23 4.64 -57.71
CA PRO F 133 46.40 4.10 -57.01
C PRO F 133 47.14 5.16 -56.20
N LEU F 134 47.96 4.71 -55.27
CA LEU F 134 48.73 5.63 -54.45
C LEU F 134 50.19 5.20 -54.41
N ALA F 135 50.99 5.79 -55.30
CA ALA F 135 52.41 5.48 -55.39
C ALA F 135 53.22 6.68 -54.90
N PRO F 136 54.09 6.47 -53.90
CA PRO F 136 54.91 7.53 -53.34
C PRO F 136 56.00 8.05 -54.28
N GLY F 137 56.17 9.37 -54.27
CA GLY F 137 57.19 10.00 -55.09
C GLY F 137 57.53 11.35 -54.47
N SER F 138 58.64 11.97 -54.89
CA SER F 138 59.10 13.29 -54.40
C SER F 138 59.80 13.20 -53.04
N ALA F 139 59.76 11.97 -52.54
CA ALA F 139 60.37 11.52 -51.31
C ALA F 139 60.04 10.03 -51.44
N ALA F 140 60.85 9.49 -52.39
CA ALA F 140 60.98 8.14 -52.97
C ALA F 140 62.05 7.24 -52.34
N GLN F 141 61.77 5.94 -52.60
CA GLN F 141 62.38 4.71 -52.09
C GLN F 141 63.82 4.52 -51.70
N THR F 142 64.00 3.94 -50.51
CA THR F 142 65.31 3.64 -49.96
C THR F 142 65.21 2.20 -49.43
N ASN F 143 66.19 1.77 -48.63
CA ASN F 143 66.30 0.40 -48.11
C ASN F 143 65.16 -0.29 -47.31
N SER F 144 64.35 0.48 -46.60
CA SER F 144 63.31 -0.10 -45.75
C SER F 144 62.04 -0.69 -46.36
N MET F 145 60.92 -0.26 -45.79
CA MET F 145 59.58 -0.68 -46.20
C MET F 145 58.88 0.54 -46.78
N VAL F 146 58.10 0.34 -47.84
CA VAL F 146 57.39 1.46 -48.43
C VAL F 146 55.90 1.21 -48.29
N THR F 147 55.12 2.27 -48.03
CA THR F 147 53.68 2.10 -47.89
C THR F 147 52.93 2.44 -49.18
N LEU F 148 52.20 1.46 -49.70
CA LEU F 148 51.42 1.67 -50.90
C LEU F 148 49.93 1.86 -50.61
N GLY F 149 49.31 2.80 -51.31
CA GLY F 149 47.90 3.06 -51.08
C GLY F 149 46.98 2.81 -52.24
N CYS F 150 45.69 2.80 -51.94
CA CYS F 150 44.67 2.59 -52.95
C CYS F 150 43.45 3.37 -52.52
N LEU F 151 42.89 4.14 -53.44
CA LEU F 151 41.73 4.96 -53.15
C LEU F 151 40.47 4.52 -53.85
N VAL F 152 39.39 4.37 -53.08
CA VAL F 152 38.09 3.98 -53.61
C VAL F 152 37.18 5.18 -53.35
N LYS F 153 36.86 5.93 -54.39
CA LYS F 153 36.05 7.14 -54.21
C LYS F 153 34.72 7.17 -54.94
N GLY F 154 33.72 7.76 -54.29
CA GLY F 154 32.39 7.92 -54.85
C GLY F 154 31.52 6.73 -55.21
N TYR F 155 31.27 5.84 -54.24
CA TYR F 155 30.43 4.68 -54.51
C TYR F 155 29.18 4.60 -53.63
N PHE F 156 28.25 3.72 -54.01
CA PHE F 156 27.00 3.53 -53.28
C PHE F 156 26.26 2.30 -53.76
N PRO F 157 25.81 1.48 -52.83
CA PRO F 157 26.02 1.77 -51.40
C PRO F 157 27.10 0.87 -50.84
N GLU F 158 27.31 0.93 -49.54
CA GLU F 158 28.30 0.05 -48.92
C GLU F 158 27.80 -1.35 -49.25
N PRO F 159 28.67 -2.36 -49.12
CA PRO F 159 30.06 -2.19 -48.70
C PRO F 159 30.94 -2.48 -49.92
N VAL F 160 32.25 -2.42 -49.68
CA VAL F 160 33.23 -2.71 -50.72
C VAL F 160 34.16 -3.76 -50.16
N THR F 161 34.72 -4.54 -51.06
CA THR F 161 35.64 -5.59 -50.69
C THR F 161 36.97 -5.20 -51.32
N VAL F 162 37.94 -4.86 -50.47
CA VAL F 162 39.25 -4.48 -50.97
C VAL F 162 40.36 -5.37 -50.45
N THR F 163 41.09 -5.95 -51.42
CA THR F 163 42.21 -6.85 -51.15
C THR F 163 43.46 -6.52 -51.98
N TRP F 164 44.61 -7.01 -51.53
CA TRP F 164 45.86 -6.75 -52.21
C TRP F 164 46.48 -7.98 -52.85
N ASN F 165 46.80 -7.86 -54.14
CA ASN F 165 47.36 -8.98 -54.89
C ASN F 165 46.44 -10.17 -54.72
N SER F 166 45.14 -9.94 -54.99
CA SER F 166 44.11 -10.96 -54.85
C SER F 166 44.31 -11.89 -53.65
N GLY F 167 44.53 -11.30 -52.47
CA GLY F 167 44.70 -12.10 -51.28
C GLY F 167 46.14 -12.45 -50.95
N SER F 168 46.98 -12.51 -51.98
CA SER F 168 48.40 -12.84 -51.82
C SER F 168 49.04 -12.03 -50.69
N LEU F 169 48.94 -10.71 -50.82
CA LEU F 169 49.51 -9.78 -49.86
C LEU F 169 48.49 -9.43 -48.78
N SER F 170 48.81 -9.74 -47.52
CA SER F 170 47.88 -9.46 -46.44
C SER F 170 48.38 -9.23 -45.01
N SER F 171 49.64 -8.82 -44.81
CA SER F 171 50.09 -8.63 -43.44
C SER F 171 50.20 -7.20 -42.95
N GLY F 172 50.60 -6.29 -43.82
CA GLY F 172 50.69 -4.90 -43.42
C GLY F 172 49.67 -4.10 -44.21
N VAL F 173 48.41 -4.55 -44.17
CA VAL F 173 47.34 -3.88 -44.90
C VAL F 173 46.33 -3.20 -44.00
N HIS F 174 45.92 -1.98 -44.38
CA HIS F 174 44.95 -1.20 -43.63
C HIS F 174 43.87 -0.59 -44.52
N THR F 175 42.65 -1.04 -44.32
CA THR F 175 41.51 -0.54 -45.07
C THR F 175 40.69 0.27 -44.08
N PHE F 176 40.48 1.54 -44.35
CA PHE F 176 39.73 2.36 -43.40
C PHE F 176 38.27 2.44 -43.67
N PRO F 177 37.47 2.56 -42.61
CA PRO F 177 36.02 2.66 -42.73
C PRO F 177 35.75 3.82 -43.70
N ALA F 178 34.67 3.72 -44.44
CA ALA F 178 34.36 4.77 -45.42
C ALA F 178 33.90 6.04 -44.75
N VAL F 179 33.47 6.98 -45.58
CA VAL F 179 32.98 8.28 -45.14
C VAL F 179 32.03 8.75 -46.23
N LEU F 180 31.04 9.55 -45.84
CA LEU F 180 30.08 10.05 -46.81
C LEU F 180 30.55 11.37 -47.37
N GLN F 181 30.75 11.39 -48.68
CA GLN F 181 31.17 12.61 -49.34
C GLN F 181 30.11 12.95 -50.37
N SER F 182 29.24 13.89 -49.99
CA SER F 182 28.16 14.30 -50.88
C SER F 182 27.31 13.08 -51.18
N ASP F 183 26.79 12.46 -50.12
CA ASP F 183 25.95 11.29 -50.25
C ASP F 183 26.55 10.32 -51.24
N LEU F 184 27.82 9.99 -50.99
CA LEU F 184 28.60 9.07 -51.81
C LEU F 184 29.76 8.59 -50.95
N TYR F 185 30.04 7.30 -50.97
CA TYR F 185 31.10 6.76 -50.14
C TYR F 185 32.52 6.82 -50.74
N THR F 186 33.48 7.08 -49.85
CA THR F 186 34.89 7.19 -50.19
C THR F 186 35.67 6.45 -49.11
N LEU F 187 36.78 5.83 -49.49
CA LEU F 187 37.63 5.11 -48.54
C LEU F 187 38.93 4.63 -49.20
N SER F 188 39.92 4.40 -48.35
CA SER F 188 41.22 3.97 -48.81
C SER F 188 41.78 2.79 -48.03
N SER F 189 42.80 2.17 -48.61
CA SER F 189 43.47 1.03 -47.98
C SER F 189 44.96 1.23 -48.18
N SER F 190 45.73 0.97 -47.13
CA SER F 190 47.16 1.16 -47.25
C SER F 190 47.85 -0.16 -46.97
N VAL F 191 48.63 -0.62 -47.95
CA VAL F 191 49.38 -1.86 -47.83
C VAL F 191 50.86 -1.51 -47.75
N THR F 192 51.57 -2.17 -46.83
CA THR F 192 52.99 -1.90 -46.66
C THR F 192 53.93 -3.10 -46.81
N VAL F 193 54.86 -2.96 -47.75
CA VAL F 193 55.84 -4.00 -48.08
C VAL F 193 57.27 -3.45 -48.10
N PRO F 194 58.28 -4.33 -47.87
CA PRO F 194 59.69 -3.95 -47.87
C PRO F 194 60.09 -3.63 -49.30
N SER F 195 60.94 -2.61 -49.47
CA SER F 195 61.35 -2.19 -50.81
C SER F 195 61.81 -3.37 -51.66
N SER F 196 62.51 -4.29 -51.03
CA SER F 196 63.01 -5.44 -51.75
C SER F 196 61.98 -6.10 -52.65
N THR F 197 60.69 -5.84 -52.41
CA THR F 197 59.62 -6.44 -53.21
C THR F 197 58.99 -5.52 -54.23
N TRP F 198 58.76 -4.28 -53.85
CA TRP F 198 58.17 -3.33 -54.79
C TRP F 198 59.25 -2.28 -55.05
N PRO F 199 59.36 -1.80 -56.30
CA PRO F 199 58.56 -2.13 -57.49
C PRO F 199 58.91 -3.45 -58.17
N SER F 200 60.07 -4.00 -57.82
CA SER F 200 60.56 -5.26 -58.39
C SER F 200 59.47 -6.28 -58.69
N GLU F 201 58.49 -6.39 -57.79
CA GLU F 201 57.41 -7.34 -57.95
C GLU F 201 56.08 -6.62 -57.85
N THR F 202 55.27 -6.78 -58.91
CA THR F 202 53.95 -6.15 -59.02
C THR F 202 53.11 -6.14 -57.75
N VAL F 203 52.31 -5.09 -57.59
CA VAL F 203 51.41 -4.92 -56.45
C VAL F 203 50.10 -4.34 -56.94
N THR F 204 49.02 -5.10 -56.77
CA THR F 204 47.74 -4.64 -57.25
C THR F 204 46.64 -4.56 -56.21
N CYS F 205 45.76 -3.58 -56.43
CA CYS F 205 44.63 -3.29 -55.57
C CYS F 205 43.35 -3.94 -56.12
N ASN F 206 42.77 -4.86 -55.33
CA ASN F 206 41.55 -5.56 -55.74
C ASN F 206 40.30 -4.92 -55.16
N VAL F 207 39.57 -4.17 -55.98
CA VAL F 207 38.34 -3.52 -55.52
C VAL F 207 37.08 -4.11 -56.13
N ALA F 208 36.16 -4.51 -55.26
CA ALA F 208 34.87 -5.07 -55.67
C ALA F 208 33.76 -4.35 -54.94
N HIS F 209 32.65 -4.16 -55.65
CA HIS F 209 31.50 -3.45 -55.12
C HIS F 209 30.24 -4.20 -55.54
N PRO F 210 29.87 -5.26 -54.78
CA PRO F 210 28.70 -6.08 -55.06
C PRO F 210 27.58 -5.34 -55.78
N ALA F 211 26.91 -4.44 -55.07
CA ALA F 211 25.80 -3.64 -55.59
C ALA F 211 25.81 -3.25 -57.07
N SER F 212 26.99 -3.03 -57.66
CA SER F 212 27.03 -2.64 -59.07
C SER F 212 27.58 -3.72 -59.99
N SER F 213 27.78 -4.91 -59.43
CA SER F 213 28.30 -6.05 -60.17
C SER F 213 29.60 -5.63 -60.88
N THR F 214 30.49 -5.02 -60.10
CA THR F 214 31.78 -4.56 -60.61
C THR F 214 32.95 -5.10 -59.77
N LYS F 215 34.06 -5.33 -60.44
CA LYS F 215 35.26 -5.82 -59.80
C LYS F 215 36.36 -5.13 -60.59
N VAL F 216 37.28 -4.50 -59.87
CA VAL F 216 38.35 -3.77 -60.53
C VAL F 216 39.69 -3.85 -59.79
N ASP F 217 40.78 -3.82 -60.58
CA ASP F 217 42.13 -3.87 -60.06
C ASP F 217 42.93 -2.63 -60.46
N LYS F 218 43.90 -2.27 -59.63
CA LYS F 218 44.70 -1.10 -59.93
C LYS F 218 46.14 -1.38 -59.56
N LYS F 219 47.01 -1.35 -60.57
CA LYS F 219 48.42 -1.61 -60.34
C LYS F 219 49.08 -0.37 -59.78
N ILE F 220 49.88 -0.57 -58.73
CA ILE F 220 50.59 0.53 -58.10
C ILE F 220 51.94 0.79 -58.79
N VAL F 221 51.88 1.45 -59.93
CA VAL F 221 53.07 1.78 -60.69
C VAL F 221 53.73 2.95 -59.98
N PRO F 222 55.05 2.85 -59.72
CA PRO F 222 55.77 3.95 -59.04
C PRO F 222 55.72 5.33 -59.69
N ALA F 223 55.89 6.36 -58.86
CA ALA F 223 55.85 7.76 -59.28
C ALA F 223 56.84 8.05 -60.42
N ASP F 224 56.46 8.92 -61.35
CA ASP F 224 57.33 9.25 -62.49
C ASP F 224 58.27 10.46 -62.38
N CYS F 225 57.73 11.64 -62.08
CA CYS F 225 58.55 12.86 -61.94
C CYS F 225 58.90 13.09 -60.45
MG MG G . -34.23 26.41 11.78
MG MG H . 4.82 -17.85 42.98
#